data_3SQ7
#
_entry.id   3SQ7
#
_cell.length_a   64.350
_cell.length_b   82.190
_cell.length_c   99.290
_cell.angle_alpha   86.79
_cell.angle_beta   85.57
_cell.angle_gamma   66.32
#
_symmetry.space_group_name_H-M   'P 1'
#
loop_
_entity.id
_entity.type
_entity.pdbx_description
1 polymer 'Tyrosyl-DNA phosphodiesterase 1'
2 non-polymer 'SULFATE ION'
3 water water
#
_entity_poly.entity_id   1
_entity_poly.type   'polypeptide(L)'
_entity_poly.pdbx_seq_one_letter_code
;MGAVFKLMKSDFYEREDFMGEVEDMITLKDIFGTETLKRSILFSFQYELDFLLRQFHQNVENITIVGQKGTIMPIEARAM
DATLAVILKKVKLIEITMPPFASHHTKLIINFYDNGECKIFLPSNNFTSMETNLPQQVCWCSPLLKIGKEGLPVPFKRSL
IEYLNSYHLKDIDELITKSVEEVNFAPLSELEFVYSTPSKFQSSGLLSFYNKLEKLSAGTSASDTAKHYLCQTSSIGTSL
SRARDENLWTHLMIPLFTGIMSPPAKDTAGRKKAEILPTNSLINEYSQRKIKPYIIFPTEQEFVTSPLKWSSSGWFHFQY
LQKKSYYEMLRNKFKVFYKQDPAMVTRRRGTTPANSKFYMHCATNSAGPCDASQVFKELEWCLYTSANLSQTAWGTVSRK
PRNYEAGVLYHSRRLANTRKVTCRTFTRDRRGCAGNPTHVAVPFTLPVIPYDLAEDECFCLALEHHHHHH
;
_entity_poly.pdbx_strand_id   A,B,C,D
#
loop_
_chem_comp.id
_chem_comp.type
_chem_comp.name
_chem_comp.formula
SO4 non-polymer 'SULFATE ION' 'O4 S -2'
#
# COMPACT_ATOMS: atom_id res chain seq x y z
N GLY A 2 28.99 15.25 -18.98
CA GLY A 2 28.84 14.34 -17.78
C GLY A 2 27.59 14.79 -17.01
N ALA A 3 27.14 13.95 -16.10
CA ALA A 3 25.97 14.26 -15.26
C ALA A 3 26.40 15.35 -14.30
N VAL A 4 25.49 16.21 -13.93
CA VAL A 4 25.86 17.36 -13.10
C VAL A 4 24.70 17.75 -12.16
N PHE A 5 25.03 18.14 -10.91
CA PHE A 5 24.01 18.68 -9.99
C PHE A 5 24.02 20.22 -10.10
N LYS A 6 22.84 20.82 -10.15
CA LYS A 6 22.70 22.27 -10.27
C LYS A 6 21.74 22.74 -9.20
N LEU A 7 21.94 23.95 -8.75
CA LEU A 7 21.08 24.55 -7.74
C LEU A 7 20.01 25.35 -8.51
N MET A 8 18.75 25.11 -8.18
CA MET A 8 17.64 25.81 -8.85
C MET A 8 17.61 27.29 -8.43
N LYS A 9 17.56 28.21 -9.40
CA LYS A 9 17.44 29.63 -9.13
C LYS A 9 16.06 29.93 -8.56
N SER A 10 16.01 30.89 -7.68
CA SER A 10 14.80 31.37 -7.10
C SER A 10 14.61 32.83 -7.52
N ASP A 11 13.39 33.19 -7.90
CA ASP A 11 13.01 34.58 -8.15
C ASP A 11 13.30 35.50 -6.97
N PHE A 12 13.36 34.93 -5.80
CA PHE A 12 13.63 35.72 -4.59
C PHE A 12 15.14 35.78 -4.26
N TYR A 13 15.88 34.69 -4.46
CA TYR A 13 17.25 34.69 -3.99
C TYR A 13 18.25 35.18 -5.06
N GLU A 14 17.91 35.02 -6.33
CA GLU A 14 18.80 35.52 -7.38
C GLU A 14 18.00 36.58 -8.14
N ARG A 15 17.88 37.80 -7.69
CA ARG A 15 16.85 38.66 -8.35
C ARG A 15 17.15 39.46 -9.68
N GLU A 16 18.41 39.68 -10.05
CA GLU A 16 18.68 40.78 -11.01
C GLU A 16 18.94 40.37 -12.48
N ASP A 24 26.59 26.53 -13.02
CA ASP A 24 26.31 26.51 -11.57
C ASP A 24 24.80 26.28 -11.20
N MET A 25 23.96 27.11 -11.81
CA MET A 25 22.55 27.24 -11.48
C MET A 25 21.70 26.83 -12.65
N ILE A 26 20.43 26.54 -12.39
CA ILE A 26 19.54 26.13 -13.45
C ILE A 26 18.16 26.74 -13.21
N THR A 27 17.36 26.95 -14.23
CA THR A 27 15.94 27.27 -14.04
C THR A 27 15.12 26.25 -14.84
N LEU A 28 13.81 26.22 -14.56
CA LEU A 28 12.88 25.44 -15.37
C LEU A 28 12.92 25.90 -16.84
N LYS A 29 13.10 27.20 -17.05
CA LYS A 29 13.18 27.72 -18.40
C LYS A 29 14.40 27.19 -19.14
N ASP A 30 15.55 27.04 -18.49
CA ASP A 30 16.70 26.34 -19.12
C ASP A 30 16.33 24.90 -19.53
N ILE A 31 15.50 24.24 -18.75
CA ILE A 31 15.19 22.84 -19.00
C ILE A 31 14.17 22.68 -20.12
N PHE A 32 13.10 23.49 -20.06
CA PHE A 32 11.98 23.41 -20.98
C PHE A 32 11.92 24.44 -22.13
N GLY A 33 12.77 25.44 -22.11
CA GLY A 33 12.61 26.58 -23.00
C GLY A 33 13.48 26.51 -24.22
N THR A 34 14.29 25.47 -24.31
CA THR A 34 15.18 25.32 -25.41
C THR A 34 14.43 25.08 -26.77
N GLU A 35 14.84 25.80 -27.80
CA GLU A 35 14.11 25.79 -29.09
C GLU A 35 14.17 24.41 -29.78
N THR A 36 15.16 23.56 -29.46
CA THR A 36 15.24 22.25 -30.04
C THR A 36 14.49 21.16 -29.24
N LEU A 37 13.82 21.51 -28.14
CA LEU A 37 13.07 20.53 -27.36
C LEU A 37 11.84 20.13 -28.18
N LYS A 38 11.64 18.84 -28.35
CA LYS A 38 10.55 18.28 -29.14
C LYS A 38 9.47 17.74 -28.21
N ARG A 39 9.89 17.03 -27.16
CA ARG A 39 8.96 16.33 -26.28
C ARG A 39 9.46 16.32 -24.85
N SER A 40 8.58 16.57 -23.87
CA SER A 40 8.96 16.33 -22.47
C SER A 40 7.99 15.36 -21.86
N ILE A 41 8.53 14.44 -21.05
CA ILE A 41 7.72 13.54 -20.28
C ILE A 41 8.00 13.84 -18.80
N LEU A 42 6.97 14.10 -17.99
CA LEU A 42 7.12 14.65 -16.65
C LEU A 42 6.45 13.76 -15.66
N PHE A 43 7.06 13.65 -14.46
CA PHE A 43 6.49 12.99 -13.34
C PHE A 43 6.63 13.98 -12.18
N SER A 44 5.63 14.05 -11.32
CA SER A 44 5.74 14.92 -10.17
C SER A 44 4.69 14.62 -9.17
N PHE A 45 4.77 15.24 -8.01
CA PHE A 45 3.72 15.09 -7.07
C PHE A 45 2.68 16.21 -7.30
N GLN A 46 3.09 17.34 -7.88
CA GLN A 46 2.11 18.46 -8.02
C GLN A 46 2.46 19.35 -9.20
N TYR A 47 1.49 19.69 -10.02
CA TYR A 47 1.74 20.59 -11.13
C TYR A 47 0.86 21.83 -11.05
N GLU A 48 1.43 23.01 -11.26
CA GLU A 48 0.63 24.25 -11.35
C GLU A 48 0.70 24.51 -12.86
N LEU A 49 -0.35 24.13 -13.59
CA LEU A 49 -0.20 24.13 -15.05
C LEU A 49 0.13 25.48 -15.63
N ASP A 50 -0.43 26.59 -15.15
CA ASP A 50 -0.09 27.82 -15.86
C ASP A 50 1.39 28.24 -15.63
N PHE A 51 1.90 28.03 -14.42
CA PHE A 51 3.31 28.24 -14.12
C PHE A 51 4.17 27.29 -14.95
N LEU A 52 3.87 25.99 -14.94
CA LEU A 52 4.70 25.07 -15.71
C LEU A 52 4.72 25.34 -17.21
N LEU A 53 3.54 25.54 -17.80
CA LEU A 53 3.46 25.56 -19.27
C LEU A 53 4.13 26.80 -19.84
N ARG A 54 4.24 27.86 -19.01
CA ARG A 54 4.88 29.14 -19.39
C ARG A 54 6.40 28.97 -19.53
N GLN A 55 6.93 27.84 -19.02
CA GLN A 55 8.34 27.53 -19.17
C GLN A 55 8.77 27.00 -20.52
N PHE A 56 7.81 26.56 -21.34
CA PHE A 56 8.11 25.83 -22.61
C PHE A 56 8.30 26.78 -23.80
N HIS A 57 9.07 26.37 -24.81
CA HIS A 57 9.15 27.10 -26.07
C HIS A 57 7.94 26.70 -26.90
N GLN A 58 7.42 27.59 -27.75
CA GLN A 58 6.32 27.25 -28.67
C GLN A 58 6.62 26.05 -29.59
N ASN A 59 7.90 25.78 -29.83
CA ASN A 59 8.34 24.67 -30.71
C ASN A 59 8.01 23.24 -30.21
N VAL A 60 7.78 23.11 -28.91
CA VAL A 60 7.53 21.79 -28.28
C VAL A 60 6.31 21.14 -28.95
N GLU A 61 6.39 19.84 -29.24
CA GLU A 61 5.35 19.08 -29.96
C GLU A 61 4.46 18.30 -29.04
N ASN A 62 5.02 17.82 -27.92
CA ASN A 62 4.25 17.01 -26.96
C ASN A 62 4.76 17.19 -25.56
N ILE A 63 3.83 17.29 -24.62
CA ILE A 63 4.17 17.23 -23.20
C ILE A 63 3.29 16.16 -22.58
N THR A 64 3.91 15.08 -22.10
CA THR A 64 3.20 13.97 -21.47
C THR A 64 3.42 14.13 -19.95
N ILE A 65 2.34 14.18 -19.21
CA ILE A 65 2.39 14.54 -17.79
C ILE A 65 1.80 13.37 -16.99
N VAL A 66 2.64 12.80 -16.09
CA VAL A 66 2.23 11.72 -15.21
C VAL A 66 2.01 12.25 -13.80
N GLY A 67 0.84 12.01 -13.23
CA GLY A 67 0.62 12.39 -11.86
C GLY A 67 -0.64 11.76 -11.26
N GLN A 68 -0.83 11.92 -9.95
CA GLN A 68 -1.98 11.34 -9.30
C GLN A 68 -3.21 12.13 -9.71
N LYS A 69 -4.28 11.41 -10.02
CA LYS A 69 -5.58 12.06 -10.31
C LYS A 69 -5.78 13.21 -9.31
N GLY A 70 -6.06 14.42 -9.82
CA GLY A 70 -6.27 15.58 -8.96
C GLY A 70 -5.06 16.44 -8.57
N THR A 71 -3.82 16.01 -8.83
CA THR A 71 -2.68 16.87 -8.51
C THR A 71 -2.26 17.72 -9.73
N ILE A 72 -3.06 17.64 -10.80
CA ILE A 72 -2.86 18.42 -12.01
C ILE A 72 -4.05 19.39 -12.07
N MET A 73 -3.89 20.57 -11.53
CA MET A 73 -5.01 21.57 -11.55
C MET A 73 -5.08 22.20 -12.94
N PRO A 74 -6.27 22.13 -13.60
CA PRO A 74 -6.41 22.78 -14.91
C PRO A 74 -6.24 24.29 -14.77
N ILE A 75 -5.85 24.98 -15.84
CA ILE A 75 -5.87 26.45 -15.86
C ILE A 75 -7.30 26.96 -15.98
N GLU A 76 -7.76 27.82 -15.07
CA GLU A 76 -9.11 28.39 -15.19
C GLU A 76 -9.16 29.34 -16.39
N ALA A 77 -10.35 29.57 -16.95
CA ALA A 77 -10.50 30.46 -18.12
C ALA A 77 -9.86 31.82 -17.87
N ARG A 78 -10.13 32.40 -16.69
CA ARG A 78 -9.57 33.71 -16.35
C ARG A 78 -8.06 33.79 -16.37
N ALA A 79 -7.38 32.67 -16.17
CA ALA A 79 -5.93 32.64 -16.26
C ALA A 79 -5.38 32.23 -17.64
N MET A 80 -6.24 31.78 -18.55
CA MET A 80 -5.85 31.51 -19.96
C MET A 80 -5.38 32.75 -20.71
N ASP A 81 -4.54 32.52 -21.69
CA ASP A 81 -4.22 33.50 -22.71
C ASP A 81 -3.89 32.77 -24.01
N ALA A 82 -3.57 33.51 -25.07
CA ALA A 82 -3.36 32.96 -26.40
C ALA A 82 -2.34 31.83 -26.39
N THR A 83 -1.14 32.16 -25.89
CA THR A 83 0.01 31.25 -25.78
C THR A 83 -0.28 29.96 -25.03
N LEU A 84 -0.96 30.05 -23.90
CA LEU A 84 -1.29 28.87 -23.12
C LEU A 84 -2.25 27.92 -23.84
N ALA A 85 -3.27 28.47 -24.52
CA ALA A 85 -4.23 27.65 -25.27
C ALA A 85 -3.57 26.79 -26.34
N VAL A 86 -2.51 27.29 -26.97
CA VAL A 86 -1.72 26.55 -27.96
C VAL A 86 -0.85 25.43 -27.34
N ILE A 87 -0.13 25.75 -26.26
CA ILE A 87 0.71 24.75 -25.55
C ILE A 87 -0.17 23.67 -24.92
N LEU A 88 -1.30 24.08 -24.35
CA LEU A 88 -2.25 23.14 -23.74
C LEU A 88 -2.73 22.01 -24.69
N LYS A 89 -2.90 22.30 -25.99
CA LYS A 89 -3.29 21.27 -26.95
C LYS A 89 -2.20 20.21 -27.12
N LYS A 90 -1.00 20.48 -26.62
CA LYS A 90 0.11 19.56 -26.79
C LYS A 90 0.28 18.62 -25.57
N VAL A 91 -0.55 18.85 -24.57
CA VAL A 91 -0.47 18.16 -23.33
C VAL A 91 -1.28 16.88 -23.36
N LYS A 92 -0.62 15.78 -22.98
CA LYS A 92 -1.30 14.49 -22.74
C LYS A 92 -1.16 14.15 -21.24
N LEU A 93 -2.29 14.00 -20.55
CA LEU A 93 -2.29 13.60 -19.14
C LEU A 93 -2.38 12.08 -18.96
N ILE A 94 -1.55 11.55 -18.05
CA ILE A 94 -1.69 10.19 -17.60
C ILE A 94 -1.91 10.29 -16.08
N GLU A 95 -3.13 10.02 -15.68
CA GLU A 95 -3.57 10.22 -14.30
C GLU A 95 -3.64 8.90 -13.58
N ILE A 96 -2.97 8.83 -12.45
CA ILE A 96 -2.71 7.63 -11.71
C ILE A 96 -3.72 7.58 -10.58
N THR A 97 -4.36 6.43 -10.35
CA THR A 97 -5.12 6.27 -9.08
C THR A 97 -4.31 5.52 -8.02
N MET A 98 -3.95 6.22 -6.95
CA MET A 98 -3.15 5.62 -5.88
C MET A 98 -4.02 4.91 -4.85
N PRO A 99 -3.47 3.86 -4.20
CA PRO A 99 -4.06 3.32 -2.97
C PRO A 99 -4.12 4.38 -1.89
N PRO A 100 -4.87 4.07 -0.85
CA PRO A 100 -4.99 4.93 0.31
C PRO A 100 -3.62 5.15 0.98
N PHE A 101 -3.38 6.37 1.47
CA PHE A 101 -2.10 6.68 2.18
C PHE A 101 -0.84 6.37 1.38
N ALA A 102 -0.94 6.59 0.08
CA ALA A 102 0.16 6.40 -0.84
C ALA A 102 0.27 7.64 -1.73
N SER A 103 1.50 8.00 -2.05
CA SER A 103 1.75 9.20 -2.87
C SER A 103 2.67 8.96 -4.02
N HIS A 104 2.46 9.77 -5.06
CA HIS A 104 3.32 9.73 -6.17
C HIS A 104 4.33 10.88 -6.05
N HIS A 105 5.49 10.63 -5.41
CA HIS A 105 6.42 11.70 -5.09
C HIS A 105 7.54 11.84 -6.07
N THR A 106 7.71 10.84 -6.92
CA THR A 106 8.73 10.87 -7.99
C THR A 106 8.72 12.19 -8.79
N LYS A 107 9.90 12.77 -8.95
CA LYS A 107 10.05 14.00 -9.75
C LYS A 107 11.06 13.63 -10.80
N LEU A 108 10.65 13.68 -12.05
CA LEU A 108 11.50 13.15 -13.14
C LEU A 108 11.10 13.81 -14.43
N ILE A 109 12.08 14.19 -15.25
CA ILE A 109 11.87 14.79 -16.50
C ILE A 109 12.65 14.02 -17.55
N ILE A 110 11.96 13.63 -18.62
CA ILE A 110 12.65 12.99 -19.74
C ILE A 110 12.43 13.81 -20.99
N ASN A 111 13.47 14.44 -21.51
CA ASN A 111 13.29 15.36 -22.63
C ASN A 111 13.82 14.70 -23.88
N PHE A 112 13.16 14.96 -25.01
CA PHE A 112 13.66 14.50 -26.31
C PHE A 112 13.79 15.72 -27.20
N TYR A 113 14.93 15.79 -27.89
CA TYR A 113 15.30 16.97 -28.67
C TYR A 113 15.19 16.62 -30.19
N ASP A 114 15.25 17.67 -31.02
CA ASP A 114 15.29 17.55 -32.49
C ASP A 114 16.12 16.41 -33.11
N ASN A 115 17.40 16.34 -32.79
CA ASN A 115 18.40 15.53 -33.48
C ASN A 115 18.50 14.14 -32.87
N GLY A 116 17.42 13.71 -32.23
CA GLY A 116 17.40 12.44 -31.51
C GLY A 116 18.09 12.42 -30.14
N GLU A 117 18.45 13.57 -29.61
CA GLU A 117 19.09 13.60 -28.28
C GLU A 117 18.04 13.43 -27.18
N CYS A 118 18.49 12.97 -26.03
CA CYS A 118 17.62 12.84 -24.89
C CYS A 118 18.36 13.27 -23.64
N LYS A 119 17.63 13.92 -22.71
CA LYS A 119 18.27 14.29 -21.42
C LYS A 119 17.29 14.07 -20.30
N ILE A 120 17.80 13.63 -19.15
CA ILE A 120 16.94 13.21 -18.05
C ILE A 120 17.32 14.09 -16.86
N PHE A 121 16.30 14.58 -16.13
CA PHE A 121 16.54 15.43 -14.94
C PHE A 121 15.76 14.91 -13.75
N LEU A 122 16.34 15.14 -12.55
CA LEU A 122 15.64 14.88 -11.34
C LEU A 122 15.64 16.15 -10.52
N PRO A 123 14.55 16.94 -10.66
CA PRO A 123 14.49 18.15 -9.83
C PRO A 123 13.96 17.84 -8.46
N SER A 124 14.32 18.62 -7.42
CA SER A 124 13.74 18.29 -6.09
C SER A 124 12.41 19.02 -5.88
N ASN A 125 12.10 19.99 -6.71
CA ASN A 125 10.86 20.73 -6.59
C ASN A 125 9.73 20.13 -7.41
N ASN A 126 8.53 20.09 -6.83
CA ASN A 126 7.30 19.95 -7.65
C ASN A 126 7.21 21.15 -8.62
N PHE A 127 6.44 21.01 -9.69
CA PHE A 127 6.28 22.10 -10.66
C PHE A 127 5.26 23.18 -10.27
N THR A 128 5.55 23.88 -9.17
CA THR A 128 4.72 24.98 -8.75
C THR A 128 5.67 26.13 -8.48
N SER A 129 5.14 27.36 -8.61
CA SER A 129 5.93 28.56 -8.41
C SER A 129 6.46 28.62 -6.97
N MET A 130 5.56 28.36 -6.03
CA MET A 130 5.98 28.42 -4.61
C MET A 130 7.08 27.39 -4.26
N GLU A 131 6.96 26.14 -4.71
CA GLU A 131 7.99 25.20 -4.38
C GLU A 131 9.30 25.55 -5.05
N THR A 132 9.21 26.07 -6.25
CA THR A 132 10.39 26.28 -7.02
C THR A 132 11.22 27.42 -6.39
N ASN A 133 10.53 28.44 -5.89
CA ASN A 133 11.18 29.63 -5.35
C ASN A 133 11.42 29.82 -3.87
N LEU A 134 10.76 29.06 -3.02
CA LEU A 134 10.91 29.23 -1.59
C LEU A 134 11.97 28.37 -0.86
N PRO A 135 11.77 27.07 -0.69
CA PRO A 135 12.82 26.25 -0.09
C PRO A 135 13.93 26.06 -1.13
N GLN A 136 15.17 25.82 -0.74
CA GLN A 136 16.22 25.59 -1.70
C GLN A 136 15.92 24.29 -2.46
N GLN A 137 16.11 24.30 -3.75
CA GLN A 137 15.88 23.13 -4.58
C GLN A 137 17.09 22.83 -5.47
N VAL A 138 17.30 21.57 -5.78
CA VAL A 138 18.36 21.22 -6.69
C VAL A 138 17.88 20.45 -7.90
N CYS A 139 18.74 20.19 -8.86
CA CYS A 139 18.32 19.45 -10.01
C CYS A 139 19.51 18.63 -10.50
N TRP A 140 19.35 17.31 -10.52
CA TRP A 140 20.40 16.45 -11.11
C TRP A 140 20.12 16.40 -12.60
N CYS A 141 21.15 16.52 -13.46
CA CYS A 141 21.03 16.59 -14.90
C CYS A 141 21.86 15.44 -15.49
N SER A 142 21.26 14.54 -16.30
CA SER A 142 22.02 13.43 -16.88
C SER A 142 23.00 14.01 -17.90
N PRO A 143 24.02 13.23 -18.33
CA PRO A 143 24.69 13.59 -19.57
C PRO A 143 23.67 13.51 -20.73
N LEU A 144 24.06 14.06 -21.86
CA LEU A 144 23.32 13.93 -23.12
C LEU A 144 23.31 12.44 -23.61
N LEU A 145 22.14 11.94 -23.96
CA LEU A 145 21.97 10.59 -24.42
C LEU A 145 21.46 10.71 -25.83
N LYS A 146 21.70 9.67 -26.63
CA LYS A 146 21.33 9.66 -28.08
C LYS A 146 20.40 8.45 -28.32
N ILE A 147 19.36 8.63 -29.14
CA ILE A 147 18.56 7.52 -29.61
C ILE A 147 19.53 6.68 -30.41
N GLY A 148 19.56 5.38 -30.15
CA GLY A 148 20.45 4.52 -30.91
C GLY A 148 20.43 3.12 -30.32
N LYS A 149 20.98 2.16 -31.06
CA LYS A 149 20.88 0.78 -30.64
C LYS A 149 21.82 0.56 -29.46
N GLU A 150 21.43 -0.32 -28.56
CA GLU A 150 22.25 -0.47 -27.39
C GLU A 150 23.23 -1.64 -27.43
N GLY A 151 24.36 -1.47 -26.74
CA GLY A 151 25.32 -2.53 -26.57
C GLY A 151 25.03 -3.28 -25.25
N LEU A 152 25.99 -3.23 -24.37
CA LEU A 152 25.85 -3.87 -23.08
C LEU A 152 24.70 -3.24 -22.29
N PRO A 153 23.99 -4.04 -21.51
CA PRO A 153 22.90 -3.51 -20.66
C PRO A 153 23.43 -2.44 -19.70
N VAL A 154 22.68 -1.36 -19.53
CA VAL A 154 23.06 -0.32 -18.63
C VAL A 154 22.15 -0.41 -17.39
N PRO A 155 22.73 -0.61 -16.21
CA PRO A 155 21.89 -0.80 -15.04
C PRO A 155 20.87 0.34 -14.86
N PHE A 156 21.26 1.59 -15.13
CA PHE A 156 20.41 2.74 -14.84
C PHE A 156 19.18 2.57 -15.73
N LYS A 157 19.42 2.22 -16.99
CA LYS A 157 18.30 2.04 -17.93
C LYS A 157 17.39 0.89 -17.55
N ARG A 158 17.98 -0.30 -17.25
CA ARG A 158 17.17 -1.46 -16.78
C ARG A 158 16.30 -1.12 -15.55
N SER A 159 16.84 -0.37 -14.59
CA SER A 159 16.10 -0.05 -13.38
C SER A 159 15.01 0.99 -13.72
N LEU A 160 15.36 1.92 -14.55
CA LEU A 160 14.35 2.90 -14.97
C LEU A 160 13.16 2.14 -15.65
N ILE A 161 13.44 1.18 -16.54
CA ILE A 161 12.36 0.46 -17.21
C ILE A 161 11.54 -0.41 -16.21
N GLU A 162 12.23 -1.06 -15.27
CA GLU A 162 11.48 -1.79 -14.20
C GLU A 162 10.51 -0.79 -13.53
N TYR A 163 11.04 0.39 -13.29
CA TYR A 163 10.31 1.36 -12.50
C TYR A 163 9.01 1.78 -13.30
N LEU A 164 9.20 2.14 -14.57
CA LEU A 164 8.10 2.49 -15.43
C LEU A 164 7.09 1.33 -15.53
N ASN A 165 7.57 0.08 -15.74
CA ASN A 165 6.69 -1.07 -15.75
C ASN A 165 5.83 -1.17 -14.51
N SER A 166 6.37 -0.70 -13.38
CA SER A 166 5.74 -0.93 -12.08
C SER A 166 4.50 0.00 -11.88
N TYR A 167 4.21 0.87 -12.85
CA TYR A 167 2.92 1.56 -12.85
C TYR A 167 1.75 0.66 -13.36
N HIS A 168 2.11 -0.38 -14.12
CA HIS A 168 1.16 -1.31 -14.75
C HIS A 168 0.10 -0.54 -15.54
N LEU A 169 0.54 0.49 -16.27
CA LEU A 169 -0.39 1.24 -17.12
C LEU A 169 0.01 1.16 -18.58
N LYS A 170 -0.98 0.79 -19.37
CA LYS A 170 -0.79 0.67 -20.79
C LYS A 170 -0.28 1.99 -21.39
N ASP A 171 -0.85 3.13 -20.97
CA ASP A 171 -0.36 4.42 -21.47
C ASP A 171 1.11 4.69 -21.17
N ILE A 172 1.55 4.32 -19.96
CA ILE A 172 3.01 4.43 -19.64
C ILE A 172 3.81 3.47 -20.52
N ASP A 173 3.43 2.20 -20.56
CA ASP A 173 4.10 1.23 -21.48
C ASP A 173 4.30 1.78 -22.89
N GLU A 174 3.25 2.36 -23.46
CA GLU A 174 3.22 2.68 -24.88
C GLU A 174 3.79 4.07 -25.15
N LEU A 175 3.43 5.04 -24.29
CA LEU A 175 3.79 6.43 -24.57
C LEU A 175 5.14 6.84 -23.96
N ILE A 176 5.60 6.11 -22.95
CA ILE A 176 6.83 6.49 -22.28
C ILE A 176 7.88 5.37 -22.43
N THR A 177 7.59 4.19 -21.91
CA THR A 177 8.63 3.17 -21.85
C THR A 177 9.15 2.84 -23.23
N LYS A 178 8.26 2.79 -24.23
CA LYS A 178 8.75 2.47 -25.59
C LYS A 178 9.73 3.50 -26.11
N SER A 179 9.52 4.77 -25.75
CA SER A 179 10.42 5.86 -26.18
C SER A 179 11.74 5.79 -25.42
N VAL A 180 11.69 5.49 -24.10
CA VAL A 180 12.88 5.33 -23.33
C VAL A 180 13.74 4.16 -23.86
N GLU A 181 13.07 3.08 -24.25
CA GLU A 181 13.78 1.90 -24.80
C GLU A 181 14.69 2.18 -26.01
N GLU A 182 14.35 3.20 -26.80
CA GLU A 182 15.12 3.55 -28.02
C GLU A 182 16.43 4.28 -27.73
N VAL A 183 16.57 4.77 -26.49
CA VAL A 183 17.69 5.64 -26.12
C VAL A 183 18.86 4.81 -25.67
N ASN A 184 20.03 5.16 -26.19
CA ASN A 184 21.20 4.48 -25.72
C ASN A 184 21.68 5.12 -24.38
N PHE A 185 21.74 4.35 -23.30
CA PHE A 185 22.06 4.93 -21.99
C PHE A 185 23.54 4.77 -21.58
N ALA A 186 24.40 4.44 -22.54
CA ALA A 186 25.85 4.21 -22.22
C ALA A 186 26.52 5.33 -21.42
N PRO A 187 26.13 6.61 -21.66
CA PRO A 187 26.82 7.67 -20.82
C PRO A 187 26.44 7.58 -19.34
N LEU A 188 25.38 6.84 -19.00
CA LEU A 188 25.02 6.59 -17.62
C LEU A 188 25.53 5.29 -17.01
N SER A 189 26.53 4.67 -17.62
CA SER A 189 26.92 3.31 -17.25
C SER A 189 27.51 3.21 -15.82
N GLU A 190 27.93 4.34 -15.23
CA GLU A 190 28.44 4.33 -13.83
C GLU A 190 27.39 4.47 -12.77
N LEU A 191 26.18 4.92 -13.14
CA LEU A 191 25.20 5.31 -12.14
C LEU A 191 24.08 4.27 -11.93
N GLU A 192 23.35 4.41 -10.86
CA GLU A 192 22.24 3.52 -10.61
C GLU A 192 20.99 4.34 -10.44
N PHE A 193 19.86 3.74 -10.80
CA PHE A 193 18.57 4.45 -10.66
C PHE A 193 17.86 3.67 -9.58
N VAL A 194 17.60 4.35 -8.49
CA VAL A 194 17.13 3.70 -7.27
C VAL A 194 15.72 4.20 -6.98
N TYR A 195 14.76 3.30 -6.80
CA TYR A 195 13.36 3.79 -6.72
C TYR A 195 12.54 3.01 -5.70
N SER A 196 11.36 3.57 -5.39
CA SER A 196 10.34 2.88 -4.63
C SER A 196 9.11 2.79 -5.50
N THR A 197 8.37 1.70 -5.33
CA THR A 197 7.06 1.59 -5.98
C THR A 197 6.15 0.76 -5.11
N PRO A 198 4.83 1.05 -5.09
CA PRO A 198 3.87 0.23 -4.35
C PRO A 198 3.64 -1.12 -5.07
N SER A 199 4.16 -1.31 -6.27
CA SER A 199 3.90 -2.55 -7.00
C SER A 199 4.36 -3.79 -6.22
N LYS A 200 3.44 -4.74 -6.00
CA LYS A 200 3.78 -5.94 -5.23
C LYS A 200 4.77 -6.75 -6.05
N PHE A 201 4.74 -6.58 -7.37
CA PHE A 201 5.49 -7.42 -8.29
C PHE A 201 6.96 -7.02 -8.57
N GLN A 202 7.39 -5.91 -7.97
CA GLN A 202 8.72 -5.40 -8.18
C GLN A 202 9.40 -5.05 -6.85
N SER A 203 10.50 -5.67 -6.50
CA SER A 203 11.16 -5.19 -5.28
C SER A 203 11.80 -3.79 -5.50
N SER A 204 11.78 -2.99 -4.43
CA SER A 204 12.15 -1.56 -4.50
C SER A 204 12.41 -1.09 -3.10
N GLY A 205 12.61 0.23 -2.96
CA GLY A 205 12.74 0.81 -1.64
C GLY A 205 13.93 0.29 -0.87
N LEU A 206 13.84 0.26 0.45
CA LEU A 206 14.99 -0.03 1.32
C LEU A 206 15.54 -1.46 1.08
N LEU A 207 14.67 -2.45 0.98
CA LEU A 207 15.18 -3.81 0.81
C LEU A 207 16.07 -3.91 -0.46
N SER A 208 15.61 -3.33 -1.55
CA SER A 208 16.34 -3.39 -2.78
C SER A 208 17.61 -2.54 -2.77
N PHE A 209 17.53 -1.37 -2.14
CA PHE A 209 18.68 -0.52 -1.97
C PHE A 209 19.76 -1.21 -1.10
N TYR A 210 19.35 -1.82 0.01
CA TYR A 210 20.23 -2.58 0.86
C TYR A 210 20.90 -3.69 0.05
N ASN A 211 20.10 -4.45 -0.68
CA ASN A 211 20.67 -5.55 -1.47
C ASN A 211 21.64 -5.01 -2.50
N LYS A 212 21.29 -3.91 -3.13
CA LYS A 212 22.19 -3.24 -4.09
C LYS A 212 23.54 -2.79 -3.42
N LEU A 213 23.49 -2.07 -2.30
CA LEU A 213 24.73 -1.72 -1.62
C LEU A 213 25.56 -2.94 -1.21
N GLU A 214 24.90 -4.00 -0.74
CA GLU A 214 25.64 -5.25 -0.36
C GLU A 214 26.40 -5.84 -1.56
N LYS A 215 25.72 -5.89 -2.69
CA LYS A 215 26.32 -6.37 -3.92
C LYS A 215 27.48 -5.44 -4.39
N LEU A 216 27.27 -4.12 -4.34
CA LEU A 216 28.29 -3.16 -4.81
C LEU A 216 29.55 -3.07 -3.95
N SER A 217 29.46 -3.46 -2.69
CA SER A 217 30.65 -3.41 -1.86
C SER A 217 31.23 -4.81 -1.60
N ALA A 218 30.69 -5.84 -2.26
CA ALA A 218 31.13 -7.22 -2.01
C ALA A 218 32.65 -7.33 -2.09
N GLY A 219 33.25 -7.99 -1.11
CA GLY A 219 34.72 -8.24 -1.10
C GLY A 219 35.51 -7.26 -0.25
N THR A 220 35.07 -5.99 -0.26
CA THR A 220 35.66 -4.93 0.55
C THR A 220 35.86 -5.41 2.00
N SER A 221 37.06 -5.25 2.53
CA SER A 221 37.35 -5.66 3.91
C SER A 221 36.98 -4.58 4.92
N ALA A 222 36.90 -4.98 6.19
CA ALA A 222 36.60 -4.08 7.31
C ALA A 222 37.82 -3.22 7.71
N SER A 223 37.54 -2.07 8.36
CA SER A 223 38.55 -1.07 8.75
C SER A 223 38.26 -0.45 10.13
N ASP A 224 39.30 0.16 10.73
CA ASP A 224 39.17 1.02 11.92
C ASP A 224 38.80 2.50 11.54
N THR A 225 38.37 2.72 10.29
CA THR A 225 37.91 4.03 9.84
C THR A 225 36.59 4.44 10.57
N ALA A 226 36.46 5.72 10.87
CA ALA A 226 35.15 6.24 11.33
C ALA A 226 34.15 6.10 10.16
N LYS A 227 32.89 5.74 10.47
CA LYS A 227 31.90 5.48 9.44
C LYS A 227 30.80 6.53 9.53
N HIS A 228 30.81 7.44 8.56
CA HIS A 228 29.85 8.59 8.57
C HIS A 228 28.64 8.31 7.67
N TYR A 229 27.45 8.38 8.21
CA TYR A 229 26.22 8.20 7.42
C TYR A 229 25.34 9.44 7.60
N LEU A 230 25.04 10.13 6.52
CA LEU A 230 24.31 11.36 6.65
C LEU A 230 23.05 11.32 5.80
N CYS A 231 21.98 11.90 6.32
CA CYS A 231 20.69 11.95 5.62
C CYS A 231 20.30 13.47 5.64
N GLN A 232 19.87 14.08 4.54
CA GLN A 232 19.26 15.43 4.57
C GLN A 232 17.88 15.25 3.92
N THR A 233 16.81 15.61 4.65
CA THR A 233 15.47 15.23 4.32
C THR A 233 14.57 16.39 4.67
N SER A 234 13.44 16.50 3.99
CA SER A 234 12.55 17.53 4.44
C SER A 234 11.48 17.01 5.37
N SER A 235 11.33 15.68 5.53
CA SER A 235 10.44 15.05 6.50
C SER A 235 11.17 14.06 7.29
N ILE A 236 10.82 13.93 8.56
CA ILE A 236 11.31 12.90 9.41
C ILE A 236 10.05 12.19 9.98
N GLY A 237 9.89 10.91 9.65
CA GLY A 237 8.69 10.13 10.03
C GLY A 237 8.84 9.81 11.49
N THR A 238 7.76 9.36 12.13
CA THR A 238 7.79 9.01 13.52
C THR A 238 8.30 7.57 13.71
N SER A 239 8.24 7.10 14.95
CA SER A 239 8.81 5.80 15.32
C SER A 239 8.27 4.65 14.47
N LEU A 240 9.14 3.69 14.16
CA LEU A 240 8.72 2.48 13.49
C LEU A 240 7.83 1.58 14.37
N SER A 241 7.80 1.84 15.68
CA SER A 241 7.07 1.04 16.63
C SER A 241 6.25 1.90 17.58
N ARG A 242 5.04 1.43 17.91
CA ARG A 242 4.18 2.13 18.86
C ARG A 242 4.69 1.96 20.31
N ALA A 243 5.47 0.91 20.56
CA ALA A 243 5.85 0.58 21.92
C ALA A 243 7.24 1.06 22.29
N ARG A 244 8.04 1.40 21.27
CA ARG A 244 9.44 1.78 21.48
C ARG A 244 9.82 2.91 20.51
N ASP A 245 10.75 3.75 20.93
CA ASP A 245 11.29 4.80 20.07
C ASP A 245 12.34 4.25 19.10
N GLU A 246 11.98 4.08 17.83
CA GLU A 246 12.87 3.53 16.83
C GLU A 246 12.82 4.32 15.54
N ASN A 247 13.95 4.90 15.14
CA ASN A 247 13.97 5.75 13.99
C ASN A 247 14.50 5.01 12.76
N LEU A 248 13.89 5.24 11.60
CA LEU A 248 14.28 4.56 10.36
C LEU A 248 15.79 4.61 10.05
N TRP A 249 16.38 5.80 10.25
CA TRP A 249 17.81 5.99 9.95
C TRP A 249 18.66 5.33 11.01
N THR A 250 18.47 5.70 12.29
CA THR A 250 19.36 5.19 13.32
C THR A 250 19.15 3.73 13.69
N HIS A 251 17.90 3.25 13.71
CA HIS A 251 17.58 1.89 14.15
C HIS A 251 17.47 0.85 13.06
N LEU A 252 17.26 1.26 11.82
CA LEU A 252 17.10 0.26 10.78
C LEU A 252 18.09 0.42 9.61
N MET A 253 18.11 1.56 8.94
CA MET A 253 18.99 1.75 7.77
C MET A 253 20.49 1.67 8.10
N ILE A 254 20.94 2.50 9.05
CA ILE A 254 22.39 2.47 9.39
C ILE A 254 22.76 1.07 9.89
N PRO A 255 21.96 0.47 10.80
CA PRO A 255 22.31 -0.87 11.24
C PRO A 255 22.42 -1.89 10.10
N LEU A 256 21.51 -1.82 9.12
CA LEU A 256 21.61 -2.68 7.92
C LEU A 256 22.88 -2.40 7.15
N PHE A 257 23.14 -1.14 6.85
CA PHE A 257 24.22 -0.84 5.97
C PHE A 257 25.56 -1.22 6.59
N THR A 258 25.68 -1.07 7.90
CA THR A 258 26.99 -1.30 8.55
C THR A 258 27.20 -2.77 8.91
N GLY A 259 26.15 -3.58 8.84
CA GLY A 259 26.28 -5.00 9.21
C GLY A 259 25.91 -5.33 10.64
N ILE A 260 25.47 -4.32 11.39
CA ILE A 260 24.94 -4.53 12.73
C ILE A 260 23.80 -5.54 12.72
N MET A 261 22.92 -5.43 11.74
CA MET A 261 21.84 -6.39 11.58
C MET A 261 21.82 -6.89 10.13
N SER A 262 21.22 -8.06 9.94
CA SER A 262 20.94 -8.57 8.60
C SER A 262 19.45 -8.89 8.50
N PRO A 263 18.89 -8.96 7.27
CA PRO A 263 17.56 -9.55 7.11
C PRO A 263 17.65 -11.09 7.25
N PRO A 264 16.63 -11.72 7.88
CA PRO A 264 16.65 -13.18 8.11
C PRO A 264 16.25 -13.97 6.88
N ILE A 276 14.82 -5.52 15.02
CA ILE A 276 15.43 -4.25 15.44
C ILE A 276 15.98 -4.28 16.87
N LEU A 277 17.21 -3.84 17.05
CA LEU A 277 17.94 -3.88 18.33
C LEU A 277 17.52 -2.82 19.34
N PRO A 278 17.63 -3.12 20.65
CA PRO A 278 17.35 -2.14 21.68
C PRO A 278 18.23 -0.92 21.49
N THR A 279 17.73 0.25 21.82
CA THR A 279 18.46 1.48 21.62
C THR A 279 19.83 1.51 22.28
N ASN A 280 19.89 1.14 23.56
CA ASN A 280 21.16 1.16 24.26
C ASN A 280 22.22 0.24 23.62
N SER A 281 21.78 -0.88 23.07
CA SER A 281 22.66 -1.79 22.34
C SER A 281 23.25 -1.09 21.12
N LEU A 282 22.38 -0.34 20.41
CA LEU A 282 22.79 0.37 19.21
C LEU A 282 23.81 1.43 19.51
N ILE A 283 23.63 2.19 20.60
CA ILE A 283 24.54 3.27 20.98
C ILE A 283 25.96 2.72 21.27
N ASN A 284 26.02 1.59 21.94
CA ASN A 284 27.31 0.89 22.17
C ASN A 284 27.94 0.39 20.86
N GLU A 285 27.15 -0.23 20.01
CA GLU A 285 27.60 -0.64 18.68
C GLU A 285 28.14 0.52 17.84
N TYR A 286 27.46 1.67 17.88
CA TYR A 286 27.92 2.86 17.19
C TYR A 286 29.25 3.38 17.76
N SER A 287 29.35 3.40 19.08
CA SER A 287 30.57 3.81 19.74
C SER A 287 31.72 2.85 19.35
N GLN A 288 31.47 1.55 19.40
CA GLN A 288 32.49 0.53 19.16
C GLN A 288 32.94 0.43 17.69
N ARG A 289 32.00 0.63 16.76
CA ARG A 289 32.32 0.65 15.32
C ARG A 289 32.65 2.06 14.76
N LYS A 290 32.69 3.06 15.64
CA LYS A 290 32.94 4.46 15.25
C LYS A 290 31.94 4.96 14.17
N ILE A 291 30.70 4.61 14.34
CA ILE A 291 29.64 5.05 13.42
C ILE A 291 29.17 6.42 13.88
N LYS A 292 29.05 7.31 12.90
CA LYS A 292 28.61 8.66 13.12
C LYS A 292 27.38 8.95 12.32
N PRO A 293 26.21 9.12 12.99
CA PRO A 293 25.01 9.39 12.18
C PRO A 293 24.70 10.87 12.07
N TYR A 294 24.13 11.31 10.95
CA TYR A 294 23.76 12.74 10.80
C TYR A 294 22.40 12.81 10.15
N ILE A 295 21.57 13.74 10.64
CA ILE A 295 20.37 14.11 9.96
C ILE A 295 20.42 15.65 9.94
N ILE A 296 20.35 16.20 8.73
CA ILE A 296 20.29 17.64 8.54
C ILE A 296 18.84 18.00 8.46
N PHE A 297 18.38 18.84 9.39
CA PHE A 297 17.00 19.27 9.36
C PHE A 297 17.00 20.69 9.98
N PRO A 298 16.13 21.59 9.49
CA PRO A 298 16.29 22.98 9.97
C PRO A 298 15.98 23.15 11.45
N THR A 299 16.75 24.00 12.13
CA THR A 299 16.40 24.40 13.51
C THR A 299 15.30 25.44 13.49
N GLU A 300 14.75 25.71 14.68
CA GLU A 300 13.84 26.84 14.84
C GLU A 300 14.51 28.13 14.43
N GLN A 301 15.73 28.37 14.87
CA GLN A 301 16.41 29.64 14.66
C GLN A 301 16.88 29.84 13.18
N GLU A 302 17.05 28.78 12.40
CA GLU A 302 17.47 28.95 11.00
C GLU A 302 16.43 29.63 10.11
N PHE A 303 15.17 29.60 10.52
CA PHE A 303 14.21 30.46 9.85
C PHE A 303 14.37 31.99 10.05
N VAL A 304 14.80 32.36 11.25
CA VAL A 304 15.08 33.77 11.60
C VAL A 304 16.15 34.33 10.65
N THR A 305 17.14 33.53 10.30
CA THR A 305 18.26 34.00 9.44
C THR A 305 18.06 33.50 7.99
N SER A 306 16.82 33.24 7.61
CA SER A 306 16.50 32.97 6.19
C SER A 306 15.86 34.23 5.62
N PRO A 307 16.18 34.58 4.39
CA PRO A 307 15.64 35.79 3.76
C PRO A 307 14.12 35.87 3.67
N LEU A 308 13.44 34.76 3.42
CA LEU A 308 11.99 34.74 3.34
C LEU A 308 11.38 34.31 4.68
N LYS A 309 12.21 34.28 5.70
CA LYS A 309 11.79 33.99 7.05
C LYS A 309 11.15 32.61 7.16
N TRP A 310 9.95 32.50 7.67
CA TRP A 310 9.31 31.22 7.81
C TRP A 310 8.57 30.77 6.57
N SER A 311 8.72 31.54 5.51
CA SER A 311 8.05 31.23 4.27
C SER A 311 8.34 29.81 3.78
N SER A 312 9.58 29.33 3.89
CA SER A 312 9.89 27.99 3.39
C SER A 312 9.58 26.88 4.43
N SER A 313 9.05 27.22 5.62
CA SER A 313 8.99 26.29 6.73
C SER A 313 7.91 25.17 6.53
N GLY A 314 6.87 25.46 5.77
CA GLY A 314 5.74 24.54 5.53
C GLY A 314 6.24 23.25 4.80
N TRP A 315 7.38 23.32 4.06
CA TRP A 315 7.96 22.14 3.43
C TRP A 315 8.69 21.13 4.37
N PHE A 316 8.81 21.44 5.65
CA PHE A 316 9.68 20.72 6.61
C PHE A 316 8.83 20.20 7.73
N HIS A 317 8.70 18.88 7.76
CA HIS A 317 7.70 18.26 8.61
C HIS A 317 8.38 17.21 9.52
N PHE A 318 8.32 17.47 10.82
CA PHE A 318 8.87 16.58 11.83
C PHE A 318 7.98 16.87 13.02
N GLN A 319 6.91 16.08 13.15
CA GLN A 319 5.88 16.38 14.15
C GLN A 319 6.13 15.49 15.36
N TYR A 320 7.00 15.94 16.25
CA TYR A 320 7.44 15.13 17.35
C TYR A 320 6.80 15.50 18.68
N LEU A 321 5.94 16.54 18.72
CA LEU A 321 5.46 17.05 20.04
C LEU A 321 4.63 16.01 20.80
N GLN A 322 3.94 15.15 20.07
CA GLN A 322 3.06 14.15 20.72
C GLN A 322 3.79 12.92 21.25
N LYS A 323 5.05 12.78 20.84
CA LYS A 323 5.88 11.67 21.30
C LYS A 323 7.33 12.19 21.44
N LYS A 324 7.50 13.07 22.42
CA LYS A 324 8.72 13.82 22.60
C LYS A 324 9.93 12.95 22.90
N SER A 325 9.74 11.83 23.64
CA SER A 325 10.87 10.98 23.97
C SER A 325 11.58 10.45 22.72
N TYR A 326 10.85 10.25 21.63
CA TYR A 326 11.46 9.85 20.35
C TYR A 326 12.43 10.95 19.83
N TYR A 327 11.99 12.21 19.91
CA TYR A 327 12.84 13.31 19.51
C TYR A 327 14.06 13.44 20.44
N GLU A 328 13.83 13.35 21.74
CA GLU A 328 14.98 13.48 22.70
C GLU A 328 16.01 12.40 22.47
N MET A 329 15.54 11.20 22.15
CA MET A 329 16.46 10.09 21.87
CA MET A 329 16.42 10.05 21.84
C MET A 329 17.36 10.42 20.71
N LEU A 330 16.76 10.95 19.64
CA LEU A 330 17.54 11.27 18.41
C LEU A 330 18.52 12.41 18.74
N ARG A 331 17.99 13.43 19.42
CA ARG A 331 18.72 14.67 19.68
C ARG A 331 19.87 14.46 20.64
N ASN A 332 19.61 13.74 21.73
CA ASN A 332 20.50 13.71 22.91
C ASN A 332 21.28 12.43 23.05
N LYS A 333 20.70 11.31 22.62
CA LYS A 333 21.41 10.02 22.77
C LYS A 333 22.20 9.68 21.52
N PHE A 334 21.55 9.68 20.38
CA PHE A 334 22.32 9.59 19.12
C PHE A 334 23.05 10.86 18.67
N LYS A 335 22.67 12.02 19.23
CA LYS A 335 23.24 13.32 18.87
C LYS A 335 23.26 13.46 17.32
N VAL A 336 22.11 13.19 16.73
CA VAL A 336 22.06 12.94 15.29
C VAL A 336 21.88 14.26 14.46
N PHE A 337 21.44 15.34 15.11
CA PHE A 337 20.99 16.51 14.32
C PHE A 337 22.13 17.48 13.96
N TYR A 338 22.14 17.87 12.69
CA TYR A 338 23.14 18.83 12.19
C TYR A 338 22.47 19.97 11.47
N LYS A 339 23.15 21.12 11.48
CA LYS A 339 22.55 22.38 10.95
C LYS A 339 23.57 23.05 10.01
N GLN A 340 23.12 24.07 9.27
CA GLN A 340 24.05 24.80 8.38
C GLN A 340 25.17 25.48 9.17
N ASP A 341 26.33 25.63 8.58
CA ASP A 341 27.40 26.44 9.12
C ASP A 341 27.03 27.92 8.76
N PRO A 342 26.58 28.70 9.76
CA PRO A 342 26.08 30.03 9.43
C PRO A 342 27.20 30.94 8.84
N ALA A 343 28.46 30.61 9.06
CA ALA A 343 29.58 31.36 8.47
C ALA A 343 29.78 31.10 6.99
N MET A 344 29.31 29.97 6.44
CA MET A 344 29.58 29.52 5.04
CA MET A 344 29.62 29.65 5.04
C MET A 344 28.43 29.85 4.08
N VAL A 345 27.23 30.06 4.61
CA VAL A 345 26.08 30.31 3.72
C VAL A 345 26.17 31.66 3.00
N THR A 346 25.59 31.76 1.81
CA THR A 346 25.53 33.03 1.07
C THR A 346 24.63 34.01 1.77
N ARG A 347 24.91 35.30 1.54
CA ARG A 347 24.00 36.37 1.97
C ARG A 347 22.61 36.16 1.35
N ARG A 348 22.55 35.77 0.07
CA ARG A 348 21.26 35.76 -0.62
C ARG A 348 20.34 34.60 -0.25
N ARG A 349 20.91 33.46 0.14
CA ARG A 349 20.11 32.34 0.61
C ARG A 349 20.05 32.17 2.14
N GLY A 350 21.00 32.73 2.86
CA GLY A 350 21.06 32.55 4.33
C GLY A 350 20.98 31.06 4.69
N THR A 351 20.31 30.79 5.82
CA THR A 351 20.19 29.42 6.30
C THR A 351 18.85 28.78 5.84
N THR A 352 18.31 29.22 4.69
CA THR A 352 17.11 28.56 4.13
C THR A 352 17.32 27.08 3.91
N PRO A 353 16.45 26.23 4.49
CA PRO A 353 16.57 24.78 4.33
C PRO A 353 16.27 24.34 2.87
N ALA A 354 16.73 23.16 2.52
CA ALA A 354 16.62 22.60 1.19
C ALA A 354 15.62 21.44 1.22
N ASN A 355 14.88 21.34 0.15
CA ASN A 355 13.87 20.32 -0.01
C ASN A 355 14.40 19.13 -0.88
N SER A 356 15.72 19.13 -1.19
CA SER A 356 16.41 17.93 -1.74
C SER A 356 16.42 16.81 -0.68
N LYS A 357 16.66 15.56 -1.10
CA LYS A 357 16.87 14.49 -0.14
C LYS A 357 18.15 13.81 -0.55
N PHE A 358 19.13 13.77 0.38
CA PHE A 358 20.36 13.07 0.07
C PHE A 358 20.63 12.09 1.15
N TYR A 359 21.25 10.96 0.77
CA TYR A 359 21.72 9.98 1.74
C TYR A 359 23.12 9.66 1.34
N MET A 360 24.05 9.65 2.28
CA MET A 360 25.42 9.41 1.84
C MET A 360 26.25 8.80 2.89
N HIS A 361 27.39 8.23 2.45
CA HIS A 361 28.28 7.50 3.36
C HIS A 361 29.74 7.84 3.02
N CYS A 362 30.52 8.19 4.04
CA CYS A 362 31.90 8.62 3.95
C CYS A 362 32.66 7.79 4.99
N ALA A 363 33.83 7.28 4.62
CA ALA A 363 34.68 6.54 5.54
C ALA A 363 36.01 7.31 5.64
N THR A 364 36.35 7.78 6.86
CA THR A 364 37.57 8.61 7.10
C THR A 364 38.74 7.88 7.80
N SER A 373 34.90 18.34 8.76
CA SER A 373 35.73 19.39 8.17
C SER A 373 36.02 19.16 6.67
N GLN A 374 36.78 18.09 6.39
CA GLN A 374 36.93 17.50 5.06
C GLN A 374 35.99 16.30 4.85
N VAL A 375 35.26 15.94 5.89
CA VAL A 375 34.30 14.83 5.85
C VAL A 375 33.28 15.08 4.73
N PHE A 376 32.94 14.03 3.98
CA PHE A 376 31.91 14.11 2.89
C PHE A 376 32.43 14.67 1.53
N LYS A 377 33.67 15.11 1.47
CA LYS A 377 34.22 15.52 0.21
C LYS A 377 34.62 14.32 -0.72
N GLU A 378 34.95 13.16 -0.13
CA GLU A 378 35.11 11.90 -0.86
C GLU A 378 34.12 10.88 -0.31
N LEU A 379 33.25 10.30 -1.11
CA LEU A 379 32.14 9.44 -0.54
C LEU A 379 32.28 8.01 -1.00
N GLU A 380 31.91 7.06 -0.16
CA GLU A 380 31.74 5.67 -0.58
C GLU A 380 30.51 5.64 -1.53
N TRP A 381 29.44 6.27 -1.14
CA TRP A 381 28.26 6.38 -2.00
C TRP A 381 27.37 7.59 -1.65
N CYS A 382 26.53 8.01 -2.60
CA CYS A 382 25.58 9.09 -2.31
C CYS A 382 24.33 8.88 -3.16
N LEU A 383 23.20 8.83 -2.50
CA LEU A 383 21.90 8.73 -3.18
C LEU A 383 21.18 10.10 -3.09
N TYR A 384 20.73 10.62 -4.22
CA TYR A 384 19.94 11.83 -4.24
C TYR A 384 18.58 11.41 -4.77
N THR A 385 17.52 11.78 -4.08
CA THR A 385 16.22 11.10 -4.34
C THR A 385 15.05 11.95 -3.96
N SER A 386 13.79 11.56 -4.37
CA SER A 386 12.64 12.22 -3.81
C SER A 386 12.28 11.65 -2.45
N ALA A 387 12.87 10.47 -2.09
CA ALA A 387 12.39 9.74 -0.89
C ALA A 387 12.81 10.46 0.40
N ASN A 388 11.83 10.89 1.20
CA ASN A 388 12.08 11.44 2.53
C ASN A 388 12.34 10.32 3.50
N LEU A 389 12.77 10.69 4.74
CA LEU A 389 13.11 9.63 5.74
C LEU A 389 11.85 9.10 6.41
N SER A 390 11.08 8.32 5.64
CA SER A 390 9.90 7.69 6.18
C SER A 390 9.73 6.24 5.67
N GLN A 391 9.07 5.45 6.50
CA GLN A 391 8.59 4.10 6.21
C GLN A 391 7.69 4.06 4.95
N THR A 392 6.86 5.08 4.73
CA THR A 392 5.99 5.07 3.54
C THR A 392 6.83 5.22 2.27
N ALA A 393 7.91 5.99 2.28
CA ALA A 393 8.76 6.14 1.06
C ALA A 393 9.67 4.94 0.83
N TRP A 394 10.20 4.39 1.93
CA TRP A 394 11.24 3.37 1.83
C TRP A 394 10.77 1.94 2.07
N GLY A 395 9.66 1.81 2.80
CA GLY A 395 9.28 0.51 3.35
C GLY A 395 10.25 0.12 4.45
N THR A 396 10.20 -1.15 4.85
CA THR A 396 11.10 -1.73 5.84
C THR A 396 11.69 -3.01 5.28
N VAL A 397 12.20 -3.87 6.15
CA VAL A 397 12.71 -5.17 5.67
C VAL A 397 11.49 -5.98 5.24
N SER A 398 10.39 -5.86 5.95
CA SER A 398 9.24 -6.72 5.70
C SER A 398 8.08 -6.06 4.99
N ARG A 399 8.01 -4.71 4.99
CA ARG A 399 6.89 -3.99 4.39
C ARG A 399 7.40 -3.26 3.16
N LYS A 400 6.60 -3.23 2.10
CA LYS A 400 6.99 -2.61 0.84
C LYS A 400 6.68 -1.10 0.95
N PRO A 401 7.39 -0.24 0.20
CA PRO A 401 7.08 1.20 0.19
C PRO A 401 5.63 1.37 -0.22
N ARG A 402 5.00 2.44 0.25
CA ARG A 402 3.67 2.84 -0.25
C ARG A 402 3.73 3.84 -1.41
N ASN A 403 4.85 4.51 -1.61
CA ASN A 403 4.94 5.59 -2.57
C ASN A 403 5.71 5.26 -3.81
N TYR A 404 5.48 6.03 -4.86
CA TYR A 404 6.46 6.10 -5.94
C TYR A 404 7.53 7.10 -5.56
N GLU A 405 8.80 6.70 -5.62
CA GLU A 405 9.96 7.61 -5.36
C GLU A 405 11.04 7.29 -6.32
N ALA A 406 11.87 8.24 -6.72
CA ALA A 406 13.01 7.86 -7.59
C ALA A 406 14.23 8.76 -7.29
N GLY A 407 15.42 8.24 -7.57
CA GLY A 407 16.66 8.90 -7.32
C GLY A 407 17.80 8.30 -8.09
N VAL A 408 18.99 8.92 -7.98
CA VAL A 408 20.18 8.43 -8.67
C VAL A 408 21.22 8.11 -7.56
N LEU A 409 21.91 6.97 -7.65
CA LEU A 409 22.93 6.61 -6.70
C LEU A 409 24.29 6.62 -7.39
N TYR A 410 25.25 7.37 -6.81
CA TYR A 410 26.66 7.31 -7.13
C TYR A 410 27.36 6.41 -6.16
N HIS A 411 28.04 5.39 -6.67
CA HIS A 411 28.75 4.48 -5.79
C HIS A 411 30.21 4.44 -6.29
N SER A 412 31.15 4.62 -5.37
CA SER A 412 32.54 4.65 -5.71
C SER A 412 33.01 3.35 -6.39
N ARG A 413 32.40 2.20 -6.06
CA ARG A 413 32.86 0.93 -6.72
C ARG A 413 32.34 0.78 -8.13
N ARG A 414 31.38 1.63 -8.49
CA ARG A 414 30.79 1.69 -9.82
C ARG A 414 31.41 2.72 -10.75
N LEU A 415 32.33 3.50 -10.24
CA LEU A 415 33.03 4.48 -11.06
C LEU A 415 33.99 3.77 -12.03
N ALA A 416 34.24 4.38 -13.18
CA ALA A 416 35.07 3.77 -14.21
C ALA A 416 36.49 3.50 -13.71
N ASN A 417 37.00 4.45 -12.95
CA ASN A 417 38.30 4.41 -12.31
C ASN A 417 38.17 3.96 -10.86
N THR A 418 39.23 3.45 -10.26
CA THR A 418 39.19 3.01 -8.88
C THR A 418 39.35 4.30 -8.12
N ARG A 419 38.23 4.86 -7.70
CA ARG A 419 38.22 6.18 -7.13
C ARG A 419 37.04 6.39 -6.24
N LYS A 420 36.95 7.57 -5.65
CA LYS A 420 35.85 7.92 -4.79
C LYS A 420 34.88 8.91 -5.46
N VAL A 421 33.61 8.92 -5.03
CA VAL A 421 32.66 9.89 -5.49
C VAL A 421 33.06 11.16 -4.81
N THR A 422 33.19 12.26 -5.55
CA THR A 422 33.56 13.56 -4.96
C THR A 422 32.29 14.45 -4.81
N CYS A 423 32.32 15.29 -3.78
CA CYS A 423 31.18 16.06 -3.38
C CYS A 423 31.70 17.44 -2.95
N ARG A 424 30.90 18.46 -3.22
CA ARG A 424 31.23 19.80 -2.76
C ARG A 424 29.92 20.43 -2.39
N THR A 425 30.00 21.55 -1.68
CA THR A 425 28.80 22.35 -1.32
C THR A 425 28.62 23.46 -2.34
N PHE A 426 27.38 23.69 -2.73
CA PHE A 426 27.02 24.85 -3.54
C PHE A 426 27.33 26.16 -2.84
N THR A 427 27.35 26.13 -1.51
CA THR A 427 27.54 27.38 -0.76
C THR A 427 28.95 28.00 -0.99
N ARG A 428 29.90 27.25 -1.52
CA ARG A 428 31.22 27.84 -1.79
C ARG A 428 31.50 28.28 -3.24
N ASP A 429 30.52 28.04 -4.13
CA ASP A 429 30.64 28.29 -5.57
C ASP A 429 30.95 29.77 -5.86
N PRO A 437 35.13 20.65 -10.76
CA PRO A 437 33.96 19.77 -10.89
C PRO A 437 34.03 18.51 -9.98
N THR A 438 32.91 18.17 -9.39
CA THR A 438 32.84 17.04 -8.49
C THR A 438 31.67 16.23 -9.00
N HIS A 439 31.58 14.95 -8.61
CA HIS A 439 30.42 14.17 -8.94
C HIS A 439 29.16 14.78 -8.44
N VAL A 440 29.16 15.13 -7.14
CA VAL A 440 27.96 15.55 -6.48
C VAL A 440 28.14 17.00 -5.95
N ALA A 441 27.02 17.74 -5.87
CA ALA A 441 26.99 19.04 -5.23
C ALA A 441 25.77 19.15 -4.36
N VAL A 442 25.93 19.63 -3.13
CA VAL A 442 24.80 19.66 -2.19
C VAL A 442 24.50 21.09 -1.72
N PRO A 443 23.24 21.33 -1.36
CA PRO A 443 22.88 22.67 -1.01
C PRO A 443 23.29 23.06 0.42
N PHE A 444 23.54 22.06 1.26
CA PHE A 444 23.97 22.30 2.64
C PHE A 444 25.45 22.68 2.66
N THR A 445 25.88 23.40 3.68
CA THR A 445 27.31 23.67 3.89
C THR A 445 28.07 22.38 4.14
N LEU A 446 29.37 22.39 3.87
CA LEU A 446 30.30 21.36 4.24
C LEU A 446 31.49 22.07 4.89
N PRO A 447 31.69 21.84 6.19
CA PRO A 447 30.94 20.93 7.05
C PRO A 447 29.54 21.41 7.42
N VAL A 448 28.74 20.48 7.93
CA VAL A 448 27.55 20.86 8.71
C VAL A 448 28.00 20.84 10.17
N ILE A 449 27.23 21.47 11.04
CA ILE A 449 27.62 21.75 12.41
C ILE A 449 26.62 20.97 13.30
N PRO A 450 27.12 20.31 14.38
CA PRO A 450 26.19 19.60 15.27
C PRO A 450 25.21 20.62 15.89
N TYR A 451 23.96 20.25 16.09
CA TYR A 451 23.09 21.01 16.93
C TYR A 451 23.78 21.30 18.27
N ASP A 452 23.64 22.53 18.73
CA ASP A 452 24.14 22.92 20.05
C ASP A 452 23.12 22.37 21.05
N LEU A 453 23.48 21.37 21.82
CA LEU A 453 22.51 20.72 22.71
C LEU A 453 21.88 21.62 23.77
N ALA A 454 22.56 22.69 24.15
CA ALA A 454 22.03 23.65 25.08
C ALA A 454 20.87 24.46 24.51
N GLU A 455 20.90 24.73 23.21
CA GLU A 455 19.93 25.60 22.55
C GLU A 455 19.04 25.13 21.39
N ASP A 456 19.64 24.47 20.41
CA ASP A 456 18.97 24.09 19.18
C ASP A 456 17.83 23.07 19.26
N GLU A 457 16.81 23.32 18.47
CA GLU A 457 15.71 22.41 18.37
C GLU A 457 15.20 22.27 16.95
N CYS A 458 14.87 21.07 16.54
CA CYS A 458 14.26 20.91 15.18
C CYS A 458 13.01 21.74 15.08
N PHE A 459 12.86 22.38 13.95
CA PHE A 459 11.64 23.10 13.70
C PHE A 459 10.37 22.18 13.64
N CYS A 460 9.36 22.57 14.41
CA CYS A 460 8.11 21.86 14.46
C CYS A 460 7.05 22.88 14.95
N LEU A 461 6.02 23.06 14.19
CA LEU A 461 4.95 23.98 14.61
C LEU A 461 3.69 23.11 14.63
N ALA A 462 2.93 23.08 15.74
CA ALA A 462 1.53 22.49 15.80
C ALA A 462 0.43 23.53 15.72
N LEU A 463 -0.31 23.56 14.63
CA LEU A 463 -1.31 24.59 14.47
C LEU A 463 -2.67 23.91 14.58
N GLU A 464 -3.72 24.71 14.70
CA GLU A 464 -5.04 24.22 14.99
C GLU A 464 -5.58 23.36 13.85
N HIS A 465 -5.20 23.70 12.62
CA HIS A 465 -5.73 23.06 11.41
C HIS A 465 -5.22 21.63 11.20
N HIS A 466 -4.11 21.31 11.84
CA HIS A 466 -3.50 19.99 11.63
C HIS A 466 -3.65 19.04 12.84
N GLY B 2 -13.69 5.93 3.22
CA GLY B 2 -13.14 4.56 3.50
C GLY B 2 -14.28 3.55 3.67
N ALA B 3 -13.95 2.27 3.82
CA ALA B 3 -14.95 1.21 4.00
C ALA B 3 -15.49 1.31 5.42
N VAL B 4 -16.75 0.91 5.62
CA VAL B 4 -17.37 1.12 6.94
C VAL B 4 -18.42 0.03 7.13
N PHE B 5 -18.53 -0.46 8.35
CA PHE B 5 -19.57 -1.33 8.78
C PHE B 5 -20.68 -0.50 9.39
N LYS B 6 -21.92 -0.84 9.03
CA LYS B 6 -23.09 -0.20 9.61
C LYS B 6 -24.04 -1.26 10.13
N LEU B 7 -24.83 -0.90 11.16
CA LEU B 7 -25.82 -1.76 11.71
C LEU B 7 -27.10 -1.46 10.90
N MET B 8 -27.78 -2.51 10.43
CA MET B 8 -28.99 -2.34 9.63
C MET B 8 -30.16 -1.97 10.56
N LYS B 9 -30.89 -0.91 10.22
CA LYS B 9 -32.02 -0.49 11.03
C LYS B 9 -33.09 -1.51 10.91
N SER B 10 -33.88 -1.70 11.97
CA SER B 10 -35.02 -2.50 11.96
C SER B 10 -36.31 -1.63 12.16
N ASP B 11 -37.37 -1.87 11.39
CA ASP B 11 -38.68 -1.25 11.64
C ASP B 11 -39.21 -1.59 13.04
N PHE B 12 -38.68 -2.65 13.65
CA PHE B 12 -39.14 -3.03 15.00
C PHE B 12 -38.31 -2.48 16.12
N TYR B 13 -37.02 -2.26 15.87
CA TYR B 13 -36.15 -1.82 16.94
C TYR B 13 -35.96 -0.32 16.95
N GLU B 14 -35.94 0.30 15.77
CA GLU B 14 -35.75 1.77 15.68
C GLU B 14 -37.12 2.44 15.36
N ASP B 24 -23.80 5.77 11.41
CA ASP B 24 -24.03 4.67 12.37
C ASP B 24 -24.88 3.49 11.82
N MET B 25 -26.08 3.83 11.32
CA MET B 25 -27.09 2.86 10.85
C MET B 25 -27.38 2.99 9.36
N ILE B 26 -27.92 1.93 8.73
CA ILE B 26 -28.16 1.96 7.29
C ILE B 26 -29.48 1.27 7.08
N THR B 27 -30.18 1.62 6.00
CA THR B 27 -31.39 0.85 5.61
C THR B 27 -31.16 0.47 4.15
N LEU B 28 -32.03 -0.41 3.67
CA LEU B 28 -32.00 -0.76 2.24
C LEU B 28 -32.42 0.48 1.45
N LYS B 29 -33.27 1.31 2.02
CA LYS B 29 -33.63 2.52 1.31
C LYS B 29 -32.45 3.51 1.10
N ASP B 30 -31.55 3.66 2.08
CA ASP B 30 -30.29 4.41 1.86
C ASP B 30 -29.46 3.82 0.71
N ILE B 31 -29.46 2.48 0.58
CA ILE B 31 -28.61 1.78 -0.38
C ILE B 31 -29.18 1.90 -1.80
N PHE B 32 -30.49 1.65 -1.92
CA PHE B 32 -31.16 1.56 -3.20
C PHE B 32 -31.96 2.77 -3.61
N GLY B 33 -32.27 3.67 -2.68
CA GLY B 33 -33.27 4.78 -2.95
C GLY B 33 -32.67 6.08 -3.45
N THR B 34 -31.34 6.10 -3.56
CA THR B 34 -30.61 7.27 -4.03
C THR B 34 -30.95 7.63 -5.51
N GLU B 35 -31.33 8.89 -5.73
CA GLU B 35 -31.76 9.33 -7.05
C GLU B 35 -30.64 9.19 -8.11
N THR B 36 -29.39 9.08 -7.68
CA THR B 36 -28.28 8.95 -8.65
C THR B 36 -27.94 7.50 -8.98
N LEU B 37 -28.67 6.56 -8.39
CA LEU B 37 -28.42 5.14 -8.68
C LEU B 37 -28.92 4.84 -10.10
N LYS B 38 -28.03 4.29 -10.91
CA LYS B 38 -28.31 3.92 -12.27
C LYS B 38 -28.55 2.41 -12.39
N ARG B 39 -27.75 1.62 -11.67
CA ARG B 39 -27.83 0.17 -11.85
C ARG B 39 -27.46 -0.60 -10.56
N SER B 40 -28.24 -1.59 -10.15
CA SER B 40 -27.83 -2.47 -9.04
C SER B 40 -27.66 -3.88 -9.53
N ILE B 41 -26.58 -4.53 -9.08
CA ILE B 41 -26.40 -5.98 -9.31
C ILE B 41 -26.44 -6.65 -7.95
N LEU B 42 -27.32 -7.64 -7.77
CA LEU B 42 -27.62 -8.21 -6.45
C LEU B 42 -27.33 -9.70 -6.47
N PHE B 43 -26.82 -10.20 -5.35
CA PHE B 43 -26.63 -11.64 -5.11
C PHE B 43 -27.26 -11.89 -3.74
N SER B 44 -27.99 -12.99 -3.58
CA SER B 44 -28.61 -13.21 -2.29
C SER B 44 -29.03 -14.62 -2.20
N PHE B 45 -29.38 -15.07 -0.98
CA PHE B 45 -30.04 -16.37 -0.87
C PHE B 45 -31.54 -16.28 -1.14
N GLN B 46 -32.16 -15.13 -0.88
CA GLN B 46 -33.68 -15.12 -0.91
C GLN B 46 -34.09 -13.73 -1.21
N TYR B 47 -35.04 -13.53 -2.11
CA TYR B 47 -35.49 -12.19 -2.43
C TYR B 47 -36.99 -12.12 -2.25
N GLU B 48 -37.50 -11.07 -1.61
CA GLU B 48 -38.96 -10.89 -1.54
C GLU B 48 -39.19 -9.72 -2.46
N LEU B 49 -39.58 -9.99 -3.72
CA LEU B 49 -39.50 -8.99 -4.72
C LEU B 49 -40.29 -7.71 -4.44
N ASP B 50 -41.52 -7.82 -3.93
CA ASP B 50 -42.22 -6.54 -3.68
C ASP B 50 -41.52 -5.68 -2.60
N PHE B 51 -41.09 -6.32 -1.49
CA PHE B 51 -40.31 -5.64 -0.47
C PHE B 51 -39.05 -4.95 -1.10
N LEU B 52 -38.28 -5.70 -1.89
CA LEU B 52 -37.04 -5.19 -2.41
C LEU B 52 -37.23 -4.08 -3.41
N LEU B 53 -38.14 -4.29 -4.36
CA LEU B 53 -38.26 -3.31 -5.42
C LEU B 53 -38.86 -1.97 -4.96
N ARG B 54 -39.68 -1.98 -3.90
CA ARG B 54 -40.17 -0.73 -3.29
C ARG B 54 -39.02 0.14 -2.69
N GLN B 55 -37.82 -0.45 -2.49
CA GLN B 55 -36.65 0.32 -1.99
C GLN B 55 -36.04 1.26 -3.02
N PHE B 56 -36.36 1.07 -4.30
CA PHE B 56 -35.64 1.78 -5.38
C PHE B 56 -36.30 3.09 -5.74
N HIS B 57 -35.49 3.97 -6.32
CA HIS B 57 -35.95 5.21 -6.87
C HIS B 57 -36.38 4.98 -8.32
N GLN B 58 -37.37 5.73 -8.80
CA GLN B 58 -37.81 5.55 -10.17
C GLN B 58 -36.69 5.80 -11.23
N ASN B 59 -35.65 6.55 -10.86
CA ASN B 59 -34.52 6.79 -11.74
C ASN B 59 -33.63 5.59 -12.14
N VAL B 60 -33.76 4.47 -11.43
CA VAL B 60 -32.87 3.31 -11.66
C VAL B 60 -33.14 2.80 -13.09
N GLU B 61 -32.11 2.33 -13.79
CA GLU B 61 -32.28 1.85 -15.19
C GLU B 61 -32.26 0.32 -15.28
N ASN B 62 -31.58 -0.33 -14.36
CA ASN B 62 -31.44 -1.79 -14.44
C ASN B 62 -31.14 -2.34 -13.06
N ILE B 63 -31.81 -3.44 -12.75
CA ILE B 63 -31.54 -4.24 -11.59
C ILE B 63 -31.28 -5.69 -12.06
N THR B 64 -30.05 -6.16 -11.87
CA THR B 64 -29.68 -7.51 -12.27
C THR B 64 -29.59 -8.35 -11.00
N ILE B 65 -30.42 -9.38 -10.93
CA ILE B 65 -30.60 -10.16 -9.73
C ILE B 65 -30.08 -11.57 -9.95
N VAL B 66 -29.10 -11.98 -9.17
CA VAL B 66 -28.58 -13.37 -9.21
C VAL B 66 -29.09 -14.20 -8.05
N GLY B 67 -29.66 -15.37 -8.36
CA GLY B 67 -30.17 -16.21 -7.31
C GLY B 67 -30.42 -17.60 -7.78
N GLN B 68 -30.55 -18.53 -6.84
CA GLN B 68 -30.86 -19.91 -7.19
C GLN B 68 -32.22 -19.93 -7.80
N LYS B 69 -32.40 -20.76 -8.79
CA LYS B 69 -33.70 -20.85 -9.40
C LYS B 69 -34.67 -21.12 -8.26
N GLY B 70 -35.75 -20.38 -8.20
CA GLY B 70 -36.71 -20.56 -7.14
C GLY B 70 -36.56 -19.73 -5.88
N THR B 71 -35.45 -19.03 -5.69
CA THR B 71 -35.36 -18.19 -4.50
C THR B 71 -35.94 -16.82 -4.79
N ILE B 72 -36.40 -16.62 -6.02
CA ILE B 72 -36.94 -15.35 -6.41
C ILE B 72 -38.41 -15.46 -6.70
N MET B 73 -39.25 -15.16 -5.74
CA MET B 73 -40.67 -15.40 -5.97
CA MET B 73 -40.68 -15.42 -5.89
C MET B 73 -41.22 -14.17 -6.65
N PRO B 74 -41.96 -14.42 -7.71
CA PRO B 74 -42.55 -13.36 -8.51
C PRO B 74 -43.63 -12.70 -7.73
N ILE B 75 -43.89 -11.43 -7.97
CA ILE B 75 -44.98 -10.75 -7.30
C ILE B 75 -46.31 -11.21 -7.87
N GLU B 76 -47.28 -11.53 -7.01
CA GLU B 76 -48.60 -11.92 -7.48
C GLU B 76 -49.38 -10.69 -7.96
N ALA B 77 -50.35 -10.91 -8.84
CA ALA B 77 -51.14 -9.80 -9.39
C ALA B 77 -51.80 -8.96 -8.28
N ARG B 78 -52.43 -9.62 -7.32
CA ARG B 78 -53.03 -8.92 -6.18
C ARG B 78 -52.06 -8.02 -5.38
N ALA B 79 -50.76 -8.28 -5.43
CA ALA B 79 -49.75 -7.44 -4.75
C ALA B 79 -49.13 -6.36 -5.69
N MET B 80 -49.46 -6.40 -6.98
CA MET B 80 -48.96 -5.40 -7.94
C MET B 80 -49.59 -4.02 -7.74
N ASP B 81 -48.90 -2.99 -8.23
CA ASP B 81 -49.45 -1.65 -8.36
C ASP B 81 -48.70 -0.97 -9.47
N ALA B 82 -49.09 0.27 -9.76
CA ALA B 82 -48.48 1.07 -10.83
C ALA B 82 -46.96 1.14 -10.80
N THR B 83 -46.43 1.60 -9.67
CA THR B 83 -45.00 1.75 -9.42
C THR B 83 -44.18 0.46 -9.60
N LEU B 84 -44.69 -0.66 -9.07
CA LEU B 84 -44.01 -1.95 -9.15
C LEU B 84 -43.88 -2.41 -10.58
N ALA B 85 -44.93 -2.22 -11.38
CA ALA B 85 -44.92 -2.70 -12.76
C ALA B 85 -43.83 -2.04 -13.61
N VAL B 86 -43.55 -0.78 -13.31
CA VAL B 86 -42.51 0.01 -13.99
C VAL B 86 -41.10 -0.48 -13.58
N ILE B 87 -40.86 -0.61 -12.28
CA ILE B 87 -39.55 -1.08 -11.79
C ILE B 87 -39.28 -2.52 -12.26
N LEU B 88 -40.33 -3.37 -12.26
CA LEU B 88 -40.22 -4.77 -12.67
C LEU B 88 -39.68 -4.95 -14.10
N LYS B 89 -40.04 -4.04 -15.02
CA LYS B 89 -39.53 -4.09 -16.39
C LYS B 89 -38.03 -3.85 -16.44
N LYS B 90 -37.45 -3.36 -15.35
CA LYS B 90 -36.06 -2.99 -15.38
C LYS B 90 -35.20 -4.12 -14.81
N VAL B 91 -35.86 -5.18 -14.39
CA VAL B 91 -35.26 -6.34 -13.70
C VAL B 91 -34.79 -7.41 -14.71
N LYS B 92 -33.53 -7.83 -14.56
CA LYS B 92 -33.00 -8.98 -15.29
C LYS B 92 -32.65 -10.06 -14.30
N LEU B 93 -33.24 -11.24 -14.43
CA LEU B 93 -32.94 -12.37 -13.56
C LEU B 93 -31.85 -13.27 -14.15
N ILE B 94 -30.81 -13.59 -13.35
CA ILE B 94 -29.88 -14.66 -13.69
C ILE B 94 -30.10 -15.75 -12.66
N GLU B 95 -30.80 -16.79 -13.08
CA GLU B 95 -31.15 -17.93 -12.22
C GLU B 95 -30.14 -19.09 -12.31
N ILE B 96 -29.68 -19.54 -11.14
CA ILE B 96 -28.52 -20.44 -10.97
C ILE B 96 -29.06 -21.81 -10.67
N THR B 97 -28.55 -22.84 -11.39
CA THR B 97 -28.91 -24.22 -10.98
C THR B 97 -27.80 -24.77 -10.08
N MET B 98 -28.21 -25.24 -8.90
CA MET B 98 -27.23 -25.74 -7.93
C MET B 98 -27.26 -27.25 -7.96
N PRO B 99 -26.11 -27.90 -7.62
CA PRO B 99 -26.07 -29.31 -7.16
C PRO B 99 -27.05 -29.62 -5.99
N ALA B 102 -26.44 -28.08 -1.62
CA ALA B 102 -25.64 -26.87 -2.07
C ALA B 102 -26.48 -25.58 -2.17
N SER B 103 -25.99 -24.45 -1.65
CA SER B 103 -26.76 -23.23 -1.56
C SER B 103 -25.96 -22.05 -2.02
N HIS B 104 -26.67 -21.03 -2.45
CA HIS B 104 -26.07 -19.82 -2.89
C HIS B 104 -26.34 -18.86 -1.71
N HIS B 105 -25.37 -18.71 -0.81
CA HIS B 105 -25.58 -17.88 0.37
C HIS B 105 -24.98 -16.52 0.26
N THR B 106 -24.15 -16.27 -0.77
CA THR B 106 -23.49 -15.00 -0.93
C THR B 106 -24.49 -13.84 -0.98
N LYS B 107 -24.21 -12.81 -0.18
CA LYS B 107 -25.02 -11.58 -0.27
C LYS B 107 -24.06 -10.49 -0.68
N LEU B 108 -24.39 -9.84 -1.80
CA LEU B 108 -23.51 -8.89 -2.36
C LEU B 108 -24.32 -7.91 -3.20
N ILE B 109 -23.97 -6.62 -3.12
CA ILE B 109 -24.61 -5.54 -3.92
C ILE B 109 -23.53 -4.75 -4.63
N ILE B 110 -23.63 -4.61 -5.96
CA ILE B 110 -22.67 -3.80 -6.66
C ILE B 110 -23.51 -2.72 -7.31
N ASN B 111 -23.36 -1.46 -6.87
CA ASN B 111 -24.16 -0.35 -7.37
C ASN B 111 -23.37 0.55 -8.32
N PHE B 112 -24.03 1.00 -9.40
CA PHE B 112 -23.47 1.97 -10.32
C PHE B 112 -24.29 3.24 -10.30
N TYR B 113 -23.60 4.38 -10.21
CA TYR B 113 -24.26 5.64 -10.03
C TYR B 113 -23.93 6.54 -11.22
N ASP B 114 -24.65 7.66 -11.28
CA ASP B 114 -24.61 8.58 -12.41
C ASP B 114 -23.28 8.95 -13.04
N ASN B 115 -22.34 9.36 -12.20
CA ASN B 115 -21.12 10.03 -12.66
C ASN B 115 -19.93 9.04 -12.72
N GLY B 116 -20.20 7.83 -13.18
CA GLY B 116 -19.23 6.76 -13.14
C GLY B 116 -18.83 6.21 -11.76
N GLU B 117 -19.57 6.52 -10.72
CA GLU B 117 -19.24 6.01 -9.42
C GLU B 117 -19.77 4.59 -9.18
N CYS B 118 -19.09 3.84 -8.31
CA CYS B 118 -19.50 2.47 -7.96
C CYS B 118 -19.34 2.26 -6.45
N LYS B 119 -20.26 1.52 -5.81
CA LYS B 119 -20.12 1.13 -4.40
C LYS B 119 -20.54 -0.30 -4.25
N ILE B 120 -19.86 -1.03 -3.38
CA ILE B 120 -20.13 -2.43 -3.15
C ILE B 120 -20.54 -2.59 -1.65
N PHE B 121 -21.51 -3.46 -1.42
CA PHE B 121 -22.02 -3.73 -0.07
C PHE B 121 -22.08 -5.23 0.15
N LEU B 122 -21.81 -5.65 1.39
CA LEU B 122 -22.12 -7.02 1.82
C LEU B 122 -23.07 -6.97 3.03
N PRO B 123 -24.39 -7.05 2.77
CA PRO B 123 -25.35 -7.07 3.86
C PRO B 123 -25.43 -8.48 4.41
N SER B 124 -25.71 -8.63 5.70
CA SER B 124 -25.86 -9.98 6.26
C SER B 124 -27.27 -10.52 6.10
N ASN B 125 -28.23 -9.65 5.78
CA ASN B 125 -29.64 -10.07 5.68
C ASN B 125 -29.95 -10.42 4.19
N ASN B 126 -30.69 -11.50 3.98
CA ASN B 126 -31.34 -11.68 2.67
C ASN B 126 -32.32 -10.54 2.40
N PHE B 127 -32.75 -10.31 1.14
CA PHE B 127 -33.64 -9.26 0.86
C PHE B 127 -35.08 -9.58 1.12
N THR B 128 -35.39 -9.87 2.39
CA THR B 128 -36.79 -10.05 2.81
C THR B 128 -37.07 -9.13 4.02
N SER B 129 -38.34 -8.78 4.19
CA SER B 129 -38.75 -7.92 5.25
C SER B 129 -38.44 -8.60 6.61
N MET B 130 -38.82 -9.87 6.79
CA MET B 130 -38.53 -10.58 8.06
C MET B 130 -37.06 -10.65 8.42
N GLU B 131 -36.21 -11.04 7.50
CA GLU B 131 -34.79 -11.10 7.79
C GLU B 131 -34.23 -9.76 8.09
N THR B 132 -34.70 -8.75 7.39
CA THR B 132 -34.11 -7.41 7.57
C THR B 132 -34.45 -6.88 8.96
N ASN B 133 -35.63 -7.21 9.45
CA ASN B 133 -36.12 -6.67 10.70
C ASN B 133 -36.03 -7.46 12.00
N LEU B 134 -35.84 -8.76 11.95
CA LEU B 134 -35.87 -9.53 13.18
C LEU B 134 -34.51 -9.80 13.84
N PRO B 135 -33.69 -10.65 13.28
CA PRO B 135 -32.37 -10.87 13.88
C PRO B 135 -31.55 -9.62 13.63
N GLN B 136 -30.55 -9.33 14.43
CA GLN B 136 -29.72 -8.18 14.12
C GLN B 136 -28.89 -8.41 12.84
N GLN B 137 -28.77 -7.37 12.04
CA GLN B 137 -28.10 -7.46 10.78
C GLN B 137 -27.14 -6.25 10.58
N VAL B 138 -26.08 -6.47 9.84
CA VAL B 138 -25.10 -5.45 9.58
C VAL B 138 -24.82 -5.34 8.09
N CYS B 139 -24.10 -4.31 7.68
CA CYS B 139 -23.75 -4.16 6.28
C CYS B 139 -22.39 -3.53 6.14
N TRP B 140 -21.46 -4.25 5.49
CA TRP B 140 -20.18 -3.69 5.10
C TRP B 140 -20.36 -2.90 3.83
N CYS B 141 -19.83 -1.68 3.85
CA CYS B 141 -20.00 -0.71 2.75
C CYS B 141 -18.62 -0.31 2.22
N SER B 142 -18.32 -0.52 0.93
CA SER B 142 -16.97 -0.27 0.38
C SER B 142 -16.84 1.21 0.31
N PRO B 143 -15.60 1.68 0.14
CA PRO B 143 -15.43 3.09 -0.21
C PRO B 143 -15.98 3.31 -1.60
N LEU B 144 -16.14 4.56 -1.97
CA LEU B 144 -16.58 4.95 -3.28
C LEU B 144 -15.49 4.53 -4.27
N LEU B 145 -15.91 3.87 -5.36
CA LEU B 145 -15.03 3.51 -6.46
C LEU B 145 -15.43 4.32 -7.71
N LYS B 146 -14.51 4.40 -8.68
CA LYS B 146 -14.78 5.12 -9.95
C LYS B 146 -14.50 4.23 -11.15
N ILE B 147 -15.30 4.36 -12.19
CA ILE B 147 -14.97 3.72 -13.44
C ILE B 147 -13.71 4.40 -13.94
N GLY B 148 -12.74 3.61 -14.39
CA GLY B 148 -11.46 4.17 -14.84
C GLY B 148 -10.50 3.04 -15.13
N LYS B 149 -9.41 3.37 -15.81
CA LYS B 149 -8.40 2.39 -16.15
C LYS B 149 -7.64 1.98 -14.90
N GLU B 150 -7.11 0.78 -14.91
CA GLU B 150 -6.41 0.34 -13.72
C GLU B 150 -4.92 0.32 -13.86
N GLY B 151 -4.30 0.69 -12.75
CA GLY B 151 -2.89 0.58 -12.58
C GLY B 151 -2.62 -0.73 -11.89
N LEU B 152 -2.10 -0.60 -10.68
CA LEU B 152 -1.64 -1.72 -9.92
C LEU B 152 -2.78 -2.71 -9.70
N PRO B 153 -2.49 -4.00 -9.85
CA PRO B 153 -3.52 -5.02 -9.56
C PRO B 153 -3.99 -4.85 -8.13
N VAL B 154 -5.27 -5.08 -7.88
CA VAL B 154 -5.83 -4.95 -6.53
C VAL B 154 -6.35 -6.33 -6.19
N PRO B 155 -5.77 -6.97 -5.14
CA PRO B 155 -6.16 -8.33 -4.77
C PRO B 155 -7.68 -8.47 -4.62
N PHE B 156 -8.36 -7.50 -4.01
CA PHE B 156 -9.85 -7.63 -3.79
C PHE B 156 -10.54 -7.78 -5.14
N LYS B 157 -10.11 -6.96 -6.10
CA LYS B 157 -10.67 -7.01 -7.43
C LYS B 157 -10.39 -8.33 -8.13
N ARG B 158 -9.12 -8.76 -8.18
CA ARG B 158 -8.78 -10.09 -8.75
C ARG B 158 -9.57 -11.24 -8.11
N SER B 159 -9.76 -11.25 -6.79
CA SER B 159 -10.50 -12.33 -6.14
C SER B 159 -11.98 -12.23 -6.46
N LEU B 160 -12.51 -11.01 -6.52
CA LEU B 160 -13.93 -10.84 -6.86
C LEU B 160 -14.14 -11.37 -8.29
N ILE B 161 -13.22 -11.07 -9.18
CA ILE B 161 -13.35 -11.59 -10.56
C ILE B 161 -13.24 -13.12 -10.64
N GLU B 162 -12.29 -13.70 -9.90
CA GLU B 162 -12.22 -15.17 -9.81
C GLU B 162 -13.56 -15.79 -9.37
N TYR B 163 -14.13 -15.16 -8.36
CA TYR B 163 -15.37 -15.60 -7.76
C TYR B 163 -16.48 -15.54 -8.86
N LEU B 164 -16.62 -14.40 -9.54
CA LEU B 164 -17.68 -14.29 -10.57
C LEU B 164 -17.44 -15.33 -11.67
N ASN B 165 -16.19 -15.46 -12.12
CA ASN B 165 -15.85 -16.46 -13.14
C ASN B 165 -16.22 -17.85 -12.70
N SER B 166 -16.14 -18.13 -11.39
CA SER B 166 -16.43 -19.50 -10.85
C SER B 166 -17.90 -19.95 -10.96
N TYR B 167 -18.81 -19.03 -11.30
CA TYR B 167 -20.20 -19.45 -11.62
C TYR B 167 -20.27 -20.17 -12.97
N HIS B 168 -19.30 -19.89 -13.85
CA HIS B 168 -19.26 -20.45 -15.22
C HIS B 168 -20.57 -20.19 -16.01
N LEU B 169 -21.03 -18.94 -15.95
CA LEU B 169 -22.26 -18.54 -16.63
C LEU B 169 -21.97 -17.35 -17.52
N LYS B 170 -22.28 -17.54 -18.81
CA LYS B 170 -22.10 -16.50 -19.79
C LYS B 170 -22.77 -15.20 -19.34
N ASP B 171 -23.99 -15.30 -18.82
CA ASP B 171 -24.74 -14.13 -18.36
C ASP B 171 -23.96 -13.35 -17.29
N ILE B 172 -23.32 -14.07 -16.39
CA ILE B 172 -22.51 -13.41 -15.35
C ILE B 172 -21.28 -12.79 -15.99
N ASP B 173 -20.57 -13.55 -16.82
CA ASP B 173 -19.42 -13.01 -17.56
C ASP B 173 -19.76 -11.69 -18.26
N GLU B 174 -20.90 -11.64 -18.95
CA GLU B 174 -21.18 -10.53 -19.88
C GLU B 174 -21.86 -9.38 -19.16
N LEU B 175 -22.81 -9.70 -18.31
CA LEU B 175 -23.66 -8.69 -17.67
C LEU B 175 -23.10 -8.15 -16.36
N ILE B 176 -22.22 -8.92 -15.74
CA ILE B 176 -21.67 -8.51 -14.44
C ILE B 176 -20.19 -8.33 -14.47
N THR B 177 -19.46 -9.40 -14.76
CA THR B 177 -18.00 -9.29 -14.73
C THR B 177 -17.41 -8.20 -15.62
N LYS B 178 -17.93 -8.10 -16.83
CA LYS B 178 -17.43 -7.02 -17.69
C LYS B 178 -17.66 -5.63 -17.09
N SER B 179 -18.81 -5.41 -16.43
CA SER B 179 -19.04 -4.14 -15.78
C SER B 179 -18.07 -3.91 -14.59
N VAL B 180 -17.85 -4.94 -13.79
CA VAL B 180 -16.88 -4.88 -12.65
C VAL B 180 -15.46 -4.60 -13.12
N GLU B 181 -15.10 -5.19 -14.25
CA GLU B 181 -13.76 -4.95 -14.82
C GLU B 181 -13.41 -3.51 -15.08
N GLU B 182 -14.43 -2.71 -15.40
CA GLU B 182 -14.25 -1.27 -15.75
C GLU B 182 -14.00 -0.35 -14.56
N VAL B 183 -14.26 -0.88 -13.36
CA VAL B 183 -14.18 -0.07 -12.15
C VAL B 183 -12.76 -0.17 -11.63
N ASN B 184 -12.22 0.98 -11.21
CA ASN B 184 -10.91 1.02 -10.60
C ASN B 184 -11.05 0.73 -9.11
N PHE B 185 -10.32 -0.26 -8.61
CA PHE B 185 -10.54 -0.75 -7.22
C PHE B 185 -9.44 -0.26 -6.27
N ALA B 186 -8.67 0.75 -6.67
CA ALA B 186 -7.58 1.23 -5.80
C ALA B 186 -8.02 1.55 -4.35
N PRO B 187 -9.21 2.17 -4.14
CA PRO B 187 -9.64 2.41 -2.75
C PRO B 187 -9.72 1.14 -1.88
N LEU B 188 -9.78 -0.05 -2.51
CA LEU B 188 -9.85 -1.30 -1.78
C LEU B 188 -8.56 -2.09 -1.74
N SER B 189 -7.44 -1.42 -1.95
CA SER B 189 -6.16 -2.11 -2.06
C SER B 189 -5.70 -2.75 -0.74
N GLU B 190 -6.33 -2.39 0.41
CA GLU B 190 -5.90 -2.97 1.72
C GLU B 190 -6.63 -4.27 2.06
N LEU B 191 -7.72 -4.55 1.37
CA LEU B 191 -8.69 -5.57 1.83
C LEU B 191 -8.60 -6.79 0.95
N GLU B 192 -9.22 -7.87 1.37
CA GLU B 192 -9.20 -9.12 0.61
C GLU B 192 -10.58 -9.56 0.53
N PHE B 193 -10.96 -10.10 -0.63
CA PHE B 193 -12.30 -10.68 -0.88
C PHE B 193 -12.11 -12.20 -0.77
N VAL B 194 -12.81 -12.79 0.21
CA VAL B 194 -12.62 -14.19 0.61
C VAL B 194 -13.92 -14.93 0.30
N TYR B 195 -13.86 -16.06 -0.45
CA TYR B 195 -15.16 -16.65 -0.89
C TYR B 195 -15.13 -18.14 -0.87
N SER B 196 -16.30 -18.74 -0.93
CA SER B 196 -16.41 -20.14 -1.27
C SER B 196 -17.17 -20.24 -2.55
N THR B 197 -16.80 -21.27 -3.33
CA THR B 197 -17.54 -21.63 -4.53
C THR B 197 -17.54 -23.15 -4.68
N PRO B 198 -18.62 -23.74 -5.24
CA PRO B 198 -18.66 -25.15 -5.52
C PRO B 198 -17.89 -25.54 -6.76
N SER B 199 -17.39 -24.55 -7.50
CA SER B 199 -16.65 -24.80 -8.73
C SER B 199 -15.48 -25.75 -8.46
N LYS B 200 -15.34 -26.76 -9.33
CA LYS B 200 -14.18 -27.66 -9.23
C LYS B 200 -12.90 -27.01 -9.81
N PHE B 201 -13.04 -25.89 -10.50
CA PHE B 201 -11.89 -25.24 -11.14
C PHE B 201 -11.23 -24.06 -10.42
N GLN B 202 -11.76 -23.70 -9.25
CA GLN B 202 -11.26 -22.55 -8.50
C GLN B 202 -11.17 -22.95 -7.04
N SER B 203 -9.99 -22.86 -6.44
CA SER B 203 -9.89 -23.13 -5.00
C SER B 203 -10.54 -21.99 -4.24
N SER B 204 -11.12 -22.34 -3.10
CA SER B 204 -11.90 -21.41 -2.33
C SER B 204 -12.06 -22.00 -0.95
N GLY B 205 -12.81 -21.33 -0.10
CA GLY B 205 -13.16 -21.91 1.19
C GLY B 205 -11.96 -21.96 2.15
N LEU B 206 -12.04 -22.89 3.10
CA LEU B 206 -11.06 -22.94 4.16
C LEU B 206 -9.63 -23.09 3.66
N LEU B 207 -9.42 -24.04 2.75
CA LEU B 207 -8.10 -24.27 2.20
C LEU B 207 -7.46 -22.98 1.69
N SER B 208 -8.21 -22.23 0.90
CA SER B 208 -7.70 -21.02 0.27
C SER B 208 -7.52 -19.92 1.35
N PHE B 209 -8.45 -19.89 2.30
CA PHE B 209 -8.39 -18.91 3.37
C PHE B 209 -7.13 -19.15 4.27
N TYR B 210 -6.94 -20.41 4.65
CA TYR B 210 -5.76 -20.84 5.38
C TYR B 210 -4.47 -20.44 4.65
N ASN B 211 -4.39 -20.76 3.34
CA ASN B 211 -3.24 -20.38 2.52
C ASN B 211 -2.99 -18.85 2.49
N LYS B 212 -4.06 -18.08 2.39
CA LYS B 212 -3.96 -16.65 2.38
C LYS B 212 -3.47 -16.11 3.74
N LEU B 213 -4.05 -16.57 4.85
CA LEU B 213 -3.51 -16.23 6.17
C LEU B 213 -2.03 -16.61 6.35
N GLU B 214 -1.62 -17.81 5.94
CA GLU B 214 -0.17 -18.19 5.95
C GLU B 214 0.72 -17.20 5.19
N LYS B 215 0.30 -16.84 3.99
CA LYS B 215 1.08 -15.90 3.17
C LYS B 215 1.09 -14.49 3.80
N LEU B 216 -0.02 -14.06 4.38
CA LEU B 216 -0.09 -12.72 4.97
C LEU B 216 0.62 -12.56 6.32
N SER B 217 0.92 -13.65 7.01
CA SER B 217 1.71 -13.48 8.22
C SER B 217 3.18 -13.86 7.99
N ASP B 224 4.96 -14.69 23.65
CA ASP B 224 4.21 -15.43 24.68
C ASP B 224 2.76 -14.89 24.88
N THR B 225 2.16 -14.51 23.77
CA THR B 225 0.88 -13.86 23.81
C THR B 225 -0.26 -14.91 23.91
N ALA B 226 -1.36 -14.59 24.60
CA ALA B 226 -2.53 -15.43 24.53
C ALA B 226 -3.10 -15.23 23.12
N LYS B 227 -3.62 -16.31 22.52
CA LYS B 227 -4.12 -16.29 21.13
C LYS B 227 -5.67 -16.49 21.13
N HIS B 228 -6.41 -15.41 20.88
CA HIS B 228 -7.87 -15.42 20.89
C HIS B 228 -8.41 -15.66 19.50
N TYR B 229 -9.19 -16.72 19.35
CA TYR B 229 -9.91 -16.95 18.06
C TYR B 229 -11.40 -16.97 18.32
N LEU B 230 -12.10 -16.02 17.74
CA LEU B 230 -13.54 -15.89 17.96
C LEU B 230 -14.33 -16.06 16.63
N CYS B 231 -15.45 -16.79 16.65
CA CYS B 231 -16.33 -17.00 15.54
C CYS B 231 -17.72 -16.51 16.04
N GLN B 232 -18.50 -15.78 15.27
CA GLN B 232 -19.88 -15.50 15.63
C GLN B 232 -20.68 -15.97 14.39
N THR B 233 -21.66 -16.88 14.57
CA THR B 233 -22.27 -17.58 13.43
C THR B 233 -23.71 -17.79 13.79
N SER B 234 -24.57 -17.91 12.77
CA SER B 234 -25.93 -18.23 13.12
C SER B 234 -26.21 -19.74 13.12
N SER B 235 -25.26 -20.53 12.57
CA SER B 235 -25.41 -21.97 12.44
C SER B 235 -24.18 -22.57 12.94
N ILE B 236 -24.31 -23.66 13.67
CA ILE B 236 -23.16 -24.48 14.04
C ILE B 236 -23.43 -25.86 13.49
N GLY B 237 -22.53 -26.33 12.62
CA GLY B 237 -22.75 -27.63 11.91
C GLY B 237 -22.41 -28.73 12.89
N THR B 238 -22.76 -29.93 12.55
CA THR B 238 -22.42 -31.06 13.41
C THR B 238 -20.96 -31.59 13.20
N SER B 239 -20.66 -32.72 13.87
CA SER B 239 -19.33 -33.29 13.85
C SER B 239 -18.80 -33.53 12.45
N LEU B 240 -17.51 -33.24 12.26
CA LEU B 240 -16.86 -33.56 11.01
C LEU B 240 -16.76 -35.08 10.78
N SER B 241 -16.96 -35.88 11.83
CA SER B 241 -16.80 -37.32 11.75
C SER B 241 -17.99 -38.00 12.42
N ARG B 242 -18.41 -39.12 11.84
CA ARG B 242 -19.48 -39.95 12.40
C ARG B 242 -19.01 -40.71 13.66
N ALA B 243 -17.72 -41.01 13.74
CA ALA B 243 -17.18 -41.82 14.83
C ALA B 243 -16.70 -41.03 16.06
N ARG B 244 -16.36 -39.75 15.86
CA ARG B 244 -15.74 -38.92 16.90
C ARG B 244 -16.38 -37.51 16.92
N ASP B 245 -16.31 -36.85 18.06
CA ASP B 245 -16.84 -35.52 18.19
C ASP B 245 -15.75 -34.54 17.77
N GLU B 246 -15.88 -33.99 16.56
CA GLU B 246 -14.91 -33.04 16.00
C GLU B 246 -15.61 -31.81 15.41
N ASN B 247 -15.27 -30.63 15.95
CA ASN B 247 -15.90 -29.43 15.52
C ASN B 247 -15.02 -28.67 14.52
N LEU B 248 -15.65 -28.14 13.47
CA LEU B 248 -14.93 -27.36 12.46
C LEU B 248 -13.99 -26.26 13.06
N TRP B 249 -14.49 -25.53 14.05
CA TRP B 249 -13.68 -24.45 14.62
C TRP B 249 -12.59 -25.00 15.53
N THR B 250 -12.99 -25.79 16.54
CA THR B 250 -11.98 -26.20 17.53
C THR B 250 -11.04 -27.29 17.01
N HIS B 251 -11.55 -28.21 16.16
CA HIS B 251 -10.73 -29.32 15.63
C HIS B 251 -9.99 -29.11 14.31
N LEU B 252 -10.45 -28.18 13.50
CA LEU B 252 -9.79 -28.02 12.22
C LEU B 252 -9.26 -26.61 11.98
N MET B 253 -10.14 -25.60 12.08
CA MET B 253 -9.74 -24.26 11.72
C MET B 253 -8.69 -23.65 12.67
N ILE B 254 -8.97 -23.69 13.98
CA ILE B 254 -8.02 -23.13 14.93
C ILE B 254 -6.70 -23.91 14.90
N PRO B 255 -6.75 -25.26 14.90
CA PRO B 255 -5.48 -25.97 14.76
C PRO B 255 -4.70 -25.60 13.51
N LEU B 256 -5.36 -25.41 12.37
CA LEU B 256 -4.64 -24.97 11.18
C LEU B 256 -4.03 -23.59 11.38
N PHE B 257 -4.85 -22.63 11.87
CA PHE B 257 -4.37 -21.24 11.93
C PHE B 257 -3.19 -21.07 12.88
N THR B 258 -3.15 -21.86 13.94
CA THR B 258 -2.15 -21.71 14.99
C THR B 258 -0.91 -22.51 14.65
N GLY B 259 -0.98 -23.43 13.69
CA GLY B 259 0.19 -24.24 13.34
C GLY B 259 0.22 -25.56 14.09
N ILE B 260 -0.83 -25.87 14.88
CA ILE B 260 -0.97 -27.19 15.52
C ILE B 260 -0.99 -28.31 14.50
N MET B 261 -1.65 -28.09 13.37
CA MET B 261 -1.61 -29.03 12.26
C MET B 261 -1.25 -28.30 10.96
N SER B 262 -0.76 -29.04 9.98
CA SER B 262 -0.57 -28.51 8.62
C SER B 262 -1.26 -29.43 7.64
N PRO B 263 -1.56 -28.93 6.43
CA PRO B 263 -1.99 -29.85 5.37
C PRO B 263 -0.78 -30.63 4.83
N PRO B 264 -0.99 -31.92 4.49
CA PRO B 264 0.12 -32.75 4.02
C PRO B 264 0.45 -32.49 2.55
N ILE B 276 -6.74 -34.87 11.60
CA ILE B 276 -7.33 -34.23 12.79
C ILE B 276 -6.93 -34.92 14.10
N LEU B 277 -6.45 -34.14 15.06
CA LEU B 277 -5.92 -34.64 16.34
C LEU B 277 -6.99 -35.06 17.36
N PRO B 278 -6.67 -36.08 18.22
CA PRO B 278 -7.60 -36.45 19.29
C PRO B 278 -7.93 -35.25 20.18
N THR B 279 -9.16 -35.18 20.65
CA THR B 279 -9.62 -34.06 21.46
C THR B 279 -8.75 -33.73 22.65
N ASN B 280 -8.35 -34.75 23.41
CA ASN B 280 -7.57 -34.50 24.60
C ASN B 280 -6.18 -33.92 24.28
N SER B 281 -5.62 -34.32 23.15
CA SER B 281 -4.37 -33.73 22.67
C SER B 281 -4.56 -32.25 22.36
N LEU B 282 -5.70 -31.90 21.75
CA LEU B 282 -5.97 -30.52 21.40
C LEU B 282 -6.09 -29.66 22.63
N ILE B 283 -6.74 -30.18 23.68
CA ILE B 283 -7.01 -29.41 24.91
C ILE B 283 -5.70 -29.04 25.60
N ASN B 284 -4.78 -30.00 25.67
CA ASN B 284 -3.39 -29.74 26.14
C ASN B 284 -2.61 -28.75 25.31
N GLU B 285 -2.62 -28.93 23.98
CA GLU B 285 -2.06 -27.95 23.04
C GLU B 285 -2.65 -26.57 23.23
N TYR B 286 -3.95 -26.46 23.44
CA TYR B 286 -4.58 -25.17 23.65
C TYR B 286 -4.02 -24.53 24.93
N SER B 287 -3.98 -25.35 25.98
CA SER B 287 -3.50 -24.92 27.28
C SER B 287 -2.05 -24.39 27.18
N GLN B 288 -1.20 -25.18 26.52
CA GLN B 288 0.23 -24.89 26.40
C GLN B 288 0.53 -23.71 25.51
N ARG B 289 -0.25 -23.52 24.44
CA ARG B 289 -0.08 -22.38 23.54
C ARG B 289 -0.93 -21.15 23.94
N LYS B 290 -1.72 -21.29 25.01
CA LYS B 290 -2.60 -20.22 25.51
C LYS B 290 -3.62 -19.81 24.42
N ILE B 291 -4.20 -20.80 23.76
CA ILE B 291 -5.21 -20.58 22.74
C ILE B 291 -6.53 -20.50 23.45
N LYS B 292 -7.31 -19.47 23.09
CA LYS B 292 -8.62 -19.25 23.67
C LYS B 292 -9.65 -19.25 22.53
N PRO B 293 -10.48 -20.30 22.42
CA PRO B 293 -11.51 -20.32 21.36
C PRO B 293 -12.83 -19.69 21.82
N TYR B 294 -13.55 -19.02 20.92
CA TYR B 294 -14.85 -18.45 21.30
C TYR B 294 -15.82 -18.71 20.16
N ILE B 295 -17.06 -19.10 20.49
CA ILE B 295 -18.09 -19.09 19.57
C ILE B 295 -19.22 -18.34 20.25
N ILE B 296 -19.77 -17.33 19.57
CA ILE B 296 -20.91 -16.54 20.06
C ILE B 296 -22.14 -17.05 19.43
N PHE B 297 -23.08 -17.52 20.28
CA PHE B 297 -24.25 -18.13 19.75
C PHE B 297 -25.28 -17.94 20.87
N PRO B 298 -26.57 -17.68 20.50
CA PRO B 298 -27.46 -17.26 21.57
C PRO B 298 -27.78 -18.41 22.58
N THR B 299 -27.89 -18.03 23.86
CA THR B 299 -28.45 -18.96 24.87
C THR B 299 -29.91 -19.03 24.80
N GLU B 300 -30.48 -20.00 25.54
CA GLU B 300 -31.96 -20.11 25.62
C GLU B 300 -32.56 -18.89 26.28
N GLN B 301 -31.90 -18.40 27.30
CA GLN B 301 -32.38 -17.23 28.07
C GLN B 301 -32.26 -15.88 27.31
N GLU B 302 -31.28 -15.73 26.42
CA GLU B 302 -31.17 -14.52 25.61
C GLU B 302 -32.39 -14.19 24.76
N PHE B 303 -33.19 -15.19 24.36
CA PHE B 303 -34.48 -14.88 23.79
C PHE B 303 -35.52 -14.23 24.74
N VAL B 304 -35.46 -14.61 26.01
CA VAL B 304 -36.34 -14.07 27.03
C VAL B 304 -36.11 -12.58 27.14
N THR B 305 -34.87 -12.13 27.11
CA THR B 305 -34.55 -10.70 27.18
C THR B 305 -34.34 -10.01 25.79
N SER B 306 -34.93 -10.59 24.72
CA SER B 306 -34.99 -9.95 23.41
C SER B 306 -36.36 -9.27 23.30
N PRO B 307 -36.43 -8.06 22.75
CA PRO B 307 -37.75 -7.39 22.66
C PRO B 307 -38.80 -8.23 21.92
N LEU B 308 -38.42 -8.99 20.92
CA LEU B 308 -39.37 -9.78 20.19
C LEU B 308 -39.38 -11.26 20.60
N LYS B 309 -38.81 -11.52 21.75
CA LYS B 309 -38.77 -12.83 22.33
C LYS B 309 -38.12 -13.86 21.39
N TRP B 310 -38.81 -14.93 21.10
CA TRP B 310 -38.26 -15.95 20.25
C TRP B 310 -38.43 -15.65 18.77
N SER B 311 -38.93 -14.47 18.42
CA SER B 311 -39.21 -14.15 16.99
C SER B 311 -38.01 -14.35 16.10
N SER B 312 -36.83 -13.98 16.57
CA SER B 312 -35.62 -14.08 15.74
C SER B 312 -34.99 -15.48 15.82
N SER B 313 -35.60 -16.45 16.53
CA SER B 313 -34.76 -17.63 16.93
C SER B 313 -34.65 -18.62 15.71
N GLY B 314 -35.60 -18.54 14.78
CA GLY B 314 -35.63 -19.43 13.62
C GLY B 314 -34.36 -19.26 12.77
N TRP B 315 -33.67 -18.11 12.84
CA TRP B 315 -32.41 -17.88 12.15
C TRP B 315 -31.17 -18.52 12.81
N PHE B 316 -31.32 -19.14 13.97
CA PHE B 316 -30.16 -19.71 14.70
C PHE B 316 -30.27 -21.20 14.84
N HIS B 317 -29.32 -21.92 14.24
CA HIS B 317 -29.52 -23.38 14.02
C HIS B 317 -28.30 -24.13 14.61
N PHE B 318 -28.52 -24.82 15.71
CA PHE B 318 -27.49 -25.69 16.33
C PHE B 318 -28.26 -26.90 16.84
N GLN B 319 -28.38 -27.92 16.00
CA GLN B 319 -29.27 -29.07 16.36
C GLN B 319 -28.43 -30.18 17.01
N TYR B 320 -28.20 -30.06 18.31
CA TYR B 320 -27.28 -30.96 19.00
C TYR B 320 -27.96 -32.02 19.88
N LEU B 321 -29.31 -32.07 19.90
CA LEU B 321 -29.98 -32.97 20.81
C LEU B 321 -29.72 -34.44 20.48
N GLN B 322 -29.54 -34.75 19.19
CA GLN B 322 -29.33 -36.15 18.78
C GLN B 322 -27.89 -36.65 19.01
N LYS B 323 -26.99 -35.75 19.35
CA LYS B 323 -25.57 -36.11 19.51
C LYS B 323 -25.01 -35.15 20.58
N LYS B 324 -25.50 -35.35 21.80
CA LYS B 324 -25.23 -34.44 22.89
C LYS B 324 -23.77 -34.44 23.41
N SER B 325 -23.05 -35.55 23.23
CA SER B 325 -21.66 -35.56 23.66
C SER B 325 -20.82 -34.53 22.90
N TYR B 326 -21.18 -34.27 21.64
CA TYR B 326 -20.52 -33.23 20.82
C TYR B 326 -20.71 -31.86 21.47
N TYR B 327 -21.94 -31.52 21.86
CA TYR B 327 -22.23 -30.23 22.53
C TYR B 327 -21.53 -30.11 23.89
N GLU B 328 -21.59 -31.18 24.69
CA GLU B 328 -20.91 -31.17 25.98
C GLU B 328 -19.40 -30.96 25.83
N MET B 329 -18.80 -31.58 24.81
CA MET B 329 -17.39 -31.35 24.55
CA MET B 329 -17.39 -31.36 24.50
C MET B 329 -17.09 -29.87 24.30
N LEU B 330 -17.92 -29.22 23.46
CA LEU B 330 -17.67 -27.81 23.15
C LEU B 330 -17.99 -26.92 24.37
N ARG B 331 -19.08 -27.23 25.05
CA ARG B 331 -19.52 -26.43 26.19
C ARG B 331 -18.57 -26.55 27.42
N ASN B 332 -18.17 -27.78 27.76
CA ASN B 332 -17.48 -28.04 29.02
C ASN B 332 -16.03 -28.26 28.89
N LYS B 333 -15.60 -28.87 27.79
CA LYS B 333 -14.15 -29.19 27.66
C LYS B 333 -13.39 -28.08 26.97
N PHE B 334 -13.92 -27.57 25.85
CA PHE B 334 -13.32 -26.40 25.23
C PHE B 334 -13.78 -25.09 25.82
N LYS B 335 -14.91 -25.11 26.56
CA LYS B 335 -15.48 -23.90 27.20
C LYS B 335 -15.58 -22.80 26.16
N VAL B 336 -16.14 -23.20 25.03
CA VAL B 336 -16.05 -22.38 23.86
C VAL B 336 -17.19 -21.32 23.75
N PHE B 337 -18.31 -21.46 24.46
CA PHE B 337 -19.46 -20.61 24.16
C PHE B 337 -19.46 -19.26 24.91
N TYR B 338 -19.86 -18.21 24.17
CA TYR B 338 -19.82 -16.85 24.72
C TYR B 338 -21.17 -16.20 24.42
N LYS B 339 -21.61 -15.33 25.32
CA LYS B 339 -22.94 -14.70 25.19
C LYS B 339 -22.76 -13.17 25.32
N GLN B 340 -23.84 -12.42 25.07
CA GLN B 340 -23.77 -10.95 25.13
C GLN B 340 -23.56 -10.54 26.58
N ASP B 341 -22.97 -9.38 26.79
CA ASP B 341 -22.87 -8.80 28.13
C ASP B 341 -24.21 -8.05 28.33
N PRO B 342 -25.07 -8.53 29.25
CA PRO B 342 -26.44 -7.96 29.34
C PRO B 342 -26.41 -6.51 29.83
N ALA B 343 -25.31 -6.12 30.46
CA ALA B 343 -25.17 -4.74 30.94
C ALA B 343 -24.83 -3.71 29.83
N MET B 344 -24.43 -4.16 28.63
CA MET B 344 -23.94 -3.27 27.56
CA MET B 344 -24.00 -3.19 27.61
C MET B 344 -24.95 -3.11 26.39
N VAL B 345 -25.93 -4.00 26.31
CA VAL B 345 -26.86 -3.99 25.18
C VAL B 345 -27.88 -2.83 25.29
N THR B 346 -28.33 -2.32 24.15
CA THR B 346 -29.32 -1.27 24.17
C THR B 346 -30.66 -1.81 24.70
N ARG B 347 -31.51 -0.93 25.19
CA ARG B 347 -32.89 -1.32 25.53
C ARG B 347 -33.63 -1.68 24.23
N ARG B 348 -33.40 -0.93 23.16
CA ARG B 348 -34.20 -1.20 21.97
C ARG B 348 -33.89 -2.57 21.27
N ARG B 349 -32.67 -3.09 21.41
CA ARG B 349 -32.32 -4.38 20.83
C ARG B 349 -32.17 -5.52 21.85
N GLY B 350 -31.90 -5.15 23.13
CA GLY B 350 -31.68 -6.14 24.18
C GLY B 350 -30.66 -7.20 23.73
N THR B 351 -30.92 -8.46 24.10
CA THR B 351 -29.95 -9.54 23.72
C THR B 351 -30.34 -10.22 22.41
N THR B 352 -31.00 -9.49 21.51
CA THR B 352 -31.33 -10.08 20.20
C THR B 352 -30.04 -10.54 19.45
N PRO B 353 -29.96 -11.86 19.06
CA PRO B 353 -28.80 -12.36 18.36
C PRO B 353 -28.68 -11.77 16.96
N ALA B 354 -27.46 -11.86 16.39
CA ALA B 354 -27.07 -11.27 15.12
C ALA B 354 -26.90 -12.38 14.07
N ASN B 355 -27.32 -12.10 12.84
CA ASN B 355 -27.21 -13.09 11.75
C ASN B 355 -25.97 -12.78 10.91
N SER B 356 -25.14 -11.85 11.37
CA SER B 356 -23.81 -11.61 10.77
C SER B 356 -22.96 -12.86 11.02
N LYS B 357 -21.86 -13.03 10.27
CA LYS B 357 -20.86 -14.04 10.59
C LYS B 357 -19.52 -13.39 10.65
N PHE B 358 -18.83 -13.47 11.79
CA PHE B 358 -17.51 -12.90 11.87
C PHE B 358 -16.59 -13.98 12.37
N TYR B 359 -15.33 -13.92 11.92
CA TYR B 359 -14.23 -14.75 12.36
C TYR B 359 -13.08 -13.81 12.60
N MET B 360 -12.39 -13.89 13.74
CA MET B 360 -11.39 -12.93 14.06
C MET B 360 -10.36 -13.48 15.01
N HIS B 361 -9.18 -12.89 14.97
CA HIS B 361 -8.11 -13.35 15.79
C HIS B 361 -7.43 -12.14 16.43
N CYS B 362 -7.25 -12.20 17.77
CA CYS B 362 -6.62 -11.14 18.56
C CYS B 362 -5.44 -11.81 19.30
N ALA B 363 -4.27 -11.17 19.30
CA ALA B 363 -3.16 -11.60 20.14
C ALA B 363 -2.88 -10.53 21.25
N THR B 364 -2.95 -10.92 22.54
CA THR B 364 -2.80 -10.02 23.73
C THR B 364 -1.54 -10.23 24.59
N ASN B 365 -1.08 -9.17 25.26
CA ASN B 365 0.05 -9.21 26.20
C ASN B 365 1.10 -8.17 25.84
N SER B 373 -11.99 -8.14 27.91
CA SER B 373 -12.22 -6.78 28.42
C SER B 373 -11.84 -5.69 27.36
N GLN B 374 -10.53 -5.59 27.09
CA GLN B 374 -10.00 -4.89 25.92
C GLN B 374 -9.71 -5.85 24.75
N VAL B 375 -9.90 -7.15 24.98
CA VAL B 375 -9.68 -8.17 23.95
C VAL B 375 -10.58 -7.88 22.72
N PHE B 376 -10.02 -8.05 21.52
CA PHE B 376 -10.74 -7.87 20.25
C PHE B 376 -10.85 -6.41 19.76
N LYS B 377 -10.36 -5.45 20.55
CA LYS B 377 -10.37 -4.08 20.11
C LYS B 377 -9.24 -3.77 19.10
N GLU B 378 -8.21 -4.59 19.10
CA GLU B 378 -7.14 -4.58 18.10
C GLU B 378 -7.00 -6.01 17.60
N LEU B 379 -7.13 -6.21 16.31
CA LEU B 379 -7.11 -7.57 15.76
C LEU B 379 -5.92 -7.82 14.87
N GLU B 380 -5.45 -9.05 14.82
CA GLU B 380 -4.49 -9.51 13.80
C GLU B 380 -5.22 -9.57 12.43
N TRP B 381 -6.44 -10.06 12.47
CA TRP B 381 -7.28 -10.19 11.28
C TRP B 381 -8.76 -10.40 11.63
N CYS B 382 -9.66 -10.09 10.70
CA CYS B 382 -11.07 -10.23 10.92
C CYS B 382 -11.74 -10.46 9.56
N LEU B 383 -12.56 -11.50 9.48
CA LEU B 383 -13.27 -11.82 8.28
C LEU B 383 -14.73 -11.62 8.62
N TYR B 384 -15.44 -10.88 7.76
CA TYR B 384 -16.87 -10.80 7.83
C TYR B 384 -17.41 -11.45 6.56
N THR B 385 -18.40 -12.34 6.67
CA THR B 385 -18.74 -13.15 5.57
C THR B 385 -20.18 -13.69 5.68
N SER B 386 -20.75 -14.23 4.60
CA SER B 386 -21.99 -14.95 4.73
C SER B 386 -21.72 -16.36 5.25
N ALA B 387 -20.45 -16.80 5.30
CA ALA B 387 -20.20 -18.22 5.62
C ALA B 387 -20.45 -18.62 7.10
N ASN B 388 -21.45 -19.48 7.35
CA ASN B 388 -21.65 -20.04 8.71
C ASN B 388 -20.56 -21.05 9.02
N LEU B 389 -20.49 -21.48 10.28
CA LEU B 389 -19.50 -22.42 10.72
C LEU B 389 -19.95 -23.87 10.37
N SER B 390 -19.90 -24.17 9.08
CA SER B 390 -20.24 -25.51 8.62
C SER B 390 -19.26 -25.97 7.51
N GLN B 391 -19.03 -27.28 7.46
CA GLN B 391 -18.32 -27.91 6.35
C GLN B 391 -18.85 -27.57 4.97
N THR B 392 -20.17 -27.46 4.83
CA THR B 392 -20.72 -27.15 3.52
C THR B 392 -20.29 -25.72 3.05
N ALA B 393 -20.16 -24.76 3.98
CA ALA B 393 -19.76 -23.37 3.59
C ALA B 393 -18.26 -23.29 3.34
N TRP B 394 -17.50 -24.08 4.13
CA TRP B 394 -16.03 -23.87 4.19
C TRP B 394 -15.23 -24.95 3.45
N GLY B 395 -15.85 -26.12 3.43
CA GLY B 395 -15.12 -27.33 3.03
C GLY B 395 -14.17 -27.71 4.17
N THR B 396 -13.25 -28.60 3.87
CA THR B 396 -12.20 -29.00 4.78
C THR B 396 -10.84 -28.88 4.07
N VAL B 397 -9.84 -29.60 4.55
CA VAL B 397 -8.56 -29.60 3.84
C VAL B 397 -8.74 -30.39 2.54
N SER B 398 -9.48 -31.50 2.61
CA SER B 398 -9.64 -32.34 1.42
C SER B 398 -10.97 -32.19 0.65
N ARG B 399 -12.05 -31.70 1.29
CA ARG B 399 -13.35 -31.50 0.59
C ARG B 399 -13.56 -30.04 0.23
N LYS B 400 -14.11 -29.78 -0.97
CA LYS B 400 -14.37 -28.42 -1.42
C LYS B 400 -15.70 -27.91 -0.81
N PRO B 401 -15.85 -26.59 -0.65
CA PRO B 401 -17.14 -26.04 -0.18
C PRO B 401 -18.23 -26.50 -1.16
N ARG B 402 -19.46 -26.59 -0.69
CA ARG B 402 -20.62 -26.88 -1.55
C ARG B 402 -21.42 -25.60 -1.84
N ASN B 403 -21.12 -24.53 -1.10
CA ASN B 403 -21.88 -23.29 -1.25
C ASN B 403 -21.14 -22.21 -1.93
N TYR B 404 -21.91 -21.24 -2.47
CA TYR B 404 -21.39 -19.93 -2.72
C TYR B 404 -21.49 -19.15 -1.44
N GLU B 405 -20.36 -18.56 -1.03
CA GLU B 405 -20.24 -17.66 0.12
C GLU B 405 -19.27 -16.55 -0.20
N ALA B 406 -19.44 -15.38 0.42
CA ALA B 406 -18.45 -14.31 0.16
C ALA B 406 -18.34 -13.41 1.39
N GLY B 407 -17.14 -12.83 1.55
CA GLY B 407 -16.92 -11.93 2.65
C GLY B 407 -15.69 -11.09 2.43
N VAL B 408 -15.37 -10.23 3.43
CA VAL B 408 -14.23 -9.34 3.27
C VAL B 408 -13.33 -9.58 4.45
N LEU B 409 -12.03 -9.62 4.19
CA LEU B 409 -11.02 -9.89 5.22
C LEU B 409 -10.16 -8.62 5.42
N TYR B 410 -10.06 -8.19 6.70
CA TYR B 410 -9.16 -7.12 7.17
C TYR B 410 -8.00 -7.82 7.85
N HIS B 411 -6.78 -7.60 7.35
CA HIS B 411 -5.60 -8.19 7.95
C HIS B 411 -4.64 -7.09 8.33
N SER B 412 -4.13 -7.16 9.55
CA SER B 412 -3.30 -6.08 10.03
C SER B 412 -2.04 -5.83 9.21
N ARG B 413 -1.46 -6.89 8.61
CA ARG B 413 -0.27 -6.74 7.74
C ARG B 413 -0.55 -6.13 6.36
N ARG B 414 -1.82 -6.00 5.99
CA ARG B 414 -2.23 -5.42 4.74
C ARG B 414 -2.74 -4.00 4.86
N LEU B 415 -2.93 -3.55 6.08
CA LEU B 415 -3.43 -2.21 6.32
C LEU B 415 -2.40 -1.14 6.09
N ALA B 416 -2.86 0.03 5.68
CA ALA B 416 -1.99 1.16 5.49
C ALA B 416 -2.31 2.15 6.59
N ASN B 417 -1.29 2.67 7.23
CA ASN B 417 -1.47 3.67 8.27
C ASN B 417 -1.82 3.14 9.64
N THR B 418 -1.75 1.83 9.84
CA THR B 418 -2.05 1.26 11.14
C THR B 418 -1.30 -0.03 11.40
N ARG B 419 -0.95 -0.24 12.65
CA ARG B 419 -0.37 -1.50 13.10
C ARG B 419 -1.37 -2.67 13.18
N LYS B 420 -2.59 -2.37 13.61
CA LYS B 420 -3.62 -3.39 13.83
C LYS B 420 -5.01 -3.02 13.35
N VAL B 421 -5.84 -4.04 13.10
CA VAL B 421 -7.21 -3.82 12.71
C VAL B 421 -7.92 -3.37 13.97
N THR B 422 -8.65 -2.28 13.91
CA THR B 422 -9.35 -1.83 15.13
C THR B 422 -10.82 -2.24 15.00
N CYS B 423 -11.44 -2.54 16.13
CA CYS B 423 -12.79 -3.04 16.12
C CYS B 423 -13.53 -2.48 17.35
N ARG B 424 -14.83 -2.19 17.21
CA ARG B 424 -15.61 -1.66 18.30
C ARG B 424 -16.96 -2.28 18.18
N THR B 425 -17.77 -2.13 19.22
CA THR B 425 -19.07 -2.79 19.27
C THR B 425 -20.07 -1.73 18.89
N PHE B 426 -21.08 -2.11 18.13
CA PHE B 426 -22.21 -1.19 17.88
C PHE B 426 -23.00 -0.91 19.13
N THR B 427 -22.87 -1.75 20.14
CA THR B 427 -23.71 -1.60 21.32
C THR B 427 -23.27 -0.35 22.15
N ARG B 428 -22.11 0.24 21.87
CA ARG B 428 -21.70 1.45 22.65
C ARG B 428 -21.80 2.76 21.89
N ASP B 429 -22.18 2.68 20.59
CA ASP B 429 -22.39 3.86 19.73
C ASP B 429 -23.35 4.91 20.39
N ASN B 436 -14.40 6.63 18.35
CA ASN B 436 -13.84 7.11 17.10
C ASN B 436 -14.29 6.13 16.03
N PRO B 437 -13.83 6.34 14.76
CA PRO B 437 -13.97 5.33 13.69
C PRO B 437 -12.98 4.15 13.87
N THR B 438 -13.46 2.93 13.58
CA THR B 438 -12.61 1.77 13.66
C THR B 438 -12.66 1.11 12.31
N HIS B 439 -11.74 0.20 12.00
CA HIS B 439 -11.90 -0.63 10.77
C HIS B 439 -13.18 -1.44 10.78
N VAL B 440 -13.46 -2.11 11.91
CA VAL B 440 -14.56 -3.06 11.99
C VAL B 440 -15.49 -2.66 13.11
N ALA B 441 -16.78 -2.96 12.98
CA ALA B 441 -17.73 -2.76 14.05
C ALA B 441 -18.58 -4.01 14.08
N VAL B 442 -18.88 -4.49 15.30
CA VAL B 442 -19.62 -5.78 15.42
C VAL B 442 -20.89 -5.59 16.25
N PRO B 443 -21.93 -6.43 15.99
CA PRO B 443 -23.21 -6.27 16.67
C PRO B 443 -23.19 -6.82 18.10
N PHE B 444 -22.26 -7.76 18.36
CA PHE B 444 -22.13 -8.30 19.71
C PHE B 444 -21.43 -7.31 20.63
N THR B 445 -21.68 -7.43 21.95
CA THR B 445 -20.97 -6.64 22.92
C THR B 445 -19.48 -6.97 22.90
N LEU B 446 -18.67 -5.98 23.29
CA LEU B 446 -17.26 -6.22 23.59
C LEU B 446 -16.99 -5.69 24.97
N PRO B 447 -16.60 -6.54 25.90
CA PRO B 447 -16.43 -7.98 25.81
C PRO B 447 -17.70 -8.78 25.63
N VAL B 448 -17.50 -10.02 25.20
CA VAL B 448 -18.55 -11.02 25.36
C VAL B 448 -18.24 -11.74 26.65
N ILE B 449 -19.20 -12.52 27.13
CA ILE B 449 -19.12 -13.11 28.47
C ILE B 449 -19.18 -14.64 28.32
N PRO B 450 -18.34 -15.38 29.06
CA PRO B 450 -18.40 -16.84 28.96
C PRO B 450 -19.75 -17.34 29.36
N TYR B 451 -20.27 -18.40 28.72
CA TYR B 451 -21.50 -19.06 29.18
C TYR B 451 -21.26 -19.44 30.63
N ASP B 452 -22.29 -19.29 31.45
CA ASP B 452 -22.14 -19.65 32.88
C ASP B 452 -22.38 -21.16 32.85
N LEU B 453 -21.39 -21.96 33.17
CA LEU B 453 -21.50 -23.40 33.04
C LEU B 453 -22.55 -24.07 33.93
N ALA B 454 -23.00 -23.40 34.94
CA ALA B 454 -24.04 -23.96 35.77
C ALA B 454 -25.49 -23.73 35.26
N GLU B 455 -25.66 -22.83 34.31
CA GLU B 455 -26.96 -22.46 33.80
C GLU B 455 -27.21 -22.39 32.30
N ASP B 456 -26.29 -21.77 31.58
CA ASP B 456 -26.44 -21.48 30.18
C ASP B 456 -26.43 -22.63 29.22
N GLU B 457 -27.29 -22.55 28.22
CA GLU B 457 -27.32 -23.53 27.16
C GLU B 457 -27.58 -22.88 25.80
N CYS B 458 -26.90 -23.36 24.78
CA CYS B 458 -27.19 -22.87 23.39
C CYS B 458 -28.61 -23.10 23.05
N PHE B 459 -29.22 -22.15 22.40
CA PHE B 459 -30.57 -22.34 22.01
C PHE B 459 -30.69 -23.47 20.97
N CYS B 460 -31.69 -24.31 21.15
CA CYS B 460 -32.00 -25.41 20.21
C CYS B 460 -33.43 -25.88 20.45
N LEU B 461 -34.23 -25.99 19.40
CA LEU B 461 -35.61 -26.35 19.53
C LEU B 461 -35.81 -27.40 18.44
N ALA B 462 -36.20 -28.62 18.82
CA ALA B 462 -36.55 -29.74 17.89
C ALA B 462 -38.06 -29.89 17.80
N LEU B 463 -38.61 -29.45 16.67
CA LEU B 463 -40.04 -29.46 16.48
C LEU B 463 -40.41 -30.64 15.56
N GLU B 464 -41.69 -31.01 15.55
CA GLU B 464 -42.15 -32.14 14.78
C GLU B 464 -41.82 -32.00 13.28
N HIS B 465 -41.90 -30.79 12.75
CA HIS B 465 -41.84 -30.60 11.31
C HIS B 465 -40.46 -30.85 10.73
N HIS B 466 -39.46 -30.77 11.59
CA HIS B 466 -38.07 -30.91 11.18
C HIS B 466 -37.40 -32.23 11.59
N HIS B 467 -38.19 -33.19 12.10
CA HIS B 467 -37.60 -34.34 12.77
C HIS B 467 -36.67 -35.19 11.88
N HIS B 468 -37.07 -35.32 10.62
CA HIS B 468 -36.25 -35.98 9.62
C HIS B 468 -35.27 -34.95 9.06
N GLY C 2 4.09 -36.99 -5.22
CA GLY C 2 4.05 -37.07 -6.70
C GLY C 2 5.44 -36.70 -7.23
N ALA C 3 5.69 -37.04 -8.49
CA ALA C 3 6.89 -36.63 -9.17
C ALA C 3 6.81 -35.13 -9.39
N VAL C 4 7.97 -34.48 -9.42
CA VAL C 4 8.00 -33.04 -9.49
C VAL C 4 9.27 -32.60 -10.21
N PHE C 5 9.14 -31.52 -10.99
CA PHE C 5 10.29 -30.90 -11.65
C PHE C 5 10.71 -29.76 -10.79
N LYS C 6 12.02 -29.58 -10.53
CA LYS C 6 12.50 -28.42 -9.80
C LYS C 6 13.60 -27.74 -10.60
N LEU C 7 13.83 -26.48 -10.34
CA LEU C 7 14.84 -25.71 -11.02
C LEU C 7 16.04 -25.77 -10.07
N MET C 8 17.17 -26.16 -10.62
CA MET C 8 18.40 -26.14 -9.77
C MET C 8 18.85 -24.73 -9.38
N LYS C 9 19.12 -24.46 -8.09
CA LYS C 9 19.62 -23.18 -7.67
C LYS C 9 21.02 -23.01 -8.17
N SER C 10 21.38 -21.75 -8.41
CA SER C 10 22.73 -21.39 -8.79
C SER C 10 23.28 -20.47 -7.73
N ASP C 11 24.56 -20.66 -7.37
CA ASP C 11 25.23 -19.76 -6.43
C ASP C 11 25.24 -18.34 -7.01
N PHE C 12 25.18 -18.20 -8.33
CA PHE C 12 25.26 -16.89 -8.94
C PHE C 12 23.84 -16.24 -9.05
N TYR C 13 22.83 -17.02 -9.39
CA TYR C 13 21.51 -16.46 -9.63
C TYR C 13 20.65 -16.31 -8.36
N GLU C 14 20.84 -17.21 -7.39
CA GLU C 14 20.08 -17.11 -6.13
C GLU C 14 21.02 -16.74 -5.01
N ARG C 15 21.27 -15.44 -4.87
CA ARG C 15 22.23 -14.92 -3.87
C ARG C 15 21.85 -15.16 -2.40
N GLU C 16 20.57 -15.30 -2.07
CA GLU C 16 20.15 -15.45 -0.63
C GLU C 16 20.63 -14.30 0.26
N ASP C 24 9.76 -25.27 -5.05
CA ASP C 24 10.17 -24.62 -6.30
C ASP C 24 11.59 -25.04 -6.85
N MET C 25 12.55 -24.91 -5.95
CA MET C 25 13.97 -25.00 -6.28
C MET C 25 14.63 -26.14 -5.54
N ILE C 26 15.79 -26.55 -6.04
CA ILE C 26 16.46 -27.66 -5.42
C ILE C 26 18.00 -27.42 -5.51
N THR C 27 18.76 -27.97 -4.57
CA THR C 27 20.21 -27.97 -4.71
C THR C 27 20.72 -29.42 -4.57
N LEU C 28 21.98 -29.62 -4.93
CA LEU C 28 22.56 -30.98 -4.76
C LEU C 28 22.66 -31.30 -3.24
N LYS C 29 22.78 -30.27 -2.43
CA LYS C 29 22.80 -30.50 -1.00
C LYS C 29 21.45 -31.04 -0.49
N ASP C 30 20.32 -30.53 -1.01
CA ASP C 30 19.00 -31.12 -0.72
C ASP C 30 18.96 -32.62 -1.08
N ILE C 31 19.59 -32.95 -2.20
CA ILE C 31 19.49 -34.29 -2.71
C ILE C 31 20.38 -35.26 -1.91
N PHE C 32 21.64 -34.88 -1.70
CA PHE C 32 22.61 -35.73 -1.07
C PHE C 32 22.86 -35.50 0.42
N GLY C 33 22.38 -34.39 1.00
CA GLY C 33 22.84 -33.96 2.34
C GLY C 33 21.95 -34.39 3.50
N THR C 34 20.84 -35.05 3.18
CA THR C 34 19.88 -35.50 4.12
C THR C 34 20.47 -36.58 5.07
N GLU C 35 20.26 -36.38 6.38
CA GLU C 35 20.85 -37.28 7.37
C GLU C 35 20.36 -38.73 7.23
N THR C 36 19.20 -38.96 6.64
CA THR C 36 18.66 -40.30 6.50
C THR C 36 19.13 -41.01 5.21
N LEU C 37 19.94 -40.35 4.39
CA LEU C 37 20.45 -40.99 3.16
C LEU C 37 21.49 -42.05 3.55
N LYS C 38 21.30 -43.26 3.05
CA LYS C 38 22.12 -44.43 3.34
C LYS C 38 23.04 -44.77 2.17
N ARG C 39 22.54 -44.62 0.95
CA ARG C 39 23.30 -45.02 -0.26
C ARG C 39 22.83 -44.19 -1.45
N SER C 40 23.77 -43.69 -2.27
CA SER C 40 23.46 -43.09 -3.54
C SER C 40 24.14 -43.87 -4.64
N ILE C 41 23.39 -44.12 -5.70
CA ILE C 41 23.98 -44.64 -6.92
C ILE C 41 23.89 -43.57 -8.05
N LEU C 42 25.02 -43.25 -8.69
CA LEU C 42 25.10 -42.05 -9.55
C LEU C 42 25.49 -42.48 -10.93
N PHE C 43 24.91 -41.81 -11.91
CA PHE C 43 25.31 -41.88 -13.34
C PHE C 43 25.48 -40.46 -13.80
N SER C 44 26.49 -40.18 -14.59
CA SER C 44 26.68 -38.87 -15.13
C SER C 44 27.72 -38.90 -16.22
N PHE C 45 27.88 -37.77 -16.90
CA PHE C 45 28.92 -37.65 -17.90
C PHE C 45 30.23 -37.14 -17.28
N GLN C 46 30.15 -36.43 -16.16
CA GLN C 46 31.36 -35.82 -15.59
C GLN C 46 31.18 -35.61 -14.09
N TYR C 47 32.20 -35.96 -13.33
CA TYR C 47 32.12 -35.76 -11.89
C TYR C 47 33.29 -34.95 -11.41
N GLU C 48 33.04 -33.92 -10.61
CA GLU C 48 34.10 -33.19 -9.94
C GLU C 48 34.06 -33.71 -8.48
N LEU C 49 34.97 -34.63 -8.16
CA LEU C 49 34.74 -35.38 -6.94
C LEU C 49 34.75 -34.50 -5.68
N ASP C 50 35.61 -33.50 -5.58
CA ASP C 50 35.58 -32.72 -4.31
C ASP C 50 34.29 -31.90 -4.18
N PHE C 51 33.87 -31.28 -5.28
CA PHE C 51 32.55 -30.63 -5.35
C PHE C 51 31.42 -31.53 -4.97
N LEU C 52 31.32 -32.69 -5.62
CA LEU C 52 30.26 -33.57 -5.36
C LEU C 52 30.27 -34.16 -3.90
N LEU C 53 31.42 -34.62 -3.45
CA LEU C 53 31.45 -35.37 -2.17
C LEU C 53 31.21 -34.46 -0.97
N ARG C 54 31.48 -33.16 -1.13
CA ARG C 54 31.12 -32.18 -0.09
C ARG C 54 29.61 -32.02 0.10
N GLN C 55 28.79 -32.47 -0.87
CA GLN C 55 27.33 -32.41 -0.74
C GLN C 55 26.76 -33.39 0.25
N PHE C 56 27.52 -34.42 0.63
CA PHE C 56 26.96 -35.56 1.35
C PHE C 56 27.05 -35.34 2.86
N HIS C 57 26.18 -36.00 3.60
CA HIS C 57 26.21 -36.02 5.05
C HIS C 57 27.13 -37.16 5.49
N GLN C 58 27.77 -37.01 6.65
CA GLN C 58 28.65 -38.07 7.13
C GLN C 58 27.94 -39.43 7.36
N ASN C 59 26.62 -39.42 7.51
CA ASN C 59 25.84 -40.66 7.70
C ASN C 59 25.82 -41.66 6.54
N VAL C 60 26.13 -41.18 5.33
CA VAL C 60 26.01 -42.01 4.12
C VAL C 60 26.94 -43.23 4.24
N GLU C 61 26.48 -44.38 3.80
CA GLU C 61 27.27 -45.61 3.93
C GLU C 61 27.97 -46.02 2.66
N ASN C 62 27.37 -45.67 1.51
CA ASN C 62 27.91 -46.09 0.21
C ASN C 62 27.53 -45.10 -0.89
N ILE C 63 28.49 -44.82 -1.75
CA ILE C 63 28.25 -44.01 -2.94
C ILE C 63 28.82 -44.82 -4.11
N THR C 64 27.95 -45.31 -5.00
CA THR C 64 28.37 -46.06 -6.18
C THR C 64 28.28 -45.12 -7.37
N ILE C 65 29.36 -45.00 -8.08
CA ILE C 65 29.48 -43.98 -9.11
C ILE C 65 29.77 -44.66 -10.44
N VAL C 66 28.87 -44.43 -11.42
CA VAL C 66 29.01 -45.00 -12.76
C VAL C 66 29.44 -43.91 -13.69
N GLY C 67 30.55 -44.10 -14.39
CA GLY C 67 30.98 -43.16 -15.38
C GLY C 67 31.95 -43.75 -16.37
N GLN C 68 32.16 -43.03 -17.47
CA GLN C 68 33.17 -43.39 -18.45
CA GLN C 68 33.14 -43.40 -18.45
C GLN C 68 34.54 -43.34 -17.80
N LYS C 69 35.35 -44.36 -18.03
CA LYS C 69 36.76 -44.34 -17.57
C LYS C 69 37.34 -42.95 -17.88
N GLY C 70 37.92 -42.28 -16.88
CA GLY C 70 38.47 -40.95 -17.06
C GLY C 70 37.59 -39.71 -16.78
N THR C 71 36.26 -39.82 -16.74
CA THR C 71 35.46 -38.63 -16.45
C THR C 71 35.24 -38.45 -14.93
N ILE C 72 35.94 -39.29 -14.13
CA ILE C 72 35.88 -39.22 -12.66
C ILE C 72 37.28 -38.82 -12.17
N MET C 73 37.57 -37.51 -12.15
CA MET C 73 38.91 -37.09 -11.72
C MET C 73 39.04 -37.22 -10.19
N PRO C 74 40.10 -37.89 -9.73
CA PRO C 74 40.40 -38.08 -8.30
C PRO C 74 40.74 -36.73 -7.67
N ILE C 75 40.47 -36.58 -6.38
CA ILE C 75 40.86 -35.37 -5.66
C ILE C 75 42.36 -35.42 -5.42
N GLU C 76 43.06 -34.36 -5.82
CA GLU C 76 44.50 -34.27 -5.54
C GLU C 76 44.76 -34.12 -4.02
N ALA C 77 45.93 -34.51 -3.57
CA ALA C 77 46.30 -34.39 -2.13
C ALA C 77 46.10 -32.97 -1.61
N ARG C 78 46.61 -31.97 -2.33
CA ARG C 78 46.41 -30.57 -1.96
C ARG C 78 44.94 -30.12 -1.80
N ALA C 79 43.99 -30.84 -2.39
CA ALA C 79 42.59 -30.47 -2.21
C ALA C 79 41.89 -31.35 -1.16
N MET C 80 42.59 -32.37 -0.65
CA MET C 80 42.06 -33.23 0.42
C MET C 80 41.88 -32.50 1.74
N ASP C 81 40.95 -33.00 2.56
CA ASP C 81 40.84 -32.64 3.97
C ASP C 81 40.28 -33.84 4.75
N ALA C 82 40.13 -33.70 6.06
CA ALA C 82 39.64 -34.76 6.94
C ALA C 82 38.33 -35.37 6.46
N THR C 83 37.32 -34.51 6.32
CA THR C 83 35.97 -34.89 5.88
C THR C 83 35.96 -35.67 4.55
N LEU C 84 36.72 -35.19 3.57
CA LEU C 84 36.78 -35.83 2.25
C LEU C 84 37.35 -37.25 2.30
N ALA C 85 38.42 -37.45 3.06
CA ALA C 85 39.06 -38.76 3.15
C ALA C 85 38.11 -39.82 3.70
N VAL C 86 37.23 -39.43 4.63
CA VAL C 86 36.23 -40.33 5.23
C VAL C 86 35.18 -40.71 4.19
N ILE C 87 34.63 -39.70 3.49
CA ILE C 87 33.59 -39.93 2.47
C ILE C 87 34.16 -40.76 1.30
N LEU C 88 35.39 -40.46 0.91
CA LEU C 88 36.07 -41.18 -0.18
C LEU C 88 36.19 -42.71 0.04
N LYS C 89 36.35 -43.17 1.28
CA LYS C 89 36.32 -44.62 1.59
C LYS C 89 34.94 -45.27 1.34
N LYS C 90 33.91 -44.48 1.12
CA LYS C 90 32.59 -45.04 0.93
C LYS C 90 32.24 -45.12 -0.58
N VAL C 91 33.19 -44.70 -1.40
CA VAL C 91 32.92 -44.58 -2.82
C VAL C 91 33.34 -45.87 -3.55
N LYS C 92 32.40 -46.43 -4.30
CA LYS C 92 32.67 -47.50 -5.27
C LYS C 92 32.55 -46.98 -6.73
N LEU C 93 33.63 -47.10 -7.49
CA LEU C 93 33.64 -46.69 -8.89
C LEU C 93 33.34 -47.85 -9.83
N ILE C 94 32.42 -47.65 -10.78
CA ILE C 94 32.18 -48.61 -11.85
C ILE C 94 32.45 -47.78 -13.13
N GLU C 95 33.57 -48.09 -13.75
CA GLU C 95 34.06 -47.33 -14.85
C GLU C 95 33.78 -48.07 -16.15
N ILE C 96 33.19 -47.38 -17.10
CA ILE C 96 32.63 -47.92 -18.31
C ILE C 96 33.65 -47.67 -19.44
N THR C 97 33.90 -48.65 -20.31
CA THR C 97 34.71 -48.34 -21.53
C THR C 97 33.78 -48.21 -22.73
N MET C 98 33.72 -47.01 -23.26
CA MET C 98 32.86 -46.72 -24.39
C MET C 98 33.58 -47.01 -25.72
N PRO C 99 32.82 -47.41 -26.76
CA PRO C 99 33.29 -47.42 -28.15
C PRO C 99 33.70 -46.06 -28.59
N PRO C 100 34.32 -46.02 -29.78
CA PRO C 100 34.76 -44.78 -30.38
C PRO C 100 33.56 -43.86 -30.64
N PHE C 101 33.76 -42.55 -30.54
CA PHE C 101 32.66 -41.57 -30.76
C PHE C 101 31.32 -41.86 -30.05
N ALA C 102 31.41 -42.35 -28.82
CA ALA C 102 30.23 -42.70 -28.07
C ALA C 102 30.39 -42.10 -26.63
N SER C 103 29.29 -41.67 -26.04
CA SER C 103 29.37 -40.98 -24.75
C SER C 103 28.41 -41.55 -23.78
N HIS C 104 28.70 -41.37 -22.50
CA HIS C 104 27.80 -41.82 -21.49
C HIS C 104 27.21 -40.51 -20.94
N HIS C 105 26.04 -40.11 -21.40
CA HIS C 105 25.50 -38.80 -21.03
C HIS C 105 24.40 -38.90 -20.00
N THR C 106 23.92 -40.12 -19.72
CA THR C 106 22.84 -40.32 -18.78
C THR C 106 23.20 -39.68 -17.43
N LYS C 107 22.24 -38.90 -16.91
CA LYS C 107 22.38 -38.30 -15.54
C LYS C 107 21.27 -38.91 -14.75
N LEU C 108 21.62 -39.60 -13.67
CA LEU C 108 20.62 -40.33 -12.91
C LEU C 108 21.13 -40.60 -11.52
N ILE C 109 20.24 -40.41 -10.58
CA ILE C 109 20.51 -40.61 -9.16
C ILE C 109 19.50 -41.53 -8.57
N ILE C 110 19.95 -42.59 -7.93
CA ILE C 110 19.05 -43.52 -7.22
C ILE C 110 19.50 -43.54 -5.78
N ASN C 111 18.64 -43.05 -4.87
CA ASN C 111 18.99 -42.84 -3.49
C ASN C 111 18.24 -43.82 -2.66
N PHE C 112 18.92 -44.40 -1.66
CA PHE C 112 18.28 -45.28 -0.68
C PHE C 112 18.43 -44.65 0.68
N TYR C 113 17.31 -44.57 1.41
CA TYR C 113 17.25 -43.93 2.70
C TYR C 113 17.04 -44.96 3.85
N ASP C 114 17.18 -44.47 5.07
CA ASP C 114 17.00 -45.26 6.32
C ASP C 114 15.92 -46.31 6.49
N ASN C 115 14.72 -45.97 6.08
CA ASN C 115 13.54 -46.70 6.44
C ASN C 115 13.05 -47.48 5.26
N GLY C 116 13.99 -47.85 4.40
CA GLY C 116 13.68 -48.54 3.15
C GLY C 116 13.06 -47.67 2.05
N GLU C 117 13.15 -46.35 2.19
CA GLU C 117 12.65 -45.48 1.14
C GLU C 117 13.67 -45.34 0.02
N CYS C 118 13.17 -45.02 -1.16
CA CYS C 118 14.06 -44.83 -2.30
C CYS C 118 13.53 -43.66 -3.11
N LYS C 119 14.42 -42.87 -3.71
CA LYS C 119 13.99 -41.78 -4.55
C LYS C 119 14.92 -41.65 -5.72
N ILE C 120 14.35 -41.33 -6.90
CA ILE C 120 15.13 -41.28 -8.14
C ILE C 120 15.10 -39.86 -8.69
N PHE C 121 16.24 -39.35 -9.16
CA PHE C 121 16.32 -38.03 -9.74
C PHE C 121 16.95 -38.09 -11.12
N LEU C 122 16.53 -37.15 -11.98
CA LEU C 122 17.25 -36.93 -13.26
C LEU C 122 17.65 -35.49 -13.36
N PRO C 123 18.85 -35.17 -12.89
CA PRO C 123 19.26 -33.78 -12.93
C PRO C 123 19.78 -33.51 -14.38
N SER C 124 19.71 -32.26 -14.86
CA SER C 124 20.25 -32.00 -16.20
C SER C 124 21.72 -31.61 -16.14
N ASN C 125 22.29 -31.33 -14.97
CA ASN C 125 23.66 -30.92 -14.82
C ASN C 125 24.54 -32.14 -14.55
N ASN C 126 25.69 -32.19 -15.23
CA ASN C 126 26.73 -33.03 -14.69
C ASN C 126 27.16 -32.60 -13.25
N PHE C 127 27.84 -33.48 -12.52
CA PHE C 127 28.20 -33.14 -11.11
C PHE C 127 29.46 -32.31 -11.02
N THR C 128 29.42 -31.09 -11.57
CA THR C 128 30.55 -30.15 -11.48
C THR C 128 29.93 -28.81 -11.09
N SER C 129 30.75 -28.01 -10.42
CA SER C 129 30.36 -26.74 -9.89
C SER C 129 29.95 -25.80 -11.06
N MET C 130 30.75 -25.76 -12.11
CA MET C 130 30.46 -24.90 -13.28
C MET C 130 29.17 -25.28 -13.94
N GLU C 131 28.95 -26.56 -14.19
CA GLU C 131 27.73 -26.93 -14.87
C GLU C 131 26.51 -26.62 -14.00
N THR C 132 26.66 -26.85 -12.73
CA THR C 132 25.59 -26.70 -11.78
C THR C 132 25.13 -25.26 -11.65
N ASN C 133 26.08 -24.34 -11.71
CA ASN C 133 25.81 -22.93 -11.51
C ASN C 133 25.71 -21.97 -12.70
N LEU C 134 26.16 -22.34 -13.88
CA LEU C 134 26.13 -21.41 -14.99
C LEU C 134 24.92 -21.47 -15.95
N PRO C 135 24.79 -22.51 -16.76
CA PRO C 135 23.59 -22.66 -17.59
C PRO C 135 22.41 -23.01 -16.67
N GLN C 136 21.19 -22.67 -16.98
CA GLN C 136 20.09 -23.07 -16.10
C GLN C 136 19.95 -24.60 -16.16
N GLN C 137 19.67 -25.21 -15.03
CA GLN C 137 19.54 -26.64 -14.91
C GLN C 137 18.28 -27.02 -14.12
N VAL C 138 17.69 -28.16 -14.43
CA VAL C 138 16.52 -28.64 -13.74
C VAL C 138 16.75 -30.01 -13.16
N CYS C 139 15.85 -30.45 -12.31
CA CYS C 139 15.96 -31.82 -11.80
C CYS C 139 14.57 -32.39 -11.73
N TRP C 140 14.33 -33.50 -12.41
CA TRP C 140 13.05 -34.24 -12.23
C TRP C 140 13.24 -35.15 -10.98
N CYS C 141 12.26 -35.17 -10.08
CA CYS C 141 12.34 -35.94 -8.82
C CYS C 141 11.15 -36.89 -8.78
N SER C 142 11.42 -38.19 -8.62
CA SER C 142 10.34 -39.18 -8.54
C SER C 142 9.56 -39.00 -7.28
N PRO C 143 8.34 -39.56 -7.22
CA PRO C 143 7.74 -39.74 -5.90
C PRO C 143 8.66 -40.63 -5.02
N LEU C 144 8.41 -40.57 -3.73
CA LEU C 144 8.97 -41.49 -2.80
C LEU C 144 8.57 -42.98 -3.10
N LEU C 145 9.58 -43.85 -3.17
CA LEU C 145 9.31 -45.26 -3.41
C LEU C 145 9.70 -46.04 -2.14
N LYS C 146 9.21 -47.29 -1.98
CA LYS C 146 9.51 -48.13 -0.77
C LYS C 146 10.02 -49.50 -1.23
N ILE C 147 11.02 -50.02 -0.54
CA ILE C 147 11.41 -51.38 -0.75
C ILE C 147 10.18 -52.21 -0.40
N GLY C 148 9.80 -53.11 -1.29
CA GLY C 148 8.65 -54.00 -0.98
C GLY C 148 8.47 -54.91 -2.17
N LYS C 149 7.63 -55.91 -2.00
CA LYS C 149 7.39 -56.87 -3.07
C LYS C 149 6.51 -56.21 -4.09
N GLU C 150 6.65 -56.59 -5.35
CA GLU C 150 5.84 -55.93 -6.36
C GLU C 150 4.54 -56.66 -6.72
N GLY C 151 3.54 -55.84 -7.09
CA GLY C 151 2.33 -56.34 -7.70
C GLY C 151 2.46 -56.29 -9.21
N LEU C 152 1.56 -55.55 -9.82
CA LEU C 152 1.59 -55.44 -11.27
C LEU C 152 2.92 -54.85 -11.75
N PRO C 153 3.41 -55.33 -12.92
CA PRO C 153 4.63 -54.79 -13.51
C PRO C 153 4.46 -53.28 -13.75
N VAL C 154 5.49 -52.49 -13.50
CA VAL C 154 5.40 -51.09 -13.74
C VAL C 154 6.31 -50.79 -14.95
N PRO C 155 5.79 -50.21 -16.04
CA PRO C 155 6.65 -50.00 -17.22
C PRO C 155 7.95 -49.25 -16.89
N PHE C 156 7.89 -48.27 -15.97
CA PHE C 156 9.05 -47.37 -15.75
C PHE C 156 10.15 -48.27 -15.22
N LYS C 157 9.79 -49.14 -14.28
CA LYS C 157 10.79 -50.04 -13.69
C LYS C 157 11.33 -51.04 -14.69
N ARG C 158 10.47 -51.73 -15.42
CA ARG C 158 10.94 -52.68 -16.44
C ARG C 158 11.86 -51.99 -17.41
N SER C 159 11.57 -50.74 -17.79
CA SER C 159 12.47 -50.07 -18.76
C SER C 159 13.76 -49.71 -18.08
N LEU C 160 13.66 -49.27 -16.83
CA LEU C 160 14.95 -48.89 -16.18
C LEU C 160 15.84 -50.15 -16.07
N ILE C 161 15.25 -51.30 -15.74
CA ILE C 161 16.02 -52.53 -15.62
C ILE C 161 16.59 -52.96 -16.97
N GLU C 162 15.79 -52.87 -18.03
CA GLU C 162 16.38 -53.10 -19.42
C GLU C 162 17.60 -52.22 -19.64
N TYR C 163 17.46 -50.96 -19.25
CA TYR C 163 18.51 -49.99 -19.51
C TYR C 163 19.77 -50.39 -18.73
N LEU C 164 19.59 -50.77 -17.46
CA LEU C 164 20.75 -51.13 -16.61
C LEU C 164 21.41 -52.43 -17.14
N ASN C 165 20.59 -53.40 -17.56
CA ASN C 165 21.11 -54.62 -18.18
C ASN C 165 21.96 -54.31 -19.42
N SER C 166 21.65 -53.18 -20.07
CA SER C 166 22.28 -52.87 -21.38
C SER C 166 23.69 -52.36 -21.24
N TYR C 167 24.16 -52.24 -20.00
CA TYR C 167 25.60 -52.01 -19.79
C TYR C 167 26.42 -53.33 -19.88
N HIS C 168 25.73 -54.46 -19.71
CA HIS C 168 26.31 -55.80 -19.71
C HIS C 168 27.50 -55.90 -18.75
N LEU C 169 27.32 -55.33 -17.56
CA LEU C 169 28.38 -55.32 -16.57
C LEU C 169 27.91 -56.00 -15.31
N LYS C 170 28.68 -56.99 -14.90
CA LYS C 170 28.43 -57.72 -13.69
C LYS C 170 28.31 -56.80 -12.48
N ASP C 171 29.20 -55.82 -12.34
CA ASP C 171 29.11 -54.89 -11.23
C ASP C 171 27.77 -54.15 -11.23
N ILE C 172 27.28 -53.74 -12.38
CA ILE C 172 25.95 -53.09 -12.46
C ILE C 172 24.87 -54.09 -12.11
N ASP C 173 24.88 -55.24 -12.74
CA ASP C 173 23.89 -56.30 -12.37
C ASP C 173 23.81 -56.54 -10.88
N GLU C 174 24.96 -56.67 -10.23
CA GLU C 174 24.98 -57.08 -8.81
C GLU C 174 24.79 -55.92 -7.84
N LEU C 175 25.46 -54.79 -8.09
CA LEU C 175 25.51 -53.68 -7.11
C LEU C 175 24.37 -52.69 -7.30
N ILE C 176 23.79 -52.64 -8.49
CA ILE C 176 22.73 -51.64 -8.77
C ILE C 176 21.40 -52.34 -9.10
N THR C 177 21.39 -53.16 -10.15
CA THR C 177 20.10 -53.70 -10.62
C THR C 177 19.41 -54.52 -9.53
N LYS C 178 20.20 -55.26 -8.77
CA LYS C 178 19.59 -56.10 -7.73
C LYS C 178 18.95 -55.24 -6.67
N SER C 179 19.54 -54.10 -6.33
CA SER C 179 18.94 -53.18 -5.34
C SER C 179 17.67 -52.51 -5.91
N VAL C 180 17.71 -52.14 -7.19
CA VAL C 180 16.56 -51.52 -7.84
C VAL C 180 15.37 -52.50 -7.86
N GLU C 181 15.68 -53.76 -8.08
CA GLU C 181 14.66 -54.79 -8.17
C GLU C 181 13.81 -54.93 -6.90
N GLU C 182 14.43 -54.62 -5.75
CA GLU C 182 13.73 -54.74 -4.46
C GLU C 182 12.72 -53.64 -4.21
N VAL C 183 12.81 -52.58 -5.00
CA VAL C 183 11.94 -51.40 -4.77
C VAL C 183 10.61 -51.54 -5.48
N ASN C 184 9.52 -51.20 -4.82
CA ASN C 184 8.22 -51.19 -5.47
C ASN C 184 7.99 -49.85 -6.18
N PHE C 185 7.75 -49.88 -7.49
CA PHE C 185 7.67 -48.69 -8.33
C PHE C 185 6.23 -48.26 -8.62
N ALA C 186 5.26 -48.81 -7.91
CA ALA C 186 3.81 -48.44 -8.10
C ALA C 186 3.55 -46.93 -8.16
N PRO C 187 4.24 -46.12 -7.32
CA PRO C 187 4.05 -44.69 -7.50
C PRO C 187 4.48 -44.11 -8.86
N LEU C 188 5.22 -44.85 -9.69
CA LEU C 188 5.57 -44.37 -11.01
C LEU C 188 4.72 -45.03 -12.09
N SER C 189 3.52 -45.53 -11.78
CA SER C 189 2.81 -46.38 -12.74
C SER C 189 2.34 -45.62 -14.01
N GLU C 190 2.25 -44.30 -13.93
CA GLU C 190 1.88 -43.45 -15.08
C GLU C 190 2.95 -43.09 -16.03
N LEU C 191 4.23 -43.23 -15.61
CA LEU C 191 5.36 -42.64 -16.39
C LEU C 191 6.16 -43.67 -17.17
N GLU C 192 6.94 -43.21 -18.15
CA GLU C 192 7.77 -44.11 -18.89
C GLU C 192 9.21 -43.66 -18.72
N PHE C 193 10.12 -44.65 -18.75
CA PHE C 193 11.52 -44.35 -18.67
C PHE C 193 12.03 -44.63 -20.05
N VAL C 194 12.55 -43.58 -20.71
CA VAL C 194 12.88 -43.66 -22.12
C VAL C 194 14.38 -43.47 -22.25
N TYR C 195 15.07 -44.33 -23.01
CA TYR C 195 16.55 -44.23 -22.99
C TYR C 195 17.17 -44.60 -24.30
N SER C 196 18.46 -44.27 -24.44
CA SER C 196 19.30 -44.75 -25.49
C SER C 196 20.42 -45.56 -24.90
N THR C 197 20.87 -46.58 -25.65
CA THR C 197 22.02 -47.39 -25.25
C THR C 197 22.69 -47.88 -26.52
N PRO C 198 24.04 -48.06 -26.47
CA PRO C 198 24.77 -48.50 -27.64
C PRO C 198 24.61 -50.01 -27.77
N SER C 199 23.99 -50.67 -26.78
CA SER C 199 23.89 -52.12 -26.81
C SER C 199 23.15 -52.58 -28.04
N LYS C 200 23.77 -53.47 -28.81
CA LYS C 200 23.15 -54.03 -30.00
C LYS C 200 21.95 -54.90 -29.59
N PHE C 201 21.96 -55.42 -28.37
CA PHE C 201 20.94 -56.42 -27.93
C PHE C 201 19.64 -55.85 -27.34
N GLN C 202 19.57 -54.52 -27.22
CA GLN C 202 18.40 -53.86 -26.64
C GLN C 202 17.96 -52.69 -27.53
N SER C 203 16.74 -52.68 -28.04
CA SER C 203 16.32 -51.50 -28.82
C SER C 203 16.07 -50.33 -27.90
N SER C 204 16.33 -49.15 -28.42
CA SER C 204 16.33 -47.91 -27.61
C SER C 204 16.32 -46.73 -28.58
N GLY C 205 16.44 -45.51 -28.07
CA GLY C 205 16.59 -44.36 -28.96
C GLY C 205 15.34 -44.02 -29.75
N LEU C 206 15.50 -43.43 -30.92
CA LEU C 206 14.33 -42.91 -31.69
C LEU C 206 13.37 -44.04 -32.13
N LEU C 207 13.90 -45.16 -32.59
CA LEU C 207 13.03 -46.24 -33.08
C LEU C 207 12.13 -46.73 -31.96
N SER C 208 12.73 -46.95 -30.79
CA SER C 208 11.94 -47.47 -29.67
C SER C 208 10.93 -46.43 -29.17
N PHE C 209 11.35 -45.18 -29.20
CA PHE C 209 10.48 -44.09 -28.72
C PHE C 209 9.30 -43.90 -29.71
N TYR C 210 9.60 -43.89 -30.99
CA TYR C 210 8.59 -43.84 -32.04
C TYR C 210 7.56 -44.98 -31.87
N ASN C 211 8.06 -46.19 -31.65
CA ASN C 211 7.18 -47.38 -31.46
C ASN C 211 6.33 -47.24 -30.23
N LYS C 212 6.92 -46.71 -29.16
CA LYS C 212 6.20 -46.40 -27.92
C LYS C 212 5.08 -45.34 -28.13
N LEU C 213 5.39 -44.21 -28.75
CA LEU C 213 4.31 -43.25 -29.08
C LEU C 213 3.22 -43.83 -29.98
N GLU C 214 3.61 -44.60 -31.00
CA GLU C 214 2.60 -45.29 -31.82
C GLU C 214 1.67 -46.17 -30.97
N LYS C 215 2.25 -46.98 -30.09
CA LYS C 215 1.47 -47.84 -29.21
C LYS C 215 0.59 -47.00 -28.24
N LEU C 216 1.13 -45.93 -27.68
CA LEU C 216 0.39 -45.12 -26.68
C LEU C 216 -0.72 -44.26 -27.26
N SER C 217 -0.72 -44.05 -28.58
CA SER C 217 -1.81 -43.28 -29.16
C SER C 217 -2.83 -44.08 -30.00
N ALA C 218 -2.70 -45.39 -30.16
CA ALA C 218 -3.80 -46.19 -30.74
C ALA C 218 -4.35 -45.69 -32.08
N SER C 223 -7.56 -36.31 -35.45
CA SER C 223 -8.17 -35.08 -34.99
C SER C 223 -7.68 -33.90 -35.81
N ASP C 224 -8.52 -32.90 -36.02
CA ASP C 224 -8.04 -31.74 -36.74
C ASP C 224 -7.73 -30.64 -35.74
N THR C 225 -6.46 -30.36 -35.62
CA THR C 225 -5.96 -29.36 -34.72
C THR C 225 -4.61 -29.00 -35.27
N ALA C 226 -4.07 -27.86 -34.87
CA ALA C 226 -2.72 -27.50 -35.26
C ALA C 226 -1.88 -28.46 -34.45
N LYS C 227 -0.77 -28.94 -35.00
CA LYS C 227 0.08 -29.86 -34.29
C LYS C 227 1.44 -29.20 -33.97
N HIS C 228 1.67 -28.94 -32.70
CA HIS C 228 2.85 -28.26 -32.24
C HIS C 228 3.87 -29.29 -31.72
N TYR C 229 5.10 -29.23 -32.25
CA TYR C 229 6.19 -30.12 -31.82
C TYR C 229 7.36 -29.23 -31.44
N LEU C 230 7.72 -29.24 -30.16
CA LEU C 230 8.81 -28.40 -29.68
C LEU C 230 9.96 -29.23 -29.09
N CYS C 231 11.18 -28.80 -29.37
CA CYS C 231 12.42 -29.41 -28.82
C CYS C 231 13.20 -28.29 -28.19
N GLN C 232 13.73 -28.49 -26.96
CA GLN C 232 14.64 -27.56 -26.39
C GLN C 232 15.92 -28.38 -26.07
N THR C 233 17.06 -27.97 -26.65
CA THR C 233 18.23 -28.78 -26.73
C THR C 233 19.41 -27.87 -26.52
N SER C 234 20.53 -28.41 -26.01
CA SER C 234 21.72 -27.58 -25.94
C SER C 234 22.69 -27.79 -27.10
N SER C 235 22.46 -28.86 -27.93
CA SER C 235 23.24 -29.14 -29.15
C SER C 235 22.25 -29.35 -30.26
N ILE C 236 22.61 -28.88 -31.46
CA ILE C 236 21.86 -29.17 -32.67
C ILE C 236 22.88 -29.81 -33.60
N GLY C 237 22.67 -31.08 -33.94
CA GLY C 237 23.66 -31.79 -34.80
C GLY C 237 23.52 -31.29 -36.25
N THR C 238 24.46 -31.68 -37.11
CA THR C 238 24.40 -31.27 -38.46
C THR C 238 23.51 -32.22 -39.29
N SER C 239 23.51 -32.00 -40.59
CA SER C 239 22.63 -32.70 -41.53
C SER C 239 22.77 -34.22 -41.40
N LEU C 240 21.67 -34.93 -41.54
CA LEU C 240 21.69 -36.38 -41.57
C LEU C 240 22.34 -36.92 -42.86
N SER C 241 22.54 -36.06 -43.85
CA SER C 241 23.04 -36.48 -45.15
C SER C 241 24.12 -35.50 -45.63
N ARG C 242 25.16 -36.06 -46.25
CA ARG C 242 26.25 -35.26 -46.82
C ARG C 242 25.78 -34.51 -48.06
N ALA C 243 24.75 -35.04 -48.71
CA ALA C 243 24.37 -34.51 -50.00
C ALA C 243 23.22 -33.49 -49.95
N ARG C 244 22.44 -33.53 -48.88
CA ARG C 244 21.22 -32.72 -48.75
C ARG C 244 21.14 -32.16 -47.33
N ASP C 245 20.45 -31.04 -47.17
CA ASP C 245 20.19 -30.45 -45.84
C ASP C 245 18.96 -31.10 -45.20
N GLU C 246 19.18 -31.99 -44.22
CA GLU C 246 18.12 -32.72 -43.53
C GLU C 246 18.33 -32.71 -42.02
N ASN C 247 17.39 -32.13 -41.29
CA ASN C 247 17.62 -31.98 -39.85
C ASN C 247 16.89 -33.11 -39.11
N LEU C 248 17.48 -33.67 -38.04
CA LEU C 248 16.87 -34.76 -37.27
C LEU C 248 15.39 -34.52 -36.88
N TRP C 249 15.13 -33.30 -36.41
CA TRP C 249 13.77 -32.99 -35.90
C TRP C 249 12.79 -32.73 -37.06
N THR C 250 13.15 -31.82 -37.97
CA THR C 250 12.20 -31.42 -39.02
C THR C 250 12.05 -32.50 -40.10
N HIS C 251 13.14 -33.20 -40.43
CA HIS C 251 13.13 -34.21 -41.51
C HIS C 251 12.90 -35.62 -41.09
N LEU C 252 13.09 -35.93 -39.83
CA LEU C 252 12.93 -37.31 -39.42
C LEU C 252 12.00 -37.54 -38.27
N MET C 253 12.26 -36.93 -37.08
CA MET C 253 11.36 -37.17 -35.95
C MET C 253 9.95 -36.62 -36.15
N ILE C 254 9.80 -35.35 -36.51
CA ILE C 254 8.42 -34.85 -36.69
C ILE C 254 7.70 -35.63 -37.79
N PRO C 255 8.37 -35.86 -38.95
CA PRO C 255 7.65 -36.66 -39.97
C PRO C 255 7.19 -38.07 -39.53
N LEU C 256 8.02 -38.76 -38.74
CA LEU C 256 7.61 -40.02 -38.11
C LEU C 256 6.44 -39.84 -37.16
N PHE C 257 6.49 -38.84 -36.30
CA PHE C 257 5.50 -38.80 -35.23
C PHE C 257 4.12 -38.43 -35.80
N THR C 258 4.12 -37.61 -36.84
CA THR C 258 2.85 -37.16 -37.45
C THR C 258 2.30 -38.13 -38.48
N GLY C 259 3.07 -39.15 -38.81
CA GLY C 259 2.59 -40.11 -39.81
C GLY C 259 2.92 -39.72 -41.25
N ILE C 260 3.63 -38.62 -41.45
CA ILE C 260 4.16 -38.26 -42.77
C ILE C 260 5.02 -39.37 -43.37
N MET C 261 5.84 -40.04 -42.56
CA MET C 261 6.58 -41.21 -42.99
C MET C 261 6.39 -42.34 -42.00
N SER C 262 6.62 -43.56 -42.46
CA SER C 262 6.66 -44.75 -41.61
C SER C 262 8.03 -45.42 -41.80
N PRO C 263 8.44 -46.27 -40.83
CA PRO C 263 9.54 -47.19 -41.13
C PRO C 263 9.03 -48.36 -42.00
N PRO C 264 9.88 -48.85 -42.94
CA PRO C 264 9.47 -49.91 -43.85
C PRO C 264 9.58 -51.29 -43.21
N ILE C 276 13.75 -40.61 -46.29
CA ILE C 276 13.51 -39.21 -45.92
C ILE C 276 13.04 -38.38 -47.09
N LEU C 277 11.99 -37.56 -46.87
CA LEU C 277 11.35 -36.75 -47.92
C LEU C 277 12.10 -35.48 -48.32
N PRO C 278 11.98 -35.06 -49.60
CA PRO C 278 12.56 -33.78 -50.05
C PRO C 278 12.01 -32.63 -49.22
N THR C 279 12.84 -31.62 -48.98
CA THR C 279 12.50 -30.52 -48.07
C THR C 279 11.23 -29.78 -48.46
N ASN C 280 11.13 -29.43 -49.74
CA ASN C 280 9.96 -28.72 -50.22
C ASN C 280 8.66 -29.50 -50.09
N SER C 281 8.72 -30.82 -50.19
CA SER C 281 7.58 -31.69 -49.96
C SER C 281 7.17 -31.61 -48.47
N LEU C 282 8.17 -31.63 -47.59
CA LEU C 282 7.91 -31.55 -46.16
C LEU C 282 7.19 -30.25 -45.82
N ILE C 283 7.69 -29.12 -46.32
CA ILE C 283 7.12 -27.79 -46.04
C ILE C 283 5.63 -27.70 -46.46
N ASN C 284 5.29 -28.27 -47.63
CA ASN C 284 3.86 -28.42 -48.03
C ASN C 284 3.04 -29.33 -47.11
N GLU C 285 3.59 -30.50 -46.76
CA GLU C 285 2.96 -31.39 -45.80
C GLU C 285 2.73 -30.70 -44.46
N TYR C 286 3.70 -29.92 -43.97
CA TYR C 286 3.55 -29.19 -42.69
C TYR C 286 2.41 -28.16 -42.76
N SER C 287 2.39 -27.40 -43.86
CA SER C 287 1.37 -26.41 -44.13
C SER C 287 -0.01 -27.06 -44.17
N GLN C 288 -0.13 -28.16 -44.89
CA GLN C 288 -1.42 -28.86 -45.07
C GLN C 288 -1.92 -29.56 -43.83
N ARG C 289 -1.00 -30.05 -42.99
CA ARG C 289 -1.33 -30.74 -41.75
C ARG C 289 -1.30 -29.82 -40.52
N LYS C 290 -1.01 -28.54 -40.74
CA LYS C 290 -0.94 -27.51 -39.70
C LYS C 290 0.11 -27.91 -38.63
N ILE C 291 1.24 -28.40 -39.11
CA ILE C 291 2.33 -28.81 -38.21
C ILE C 291 3.17 -27.61 -37.96
N LYS C 292 3.53 -27.40 -36.68
CA LYS C 292 4.34 -26.28 -36.28
C LYS C 292 5.52 -26.80 -35.50
N PRO C 293 6.73 -26.73 -36.08
CA PRO C 293 7.95 -27.17 -35.39
C PRO C 293 8.65 -26.04 -34.62
N TYR C 294 9.22 -26.33 -33.46
CA TYR C 294 9.90 -25.33 -32.66
C TYR C 294 11.20 -25.95 -32.20
N ILE C 295 12.28 -25.20 -32.30
CA ILE C 295 13.51 -25.53 -31.60
C ILE C 295 13.88 -24.31 -30.78
N ILE C 296 14.00 -24.48 -29.45
CA ILE C 296 14.49 -23.38 -28.56
C ILE C 296 15.98 -23.51 -28.46
N PHE C 297 16.72 -22.46 -28.83
CA PHE C 297 18.13 -22.49 -28.82
C PHE C 297 18.55 -21.02 -28.65
N PRO C 298 19.57 -20.76 -27.82
CA PRO C 298 19.81 -19.34 -27.55
C PRO C 298 20.25 -18.53 -28.80
N THR C 299 19.76 -17.29 -28.87
CA THR C 299 20.31 -16.31 -29.87
C THR C 299 21.62 -15.74 -29.47
N GLU C 300 22.29 -15.08 -30.41
CA GLU C 300 23.47 -14.33 -30.07
C GLU C 300 23.17 -13.27 -29.00
N GLN C 301 22.03 -12.61 -29.12
CA GLN C 301 21.72 -11.45 -28.26
C GLN C 301 21.31 -11.88 -26.83
N GLU C 302 20.77 -13.08 -26.68
CA GLU C 302 20.35 -13.57 -25.35
C GLU C 302 21.49 -13.74 -24.35
N PHE C 303 22.74 -13.89 -24.82
CA PHE C 303 23.88 -13.78 -23.96
C PHE C 303 24.10 -12.38 -23.39
N VAL C 304 23.80 -11.39 -24.21
CA VAL C 304 24.01 -9.96 -23.79
C VAL C 304 23.12 -9.67 -22.56
N THR C 305 21.92 -10.27 -22.55
CA THR C 305 20.93 -10.08 -21.51
C THR C 305 20.87 -11.26 -20.52
N SER C 306 22.01 -11.89 -20.32
CA SER C 306 22.21 -12.94 -19.35
C SER C 306 23.11 -12.35 -18.25
N PRO C 307 22.83 -12.60 -16.99
CA PRO C 307 23.66 -12.03 -15.92
C PRO C 307 25.13 -12.42 -15.96
N LEU C 308 25.47 -13.64 -16.32
CA LEU C 308 26.86 -14.04 -16.44
C LEU C 308 27.36 -13.87 -17.89
N LYS C 309 26.57 -13.20 -18.68
CA LYS C 309 26.93 -12.92 -20.04
C LYS C 309 27.19 -14.18 -20.87
N TRP C 310 28.35 -14.30 -21.48
CA TRP C 310 28.65 -15.44 -22.31
C TRP C 310 29.17 -16.64 -21.51
N SER C 311 29.26 -16.49 -20.21
CA SER C 311 29.75 -17.56 -19.35
C SER C 311 29.09 -18.93 -19.63
N SER C 312 27.77 -18.97 -19.84
CA SER C 312 27.08 -20.20 -20.04
C SER C 312 27.11 -20.65 -21.53
N SER C 313 27.71 -19.87 -22.41
CA SER C 313 27.54 -20.15 -23.89
C SER C 313 28.30 -21.46 -24.32
N GLY C 314 29.35 -21.85 -23.63
CA GLY C 314 30.12 -23.06 -23.97
C GLY C 314 29.27 -24.34 -23.92
N TRP C 315 28.16 -24.36 -23.17
CA TRP C 315 27.30 -25.48 -23.12
C TRP C 315 26.34 -25.62 -24.38
N PHE C 316 26.38 -24.67 -25.31
CA PHE C 316 25.42 -24.60 -26.41
C PHE C 316 26.14 -24.67 -27.73
N HIS C 317 25.83 -25.71 -28.51
CA HIS C 317 26.74 -26.08 -29.63
C HIS C 317 25.88 -26.32 -30.86
N PHE C 318 25.97 -25.40 -31.80
CA PHE C 318 25.32 -25.53 -33.10
C PHE C 318 26.34 -24.98 -34.07
N GLN C 319 27.13 -25.85 -34.70
CA GLN C 319 28.27 -25.32 -35.46
C GLN C 319 27.86 -25.34 -36.93
N TYR C 320 27.18 -24.29 -37.38
CA TYR C 320 26.59 -24.30 -38.69
C TYR C 320 27.34 -23.46 -39.72
N LEU C 321 28.46 -22.82 -39.36
CA LEU C 321 29.11 -21.89 -40.26
C LEU C 321 29.68 -22.60 -41.50
N GLN C 322 30.09 -23.87 -41.34
CA GLN C 322 30.70 -24.60 -42.48
C GLN C 322 29.66 -25.16 -43.46
N LYS C 323 28.39 -25.10 -43.07
CA LYS C 323 27.33 -25.60 -43.93
C LYS C 323 26.09 -24.74 -43.69
N LYS C 324 26.14 -23.52 -44.19
CA LYS C 324 25.21 -22.50 -43.81
C LYS C 324 23.82 -22.66 -44.44
N SER C 325 23.72 -23.28 -45.60
CA SER C 325 22.45 -23.54 -46.21
C SER C 325 21.55 -24.40 -45.31
N TYR C 326 22.15 -25.28 -44.50
CA TYR C 326 21.43 -26.10 -43.54
C TYR C 326 20.77 -25.17 -42.47
N TYR C 327 21.51 -24.21 -41.94
CA TYR C 327 20.98 -23.25 -40.97
C TYR C 327 19.85 -22.39 -41.59
N GLU C 328 20.13 -21.81 -42.78
CA GLU C 328 19.09 -20.97 -43.43
C GLU C 328 17.81 -21.73 -43.71
N MET C 329 17.91 -23.02 -44.09
CA MET C 329 16.73 -23.86 -44.26
CA MET C 329 16.75 -23.89 -44.25
C MET C 329 15.93 -23.87 -42.96
N LEU C 330 16.59 -24.15 -41.84
CA LEU C 330 15.87 -24.28 -40.54
C LEU C 330 15.30 -22.96 -40.10
N ARG C 331 16.12 -21.92 -40.22
CA ARG C 331 15.77 -20.59 -39.79
C ARG C 331 14.65 -19.95 -40.65
N ASN C 332 14.74 -20.06 -41.99
CA ASN C 332 13.88 -19.27 -42.90
C ASN C 332 12.78 -20.09 -43.57
N LYS C 333 13.04 -21.35 -43.87
CA LYS C 333 12.02 -22.14 -44.57
C LYS C 333 11.14 -22.86 -43.57
N PHE C 334 11.75 -23.53 -42.59
CA PHE C 334 10.89 -24.08 -41.52
C PHE C 334 10.56 -23.05 -40.41
N LYS C 335 11.30 -21.93 -40.35
CA LYS C 335 11.02 -20.89 -39.32
C LYS C 335 10.92 -21.58 -37.93
N VAL C 336 11.94 -22.37 -37.66
CA VAL C 336 11.81 -23.37 -36.63
C VAL C 336 12.35 -22.78 -35.28
N PHE C 337 13.11 -21.68 -35.30
CA PHE C 337 13.80 -21.22 -34.09
C PHE C 337 12.96 -20.32 -33.19
N TYR C 338 13.04 -20.58 -31.87
CA TYR C 338 12.27 -19.81 -30.86
C TYR C 338 13.16 -19.43 -29.75
N LYS C 339 12.87 -18.28 -29.15
CA LYS C 339 13.73 -17.72 -28.12
C LYS C 339 12.87 -17.40 -26.87
N GLN C 340 13.50 -16.99 -25.78
CA GLN C 340 12.78 -16.59 -24.56
C GLN C 340 11.95 -15.35 -24.79
N ASP C 341 10.81 -15.27 -24.14
CA ASP C 341 10.07 -13.99 -24.04
C ASP C 341 10.84 -13.07 -23.02
N PRO C 342 11.52 -12.02 -23.53
CA PRO C 342 12.37 -11.23 -22.62
C PRO C 342 11.52 -10.51 -21.55
N ALA C 343 10.21 -10.40 -21.75
CA ALA C 343 9.36 -9.72 -20.79
C ALA C 343 8.96 -10.60 -19.61
N MET C 344 9.10 -11.94 -19.74
CA MET C 344 8.62 -12.94 -18.76
CA MET C 344 8.63 -12.83 -18.69
C MET C 344 9.76 -13.50 -17.90
N VAL C 345 11.01 -13.31 -18.32
CA VAL C 345 12.12 -13.91 -17.57
C VAL C 345 12.37 -13.15 -16.24
N THR C 346 12.85 -13.85 -15.21
CA THR C 346 13.23 -13.11 -13.95
C THR C 346 14.42 -12.19 -14.21
N ARG C 347 14.59 -11.15 -13.34
CA ARG C 347 15.78 -10.33 -13.31
C ARG C 347 17.01 -11.20 -13.01
N ARG C 348 16.88 -12.16 -12.10
CA ARG C 348 18.07 -12.80 -11.55
C ARG C 348 18.65 -13.85 -12.48
N ARG C 349 17.81 -14.43 -13.37
CA ARG C 349 18.28 -15.34 -14.44
C ARG C 349 18.31 -14.77 -15.90
N GLY C 350 17.55 -13.70 -16.18
CA GLY C 350 17.59 -13.05 -17.47
C GLY C 350 17.32 -14.13 -18.54
N THR C 351 17.97 -13.98 -19.69
CA THR C 351 17.66 -14.88 -20.83
C THR C 351 18.76 -15.98 -20.86
N THR C 352 19.32 -16.33 -19.69
CA THR C 352 20.29 -17.46 -19.62
C THR C 352 19.66 -18.75 -20.15
N PRO C 353 20.29 -19.37 -21.17
CA PRO C 353 19.80 -20.60 -21.69
C PRO C 353 19.88 -21.78 -20.70
N ALA C 354 19.11 -22.82 -21.02
CA ALA C 354 18.95 -23.99 -20.14
C ALA C 354 19.63 -25.19 -20.82
N ASN C 355 20.27 -26.00 -19.98
CA ASN C 355 20.93 -27.21 -20.43
C ASN C 355 20.07 -28.46 -20.22
N SER C 356 18.81 -28.27 -19.87
CA SER C 356 17.76 -29.36 -19.93
C SER C 356 17.50 -29.72 -21.39
N LYS C 357 16.92 -30.91 -21.64
CA LYS C 357 16.46 -31.29 -22.97
C LYS C 357 15.05 -31.70 -22.85
N PHE C 358 14.16 -31.06 -23.61
CA PHE C 358 12.74 -31.39 -23.53
C PHE C 358 12.25 -31.59 -24.96
N TYR C 359 11.37 -32.58 -25.18
CA TYR C 359 10.69 -32.77 -26.43
C TYR C 359 9.23 -32.86 -26.08
N MET C 360 8.36 -32.18 -26.82
CA MET C 360 6.97 -32.17 -26.41
C MET C 360 6.06 -31.89 -27.60
N HIS C 361 4.83 -32.32 -27.45
CA HIS C 361 3.79 -32.22 -28.47
C HIS C 361 2.50 -31.74 -27.86
N CYS C 362 1.91 -30.71 -28.48
CA CYS C 362 0.68 -30.06 -28.01
C CYS C 362 -0.23 -30.01 -29.24
N ALA C 363 -1.49 -30.38 -29.10
CA ALA C 363 -2.49 -30.23 -30.17
C ALA C 363 -3.56 -29.21 -29.71
N THR C 364 -3.73 -28.12 -30.48
CA THR C 364 -4.65 -27.02 -30.09
C THR C 364 -5.93 -27.02 -30.94
N ASN C 365 -7.06 -26.80 -30.27
CA ASN C 365 -8.41 -26.80 -30.86
C ASN C 365 -9.36 -27.61 -29.99
N SER C 373 0.65 -18.91 -26.99
CA SER C 373 0.14 -18.08 -25.90
C SER C 373 -0.28 -18.95 -24.71
N GLN C 374 -1.30 -19.77 -24.93
CA GLN C 374 -1.68 -20.90 -24.07
C GLN C 374 -1.09 -22.26 -24.57
N VAL C 375 -0.45 -22.23 -25.73
CA VAL C 375 0.18 -23.39 -26.34
C VAL C 375 1.20 -24.01 -25.36
N PHE C 376 1.15 -25.34 -25.23
CA PHE C 376 2.09 -26.14 -24.42
C PHE C 376 1.69 -26.23 -22.94
N LYS C 377 0.62 -25.55 -22.52
CA LYS C 377 0.17 -25.69 -21.14
C LYS C 377 -0.58 -27.02 -20.90
N GLU C 378 -1.15 -27.61 -21.95
CA GLU C 378 -1.73 -28.97 -21.90
C GLU C 378 -1.04 -29.76 -22.97
N LEU C 379 -0.44 -30.90 -22.66
CA LEU C 379 0.39 -31.62 -23.68
C LEU C 379 -0.16 -32.99 -23.98
N GLU C 380 0.04 -33.44 -25.20
CA GLU C 380 -0.27 -34.86 -25.55
C GLU C 380 0.83 -35.69 -24.88
N TRP C 381 2.06 -35.21 -25.00
CA TRP C 381 3.21 -35.84 -24.33
C TRP C 381 4.39 -34.90 -24.12
N CYS C 382 5.28 -35.27 -23.17
CA CYS C 382 6.47 -34.49 -22.92
C CYS C 382 7.59 -35.43 -22.46
N LEU C 383 8.71 -35.39 -23.15
CA LEU C 383 9.91 -36.15 -22.73
C LEU C 383 10.98 -35.19 -22.19
N TYR C 384 11.46 -35.45 -20.95
CA TYR C 384 12.55 -34.71 -20.43
C TYR C 384 13.75 -35.68 -20.38
N THR C 385 14.92 -35.30 -20.86
CA THR C 385 15.97 -36.30 -21.09
C THR C 385 17.35 -35.71 -21.14
N SER C 386 18.39 -36.55 -21.03
CA SER C 386 19.72 -36.07 -21.35
C SER C 386 19.95 -35.97 -22.86
N ALA C 387 19.10 -36.60 -23.66
CA ALA C 387 19.41 -36.67 -25.15
C ALA C 387 19.31 -35.30 -25.85
N ASN C 388 20.42 -34.84 -26.37
CA ASN C 388 20.46 -33.68 -27.25
C ASN C 388 19.88 -34.06 -28.65
N LEU C 389 19.57 -33.06 -29.47
CA LEU C 389 18.99 -33.34 -30.80
C LEU C 389 20.12 -33.78 -31.74
N SER C 390 20.66 -34.99 -31.56
CA SER C 390 21.68 -35.49 -32.48
C SER C 390 21.43 -36.96 -32.78
N GLN C 391 21.99 -37.38 -33.92
CA GLN C 391 21.95 -38.77 -34.37
C GLN C 391 22.67 -39.69 -33.37
N THR C 392 23.73 -39.18 -32.79
CA THR C 392 24.51 -40.01 -31.88
C THR C 392 23.67 -40.33 -30.62
N ALA C 393 22.79 -39.42 -30.16
CA ALA C 393 21.95 -39.68 -28.99
C ALA C 393 20.74 -40.52 -29.28
N TRP C 394 20.20 -40.36 -30.49
CA TRP C 394 18.87 -40.94 -30.82
C TRP C 394 18.97 -42.10 -31.78
N GLY C 395 20.05 -42.13 -32.57
CA GLY C 395 20.10 -42.98 -33.76
C GLY C 395 19.07 -42.49 -34.74
N THR C 396 18.82 -43.31 -35.76
CA THR C 396 17.83 -43.05 -36.78
C THR C 396 16.93 -44.27 -36.87
N VAL C 397 16.21 -44.41 -37.98
CA VAL C 397 15.34 -45.55 -38.12
C VAL C 397 16.22 -46.82 -38.28
N SER C 398 17.34 -46.67 -38.96
CA SER C 398 18.23 -47.79 -39.30
C SER C 398 19.52 -47.92 -38.46
N ARG C 399 19.98 -46.82 -37.86
CA ARG C 399 21.22 -46.81 -37.05
C ARG C 399 20.82 -46.73 -35.55
N LYS C 400 21.51 -47.50 -34.71
CA LYS C 400 21.27 -47.45 -33.26
C LYS C 400 21.97 -46.22 -32.66
N PRO C 401 21.51 -45.71 -31.48
CA PRO C 401 22.23 -44.64 -30.77
C PRO C 401 23.63 -45.12 -30.46
N ARG C 402 24.59 -44.17 -30.39
CA ARG C 402 25.92 -44.43 -29.92
C ARG C 402 26.05 -44.19 -28.40
N ASN C 403 25.12 -43.40 -27.84
CA ASN C 403 25.28 -42.93 -26.44
C ASN C 403 24.42 -43.69 -25.49
N TYR C 404 24.75 -43.64 -24.20
CA TYR C 404 23.80 -43.87 -23.16
C TYR C 404 23.10 -42.56 -22.85
N GLU C 405 21.79 -42.57 -22.82
CA GLU C 405 20.94 -41.38 -22.58
C GLU C 405 19.78 -41.87 -21.78
N ALA C 406 19.22 -41.04 -20.89
CA ALA C 406 17.99 -41.44 -20.17
C ALA C 406 17.08 -40.26 -19.87
N GLY C 407 15.78 -40.48 -19.86
CA GLY C 407 14.81 -39.47 -19.55
C GLY C 407 13.49 -40.04 -19.10
N VAL C 408 12.54 -39.17 -18.80
CA VAL C 408 11.22 -39.63 -18.39
C VAL C 408 10.18 -39.07 -19.36
N LEU C 409 9.19 -39.91 -19.70
CA LEU C 409 8.13 -39.51 -20.63
C LEU C 409 6.85 -39.48 -19.92
N TYR C 410 6.20 -38.29 -19.93
CA TYR C 410 4.79 -38.10 -19.51
C TYR C 410 3.91 -38.19 -20.74
N HIS C 411 2.92 -39.07 -20.75
CA HIS C 411 2.05 -39.18 -21.94
C HIS C 411 0.62 -39.07 -21.47
N SER C 412 -0.19 -38.23 -22.10
CA SER C 412 -1.58 -38.02 -21.59
C SER C 412 -2.44 -39.29 -21.59
N ARG C 413 -2.14 -40.24 -22.48
CA ARG C 413 -2.93 -41.48 -22.51
C ARG C 413 -2.58 -42.46 -21.40
N ARG C 414 -1.42 -42.26 -20.78
CA ARG C 414 -0.96 -43.05 -19.68
C ARG C 414 -1.32 -42.47 -18.31
N LEU C 415 -1.87 -41.27 -18.28
CA LEU C 415 -2.31 -40.67 -17.03
C LEU C 415 -3.51 -41.47 -16.52
N ALA C 416 -3.68 -41.51 -15.20
CA ALA C 416 -4.74 -42.29 -14.56
C ALA C 416 -6.15 -41.88 -15.01
N ASN C 417 -6.35 -40.60 -15.18
CA ASN C 417 -7.63 -40.14 -15.66
C ASN C 417 -7.56 -39.47 -17.04
N THR C 418 -8.67 -39.45 -17.75
CA THR C 418 -8.63 -38.98 -19.11
C THR C 418 -8.43 -37.49 -19.10
N ARG C 419 -7.16 -37.12 -19.25
CA ARG C 419 -6.74 -35.77 -19.16
C ARG C 419 -5.40 -35.53 -19.85
N LYS C 420 -5.02 -34.28 -19.94
CA LYS C 420 -3.76 -33.90 -20.55
C LYS C 420 -2.62 -33.70 -19.55
N VAL C 421 -1.38 -33.82 -20.03
CA VAL C 421 -0.22 -33.55 -19.22
C VAL C 421 -0.16 -32.04 -19.13
N THR C 422 -0.11 -31.51 -17.93
CA THR C 422 -0.08 -30.07 -17.72
C THR C 422 1.38 -29.58 -17.60
N CYS C 423 1.63 -28.35 -18.01
CA CYS C 423 3.02 -27.84 -18.06
C CYS C 423 2.93 -26.34 -17.73
N ARG C 424 3.92 -25.85 -17.01
CA ARG C 424 3.99 -24.43 -16.67
C ARG C 424 5.49 -24.07 -16.80
N THR C 425 5.78 -22.76 -16.83
CA THR C 425 7.11 -22.22 -16.89
C THR C 425 7.58 -21.88 -15.51
N PHE C 426 8.84 -22.23 -15.20
CA PHE C 426 9.43 -21.80 -13.90
C PHE C 426 9.51 -20.29 -13.83
N THR C 427 9.49 -19.62 -14.98
CA THR C 427 9.70 -18.17 -15.01
C THR C 427 8.53 -17.39 -14.39
N ARG C 428 7.40 -18.04 -14.17
CA ARG C 428 6.26 -17.35 -13.51
C ARG C 428 6.02 -17.69 -12.05
N ASP C 429 6.82 -18.63 -11.51
CA ASP C 429 6.74 -19.07 -10.09
C ASP C 429 6.84 -17.88 -9.11
N PRO C 437 0.15 -26.67 -9.04
CA PRO C 437 1.01 -27.81 -9.45
C PRO C 437 0.66 -28.39 -10.83
N THR C 438 1.65 -28.62 -11.66
CA THR C 438 1.40 -29.15 -13.01
C THR C 438 2.23 -30.40 -13.10
N HIS C 439 2.00 -31.28 -14.08
CA HIS C 439 2.94 -32.39 -14.28
C HIS C 439 4.34 -32.00 -14.54
N VAL C 440 4.50 -31.04 -15.46
CA VAL C 440 5.82 -30.67 -15.91
C VAL C 440 6.05 -29.18 -15.63
N ALA C 441 7.29 -28.80 -15.36
CA ALA C 441 7.71 -27.38 -15.33
C ALA C 441 8.94 -27.27 -16.19
N VAL C 442 9.02 -26.18 -16.96
CA VAL C 442 10.14 -25.97 -17.84
C VAL C 442 10.85 -24.67 -17.53
N PRO C 443 12.13 -24.61 -17.90
CA PRO C 443 12.88 -23.41 -17.57
C PRO C 443 12.69 -22.28 -18.58
N PHE C 444 12.22 -22.62 -19.79
CA PHE C 444 11.98 -21.60 -20.81
C PHE C 444 10.65 -20.88 -20.50
N THR C 445 10.49 -19.64 -20.97
CA THR C 445 9.22 -18.94 -20.90
C THR C 445 8.09 -19.69 -21.68
N LEU C 446 6.83 -19.47 -21.26
CA LEU C 446 5.70 -19.88 -22.05
C LEU C 446 4.76 -18.70 -22.12
N PRO C 447 4.52 -18.16 -23.31
CA PRO C 447 5.08 -18.64 -24.59
C PRO C 447 6.58 -18.43 -24.78
N VAL C 448 7.15 -19.18 -25.75
CA VAL C 448 8.42 -18.77 -26.40
C VAL C 448 8.05 -17.94 -27.64
N ILE C 449 8.99 -17.18 -28.17
CA ILE C 449 8.74 -16.14 -29.16
C ILE C 449 9.53 -16.55 -30.42
N PRO C 450 8.94 -16.37 -31.62
CA PRO C 450 9.70 -16.79 -32.83
C PRO C 450 10.92 -15.94 -32.95
N TYR C 451 12.03 -16.49 -33.45
CA TYR C 451 13.15 -15.67 -33.85
C TYR C 451 12.65 -14.54 -34.76
N ASP C 452 13.20 -13.35 -34.58
CA ASP C 452 12.82 -12.23 -35.44
C ASP C 452 13.72 -12.42 -36.68
N LEU C 453 13.14 -12.70 -37.82
CA LEU C 453 13.87 -13.03 -39.02
C LEU C 453 14.75 -11.95 -39.59
N ALA C 454 14.54 -10.72 -39.20
CA ALA C 454 15.38 -9.66 -39.67
C ALA C 454 16.59 -9.43 -38.78
N GLU C 455 16.58 -9.96 -37.57
CA GLU C 455 17.64 -9.74 -36.59
C GLU C 455 18.34 -10.94 -35.95
N ASP C 456 17.55 -11.88 -35.47
CA ASP C 456 18.02 -13.02 -34.70
C ASP C 456 18.85 -14.12 -35.37
N GLU C 457 19.86 -14.57 -34.66
CA GLU C 457 20.66 -15.67 -35.11
C GLU C 457 21.01 -16.62 -33.99
N CYS C 458 21.00 -17.91 -34.26
CA CYS C 458 21.51 -18.92 -33.28
C CYS C 458 22.90 -18.63 -32.88
N PHE C 459 23.17 -18.72 -31.59
CA PHE C 459 24.51 -18.50 -31.17
C PHE C 459 25.48 -19.56 -31.75
N CYS C 460 26.63 -19.10 -32.23
CA CYS C 460 27.65 -20.01 -32.78
C CYS C 460 28.97 -19.26 -32.79
N LEU C 461 30.00 -19.77 -32.15
CA LEU C 461 31.34 -19.15 -32.16
C LEU C 461 32.29 -20.21 -32.74
N ALA C 462 33.00 -19.93 -33.82
CA ALA C 462 34.16 -20.80 -34.25
C ALA C 462 35.44 -20.22 -33.79
N LEU C 463 36.18 -20.94 -32.97
CA LEU C 463 37.37 -20.42 -32.36
C LEU C 463 38.52 -21.25 -32.93
N GLU C 464 39.75 -20.76 -32.82
CA GLU C 464 40.93 -21.46 -33.34
C GLU C 464 41.10 -22.89 -32.80
N HIS C 465 40.70 -23.13 -31.56
CA HIS C 465 41.03 -24.40 -30.86
C HIS C 465 40.18 -25.57 -31.33
N HIS C 466 39.02 -25.24 -31.88
CA HIS C 466 38.09 -26.24 -32.36
C HIS C 466 38.03 -26.39 -33.91
N HIS C 467 39.03 -25.82 -34.60
CA HIS C 467 39.18 -25.97 -36.08
C HIS C 467 39.78 -27.32 -36.49
N GLY D 2 -14.73 50.54 30.62
CA GLY D 2 -15.53 49.70 29.69
C GLY D 2 -14.66 48.68 28.94
N ALA D 3 -15.35 47.78 28.23
CA ALA D 3 -14.65 46.72 27.49
C ALA D 3 -13.95 47.37 26.30
N VAL D 4 -12.83 46.80 25.90
CA VAL D 4 -12.09 47.41 24.79
C VAL D 4 -11.40 46.34 23.98
N PHE D 5 -11.35 46.53 22.64
CA PHE D 5 -10.52 45.67 21.77
C PHE D 5 -9.16 46.32 21.57
N LYS D 6 -8.09 45.51 21.69
CA LYS D 6 -6.74 46.03 21.50
C LYS D 6 -6.04 45.11 20.47
N LEU D 7 -5.07 45.66 19.77
CA LEU D 7 -4.34 44.92 18.76
C LEU D 7 -3.13 44.42 19.50
N MET D 8 -2.81 43.15 19.37
CA MET D 8 -1.66 42.58 20.09
C MET D 8 -0.37 42.99 19.37
N LYS D 9 0.62 43.51 20.12
CA LYS D 9 1.92 43.88 19.58
C LYS D 9 2.67 42.65 19.15
N SER D 10 3.52 42.80 18.15
CA SER D 10 4.33 41.73 17.64
C SER D 10 5.78 42.22 17.83
N ASP D 11 6.64 41.32 18.32
CA ASP D 11 8.08 41.55 18.34
C ASP D 11 8.65 41.90 16.95
N PHE D 12 7.94 41.52 15.89
CA PHE D 12 8.42 41.75 14.53
C PHE D 12 7.86 43.02 13.97
N TYR D 13 6.63 43.36 14.30
CA TYR D 13 6.03 44.48 13.60
C TYR D 13 6.24 45.79 14.39
N GLU D 14 6.28 45.71 15.71
CA GLU D 14 6.55 46.93 16.51
C GLU D 14 7.95 46.77 17.12
N ARG D 15 8.98 46.83 16.29
CA ARG D 15 10.39 46.60 16.76
C ARG D 15 10.92 47.74 17.62
N ASP D 24 -4.22 51.61 22.87
CA ASP D 24 -4.19 51.11 21.47
C ASP D 24 -3.72 49.66 21.31
N MET D 25 -2.51 49.39 21.85
CA MET D 25 -1.87 48.04 21.73
C MET D 25 -1.77 47.31 23.05
N ILE D 26 -1.66 45.97 22.99
CA ILE D 26 -1.53 45.23 24.24
C ILE D 26 -0.44 44.18 23.99
N THR D 27 0.25 43.75 25.05
CA THR D 27 1.12 42.54 25.00
C THR D 27 0.70 41.55 26.10
N LEU D 28 1.21 40.32 26.04
CA LEU D 28 0.93 39.35 27.12
C LEU D 28 1.58 39.85 28.40
N LYS D 29 2.70 40.55 28.27
CA LYS D 29 3.31 41.15 29.44
C LYS D 29 2.43 42.19 30.18
N ASP D 30 1.68 43.02 29.45
CA ASP D 30 0.69 43.90 30.10
C ASP D 30 -0.40 43.08 30.80
N ILE D 31 -0.76 41.93 30.23
CA ILE D 31 -1.85 41.16 30.80
C ILE D 31 -1.40 40.38 32.05
N PHE D 32 -0.24 39.74 31.96
CA PHE D 32 0.21 38.86 33.01
C PHE D 32 1.32 39.42 33.93
N GLY D 33 1.97 40.52 33.53
CA GLY D 33 3.20 40.97 34.22
C GLY D 33 2.98 41.97 35.33
N THR D 34 1.73 42.37 35.53
CA THR D 34 1.35 43.34 36.57
C THR D 34 1.64 42.78 37.99
N GLU D 35 2.23 43.62 38.85
CA GLU D 35 2.64 43.19 40.18
C GLU D 35 1.42 42.86 41.07
N THR D 36 0.25 43.33 40.68
CA THR D 36 -0.94 43.11 41.52
C THR D 36 -1.69 41.86 41.12
N LEU D 37 -1.21 41.14 40.11
CA LEU D 37 -1.92 39.92 39.66
C LEU D 37 -1.65 38.83 40.72
N LYS D 38 -2.74 38.17 41.16
CA LYS D 38 -2.68 37.13 42.16
C LYS D 38 -2.90 35.79 41.51
N ARG D 39 -3.81 35.73 40.54
CA ARG D 39 -4.18 34.44 39.98
C ARG D 39 -4.62 34.55 38.52
N SER D 40 -4.13 33.68 37.62
CA SER D 40 -4.67 33.62 36.28
C SER D 40 -5.27 32.31 36.01
N ILE D 41 -6.46 32.31 35.38
CA ILE D 41 -7.04 31.03 34.91
C ILE D 41 -7.01 31.06 33.38
N LEU D 42 -6.39 30.08 32.71
CA LEU D 42 -6.17 30.17 31.26
C LEU D 42 -6.87 29.05 30.51
N PHE D 43 -7.35 29.36 29.30
CA PHE D 43 -7.91 28.38 28.38
C PHE D 43 -7.24 28.66 27.03
N SER D 44 -6.82 27.61 26.33
CA SER D 44 -6.20 27.81 25.08
C SER D 44 -6.13 26.54 24.31
N PHE D 45 -5.82 26.63 23.03
CA PHE D 45 -5.53 25.43 22.27
C PHE D 45 -4.09 24.95 22.42
N GLN D 46 -3.16 25.84 22.76
CA GLN D 46 -1.77 25.48 22.74
C GLN D 46 -0.99 26.42 23.66
N TYR D 47 -0.12 25.86 24.47
CA TYR D 47 0.69 26.61 25.39
C TYR D 47 2.17 26.34 25.16
N GLU D 48 3.00 27.39 25.08
CA GLU D 48 4.46 27.12 25.01
C GLU D 48 4.89 27.58 26.35
N LEU D 49 5.08 26.63 27.26
CA LEU D 49 5.15 27.01 28.64
C LEU D 49 6.29 27.96 28.97
N ASP D 50 7.49 27.82 28.38
CA ASP D 50 8.54 28.77 28.82
C ASP D 50 8.23 30.20 28.35
N PHE D 51 7.74 30.32 27.11
CA PHE D 51 7.31 31.62 26.61
C PHE D 51 6.21 32.27 27.48
N LEU D 52 5.18 31.50 27.83
CA LEU D 52 4.06 32.01 28.59
C LEU D 52 4.47 32.40 30.02
N LEU D 53 5.25 31.52 30.68
CA LEU D 53 5.54 31.72 32.12
C LEU D 53 6.51 32.87 32.30
N ARG D 54 7.33 33.16 31.29
CA ARG D 54 8.21 34.33 31.37
C ARG D 54 7.41 35.66 31.33
N GLN D 55 6.10 35.64 31.01
CA GLN D 55 5.27 36.86 31.02
C GLN D 55 4.84 37.31 32.44
N PHE D 56 4.94 36.40 33.42
CA PHE D 56 4.36 36.64 34.73
C PHE D 56 5.33 37.34 35.63
N HIS D 57 4.79 37.99 36.66
CA HIS D 57 5.57 38.65 37.72
C HIS D 57 5.76 37.64 38.85
N GLN D 58 6.85 37.74 39.58
CA GLN D 58 7.09 36.76 40.64
C GLN D 58 5.98 36.77 41.73
N ASN D 59 5.24 37.86 41.87
CA ASN D 59 4.12 37.96 42.84
C ASN D 59 2.92 37.01 42.66
N VAL D 60 2.80 36.42 41.47
CA VAL D 60 1.60 35.62 41.11
C VAL D 60 1.56 34.39 42.01
N GLU D 61 0.36 34.06 42.49
CA GLU D 61 0.20 32.98 43.47
C GLU D 61 -0.19 31.65 42.81
N ASN D 62 -0.94 31.72 41.71
CA ASN D 62 -1.52 30.55 41.09
C ASN D 62 -1.84 30.81 39.61
N ILE D 63 -1.52 29.83 38.79
CA ILE D 63 -1.86 29.83 37.40
C ILE D 63 -2.54 28.51 37.15
N THR D 64 -3.82 28.57 36.84
CA THR D 64 -4.57 27.36 36.47
C THR D 64 -4.76 27.30 34.95
N ILE D 65 -4.24 26.22 34.38
CA ILE D 65 -4.18 26.07 32.94
C ILE D 65 -5.10 24.96 32.47
N VAL D 66 -6.04 25.30 31.61
CA VAL D 66 -6.94 24.32 31.03
C VAL D 66 -6.53 24.05 29.57
N GLY D 67 -6.29 22.79 29.26
CA GLY D 67 -5.90 22.44 27.88
C GLY D 67 -6.14 20.98 27.62
N GLN D 68 -6.22 20.61 26.34
CA GLN D 68 -6.31 19.23 25.96
C GLN D 68 -5.07 18.49 26.42
N LYS D 69 -5.22 17.27 26.87
CA LYS D 69 -4.04 16.43 27.15
C LYS D 69 -3.03 16.49 25.97
N GLY D 70 -1.76 16.77 26.30
CA GLY D 70 -0.77 16.97 25.24
C GLY D 70 -0.61 18.33 24.53
N THR D 71 -1.46 19.33 24.72
CA THR D 71 -1.14 20.62 24.11
C THR D 71 -0.38 21.54 25.07
N ILE D 72 0.12 20.91 26.15
CA ILE D 72 0.87 21.61 27.17
C ILE D 72 2.23 20.90 27.19
N MET D 73 3.19 21.40 26.41
CA MET D 73 4.55 20.84 26.38
CA MET D 73 4.52 20.75 26.46
C MET D 73 5.35 21.32 27.61
N PRO D 74 5.88 20.40 28.44
CA PRO D 74 6.65 20.79 29.62
C PRO D 74 7.93 21.43 29.16
N ILE D 75 8.47 22.33 29.97
CA ILE D 75 9.77 22.91 29.71
C ILE D 75 10.85 21.83 29.97
N GLU D 76 11.71 21.59 28.97
CA GLU D 76 12.83 20.67 29.14
C GLU D 76 13.85 21.26 30.12
N ALA D 77 14.62 20.41 30.80
CA ALA D 77 15.60 20.88 31.77
C ALA D 77 16.56 21.88 31.17
N ARG D 78 17.05 21.62 29.96
CA ARG D 78 17.97 22.54 29.28
C ARG D 78 17.40 23.94 29.08
N ALA D 79 16.07 24.07 29.04
CA ALA D 79 15.41 25.40 28.93
C ALA D 79 14.96 26.00 30.27
N MET D 80 15.16 25.28 31.37
CA MET D 80 14.84 25.81 32.71
C MET D 80 15.84 26.86 33.16
N ASP D 81 15.41 27.67 34.11
CA ASP D 81 16.32 28.53 34.87
C ASP D 81 15.68 28.79 36.24
N ALA D 82 16.39 29.52 37.09
CA ALA D 82 15.92 29.80 38.46
C ALA D 82 14.47 30.33 38.51
N THR D 83 14.22 31.40 37.76
CA THR D 83 12.93 32.07 37.69
C THR D 83 11.76 31.18 37.27
N LEU D 84 11.98 30.37 36.22
CA LEU D 84 10.95 29.48 35.74
C LEU D 84 10.57 28.43 36.77
N ALA D 85 11.56 27.86 37.47
CA ALA D 85 11.29 26.81 38.46
C ALA D 85 10.33 27.32 39.54
N VAL D 86 10.48 28.58 39.93
CA VAL D 86 9.63 29.22 40.96
C VAL D 86 8.20 29.41 40.47
N ILE D 87 8.04 29.93 39.25
CA ILE D 87 6.74 30.15 38.65
C ILE D 87 6.04 28.83 38.35
N LEU D 88 6.80 27.83 37.84
CA LEU D 88 6.28 26.49 37.59
C LEU D 88 5.62 25.82 38.83
N LYS D 89 6.12 26.05 40.03
CA LYS D 89 5.46 25.51 41.24
C LYS D 89 4.08 26.11 41.49
N LYS D 90 3.75 27.17 40.74
CA LYS D 90 2.46 27.83 40.99
C LYS D 90 1.43 27.37 39.98
N VAL D 91 1.88 26.57 39.01
CA VAL D 91 1.03 26.10 37.90
C VAL D 91 0.24 24.82 38.23
N LYS D 92 -1.07 24.87 38.02
CA LYS D 92 -1.99 23.76 38.20
C LYS D 92 -2.55 23.44 36.84
N LEU D 93 -2.37 22.20 36.37
CA LEU D 93 -2.93 21.80 35.12
C LEU D 93 -4.31 21.14 35.29
N ILE D 94 -5.23 21.49 34.39
CA ILE D 94 -6.47 20.75 34.22
C ILE D 94 -6.46 20.29 32.79
N GLU D 95 -6.19 18.99 32.61
CA GLU D 95 -6.04 18.38 31.30
C GLU D 95 -7.34 17.73 30.86
N ILE D 96 -7.80 18.13 29.67
CA ILE D 96 -9.11 17.77 29.14
C ILE D 96 -8.97 16.61 28.22
N THR D 97 -9.81 15.57 28.33
CA THR D 97 -9.79 14.54 27.25
C THR D 97 -10.88 14.82 26.23
N MET D 98 -10.50 14.85 24.95
CA MET D 98 -11.45 15.16 23.88
C MET D 98 -11.79 13.93 23.08
N PRO D 99 -13.01 13.90 22.48
CA PRO D 99 -13.35 12.98 21.36
C PRO D 99 -12.31 13.17 20.20
N PRO D 100 -12.15 12.26 19.22
CA PRO D 100 -11.20 12.67 18.13
C PRO D 100 -11.78 13.62 17.07
N ALA D 102 -12.28 16.54 17.44
CA ALA D 102 -12.75 17.60 18.36
C ALA D 102 -11.58 18.32 19.03
N SER D 103 -11.68 19.64 19.12
CA SER D 103 -10.60 20.45 19.61
C SER D 103 -11.06 21.39 20.67
N HIS D 104 -10.14 21.88 21.48
CA HIS D 104 -10.47 22.84 22.49
C HIS D 104 -9.85 24.16 22.01
N HIS D 105 -10.63 24.98 21.28
CA HIS D 105 -10.06 26.18 20.65
C HIS D 105 -10.27 27.44 21.46
N THR D 106 -11.10 27.34 22.50
CA THR D 106 -11.44 28.50 23.30
C THR D 106 -10.15 29.14 23.87
N LYS D 107 -10.07 30.46 23.75
CA LYS D 107 -8.95 31.24 24.29
C LYS D 107 -9.56 32.19 25.25
N LEU D 108 -9.19 32.07 26.53
CA LEU D 108 -9.86 32.82 27.55
C LEU D 108 -8.94 32.99 28.74
N ILE D 109 -8.88 34.20 29.29
CA ILE D 109 -8.06 34.49 30.44
C ILE D 109 -8.96 35.08 31.51
N ILE D 110 -8.91 34.52 32.73
CA ILE D 110 -9.63 35.15 33.85
C ILE D 110 -8.62 35.48 34.90
N ASN D 111 -8.40 36.77 35.17
CA ASN D 111 -7.35 37.24 36.09
C ASN D 111 -7.98 37.77 37.37
N PHE D 112 -7.36 37.44 38.50
CA PHE D 112 -7.76 37.94 39.79
C PHE D 112 -6.59 38.75 40.35
N TYR D 113 -6.86 39.96 40.79
CA TYR D 113 -5.83 40.88 41.28
C TYR D 113 -6.03 41.13 42.75
N ASP D 114 -5.03 41.76 43.35
CA ASP D 114 -4.97 42.02 44.78
C ASP D 114 -6.18 42.43 45.57
N ASN D 115 -6.86 43.47 45.12
CA ASN D 115 -7.88 44.17 45.92
C ASN D 115 -9.28 43.67 45.56
N GLY D 116 -9.39 42.39 45.30
CA GLY D 116 -10.64 41.81 44.86
C GLY D 116 -11.03 42.12 43.41
N GLU D 117 -10.11 42.65 42.61
CA GLU D 117 -10.43 42.93 41.21
C GLU D 117 -10.29 41.71 40.31
N CYS D 118 -11.02 41.74 39.20
CA CYS D 118 -11.02 40.67 38.23
C CYS D 118 -11.14 41.26 36.83
N LYS D 119 -10.45 40.67 35.87
CA LYS D 119 -10.56 41.12 34.48
C LYS D 119 -10.50 39.89 33.62
N ILE D 120 -11.26 39.89 32.53
CA ILE D 120 -11.39 38.80 31.63
C ILE D 120 -10.89 39.26 30.28
N PHE D 121 -10.20 38.36 29.57
CA PHE D 121 -9.65 38.69 28.20
C PHE D 121 -10.00 37.56 27.26
N LEU D 122 -10.27 37.87 25.99
CA LEU D 122 -10.28 36.85 24.94
C LEU D 122 -9.23 37.21 23.88
N PRO D 123 -8.03 36.61 23.98
CA PRO D 123 -7.02 36.83 22.95
C PRO D 123 -7.28 35.91 21.79
N SER D 124 -6.93 36.35 20.59
CA SER D 124 -7.09 35.48 19.42
C SER D 124 -5.92 34.51 19.21
N ASN D 125 -4.78 34.80 19.83
CA ASN D 125 -3.57 33.96 19.73
C ASN D 125 -3.54 32.87 20.81
N ASN D 126 -3.10 31.66 20.46
CA ASN D 126 -2.69 30.71 21.44
C ASN D 126 -1.44 31.22 22.15
N PHE D 127 -1.10 30.66 23.31
CA PHE D 127 0.04 31.14 24.07
C PHE D 127 1.34 30.61 23.58
N THR D 128 1.66 30.95 22.31
CA THR D 128 3.00 30.58 21.79
C THR D 128 3.62 31.80 21.16
N SER D 129 4.94 31.81 21.07
CA SER D 129 5.69 32.94 20.55
C SER D 129 5.36 33.19 19.08
N MET D 130 5.42 32.14 18.27
CA MET D 130 5.06 32.26 16.83
C MET D 130 3.64 32.76 16.54
N GLU D 131 2.62 32.22 17.26
CA GLU D 131 1.29 32.72 17.04
C GLU D 131 1.17 34.16 17.46
N THR D 132 1.87 34.52 18.52
CA THR D 132 1.69 35.84 19.09
C THR D 132 2.26 36.87 18.14
N ASN D 133 3.32 36.48 17.46
CA ASN D 133 4.04 37.43 16.66
C ASN D 133 3.90 37.44 15.15
N LEU D 134 3.36 36.39 14.57
CA LEU D 134 3.31 36.30 13.13
C LEU D 134 2.01 36.79 12.49
N PRO D 135 0.91 36.08 12.64
CA PRO D 135 -0.33 36.60 12.08
C PRO D 135 -0.78 37.75 12.98
N GLN D 136 -1.59 38.63 12.46
CA GLN D 136 -2.14 39.67 13.27
C GLN D 136 -3.08 39.08 14.32
N GLN D 137 -3.03 39.59 15.52
CA GLN D 137 -3.83 39.13 16.61
C GLN D 137 -4.47 40.29 17.39
N VAL D 138 -5.60 40.03 18.02
CA VAL D 138 -6.28 41.02 18.81
C VAL D 138 -6.62 40.46 20.17
N CYS D 139 -7.00 41.32 21.08
CA CYS D 139 -7.44 40.87 22.39
C CYS D 139 -8.63 41.72 22.84
N TRP D 140 -9.77 41.09 23.12
CA TRP D 140 -10.88 41.79 23.80
C TRP D 140 -10.57 41.77 25.31
N CYS D 141 -10.76 42.91 25.97
CA CYS D 141 -10.47 43.09 27.39
C CYS D 141 -11.75 43.54 28.06
N SER D 142 -12.25 42.82 29.06
CA SER D 142 -13.50 43.19 29.76
C SER D 142 -13.26 44.44 30.55
N PRO D 143 -14.34 45.09 31.00
CA PRO D 143 -14.13 46.13 32.03
C PRO D 143 -13.61 45.44 33.34
N LEU D 144 -13.13 46.25 34.22
CA LEU D 144 -12.75 45.84 35.57
C LEU D 144 -13.99 45.33 36.28
N LEU D 145 -13.87 44.14 36.86
CA LEU D 145 -14.94 43.53 37.66
C LEU D 145 -14.42 43.48 39.11
N LYS D 146 -15.31 43.32 40.08
CA LYS D 146 -14.93 43.19 41.50
C LYS D 146 -15.60 41.98 42.12
N ILE D 147 -14.91 41.32 43.04
CA ILE D 147 -15.55 40.33 43.86
C ILE D 147 -16.62 41.03 44.69
N GLY D 148 -17.81 40.44 44.75
CA GLY D 148 -18.93 41.07 45.48
C GLY D 148 -20.16 40.22 45.26
N LYS D 149 -21.17 40.41 46.10
CA LYS D 149 -22.41 39.65 45.95
C LYS D 149 -23.13 40.13 44.75
N GLU D 150 -23.90 39.27 44.10
CA GLU D 150 -24.65 39.73 42.93
C GLU D 150 -26.10 40.08 43.15
N GLY D 151 -26.51 41.10 42.40
CA GLY D 151 -27.85 41.51 42.31
C GLY D 151 -28.36 40.87 41.06
N LEU D 152 -28.66 41.73 40.09
CA LEU D 152 -29.37 41.30 38.91
C LEU D 152 -28.53 40.27 38.20
N PRO D 153 -29.20 39.26 37.68
CA PRO D 153 -28.46 38.25 36.90
C PRO D 153 -27.83 39.00 35.74
N VAL D 154 -26.67 38.57 35.31
CA VAL D 154 -26.01 39.17 34.16
C VAL D 154 -25.94 38.03 33.13
N PRO D 155 -26.58 38.19 31.95
CA PRO D 155 -26.52 37.13 30.93
C PRO D 155 -25.09 36.68 30.61
N PHE D 156 -24.10 37.59 30.55
CA PHE D 156 -22.75 37.18 30.19
C PHE D 156 -22.25 36.19 31.23
N LYS D 157 -22.47 36.53 32.53
CA LYS D 157 -22.04 35.60 33.61
C LYS D 157 -22.78 34.25 33.58
N ARG D 158 -24.11 34.27 33.45
CA ARG D 158 -24.90 33.02 33.33
C ARG D 158 -24.42 32.16 32.17
N SER D 159 -24.04 32.76 31.04
CA SER D 159 -23.63 31.95 29.87
C SER D 159 -22.24 31.40 30.15
N LEU D 160 -21.38 32.23 30.71
CA LEU D 160 -20.00 31.80 31.01
C LEU D 160 -20.09 30.56 31.93
N ILE D 161 -20.89 30.66 32.98
CA ILE D 161 -21.10 29.51 33.89
C ILE D 161 -21.65 28.23 33.21
N GLU D 162 -22.65 28.39 32.33
CA GLU D 162 -23.13 27.30 31.53
C GLU D 162 -22.02 26.63 30.76
N TYR D 163 -21.19 27.47 30.14
CA TYR D 163 -20.05 27.02 29.36
C TYR D 163 -19.10 26.23 30.24
N LEU D 164 -18.70 26.78 31.39
CA LEU D 164 -17.78 26.06 32.31
C LEU D 164 -18.38 24.73 32.79
N ASN D 165 -19.66 24.79 33.20
CA ASN D 165 -20.35 23.54 33.58
C ASN D 165 -20.30 22.50 32.49
N SER D 166 -20.29 22.96 31.23
CA SER D 166 -20.33 22.03 30.09
C SER D 166 -19.09 21.20 29.84
N TYR D 167 -18.01 21.46 30.59
CA TYR D 167 -16.88 20.53 30.56
C TYR D 167 -17.17 19.24 31.35
N HIS D 168 -18.17 19.29 32.23
CA HIS D 168 -18.46 18.23 33.23
C HIS D 168 -17.22 17.71 33.98
N LEU D 169 -16.41 18.65 34.49
CA LEU D 169 -15.21 18.28 35.24
C LEU D 169 -15.28 18.87 36.61
N LYS D 170 -15.11 18.00 37.61
CA LYS D 170 -15.05 18.44 39.01
C LYS D 170 -14.01 19.53 39.24
N ASP D 171 -12.81 19.37 38.69
CA ASP D 171 -11.77 20.39 38.86
C ASP D 171 -12.21 21.77 38.37
N ILE D 172 -12.88 21.80 37.22
CA ILE D 172 -13.41 23.09 36.70
C ILE D 172 -14.49 23.67 37.60
N ASP D 173 -15.45 22.83 38.00
CA ASP D 173 -16.46 23.21 38.95
C ASP D 173 -15.86 23.85 40.22
N GLU D 174 -14.84 23.20 40.78
CA GLU D 174 -14.29 23.63 42.09
C GLU D 174 -13.25 24.73 41.96
N LEU D 175 -12.32 24.57 41.01
CA LEU D 175 -11.18 25.48 40.96
C LEU D 175 -11.42 26.73 40.13
N ILE D 176 -12.43 26.70 39.28
CA ILE D 176 -12.71 27.81 38.41
C ILE D 176 -14.12 28.38 38.59
N THR D 177 -15.13 27.56 38.37
CA THR D 177 -16.52 28.08 38.38
C THR D 177 -16.89 28.70 39.73
N LYS D 178 -16.46 28.08 40.83
CA LYS D 178 -16.68 28.71 42.14
C LYS D 178 -16.03 30.10 42.28
N SER D 179 -14.82 30.24 41.70
CA SER D 179 -14.14 31.56 41.76
C SER D 179 -14.88 32.59 40.88
N VAL D 180 -15.29 32.16 39.70
CA VAL D 180 -16.08 33.07 38.82
C VAL D 180 -17.42 33.51 39.50
N GLU D 181 -18.07 32.61 40.22
CA GLU D 181 -19.37 32.91 40.86
C GLU D 181 -19.27 34.04 41.84
N GLU D 182 -18.08 34.22 42.43
CA GLU D 182 -17.84 35.28 43.42
C GLU D 182 -17.69 36.69 42.87
N VAL D 183 -17.43 36.76 41.56
CA VAL D 183 -17.24 38.05 40.90
C VAL D 183 -18.57 38.64 40.49
N ASN D 184 -18.73 39.94 40.71
CA ASN D 184 -19.95 40.61 40.29
C ASN D 184 -19.74 41.10 38.87
N PHE D 185 -20.60 40.67 37.94
CA PHE D 185 -20.44 40.89 36.48
C PHE D 185 -21.29 42.09 35.97
N ALA D 186 -21.75 42.97 36.87
CA ALA D 186 -22.62 44.08 36.46
C ALA D 186 -22.01 44.96 35.34
N PRO D 187 -20.70 45.21 35.39
CA PRO D 187 -20.10 45.99 34.27
C PRO D 187 -20.25 45.31 32.87
N LEU D 188 -20.51 43.99 32.81
CA LEU D 188 -20.75 43.26 31.54
C LEU D 188 -22.24 43.02 31.22
N SER D 189 -23.12 43.78 31.86
CA SER D 189 -24.55 43.59 31.64
C SER D 189 -25.05 43.86 30.19
N GLU D 190 -24.28 44.56 29.34
CA GLU D 190 -24.71 44.78 27.94
C GLU D 190 -24.34 43.67 26.95
N LEU D 191 -23.37 42.82 27.34
CA LEU D 191 -22.73 41.91 26.38
C LEU D 191 -23.23 40.48 26.54
N GLU D 192 -23.00 39.64 25.51
CA GLU D 192 -23.38 38.23 25.61
C GLU D 192 -22.16 37.42 25.46
N PHE D 193 -22.11 36.28 26.16
CA PHE D 193 -20.99 35.32 26.04
C PHE D 193 -21.54 34.20 25.20
N VAL D 194 -20.91 34.00 24.04
CA VAL D 194 -21.44 33.11 23.05
C VAL D 194 -20.42 31.97 22.89
N TYR D 195 -20.85 30.71 23.01
CA TYR D 195 -19.87 29.62 22.94
C TYR D 195 -20.31 28.38 22.13
N SER D 196 -19.35 27.54 21.82
CA SER D 196 -19.65 26.14 21.46
C SER D 196 -19.09 25.20 22.50
N THR D 197 -19.77 24.07 22.69
CA THR D 197 -19.27 22.97 23.51
C THR D 197 -19.72 21.65 22.90
N PRO D 198 -18.88 20.58 23.00
CA PRO D 198 -19.24 19.23 22.55
C PRO D 198 -20.24 18.55 23.47
N SER D 199 -20.55 19.16 24.60
CA SER D 199 -21.47 18.59 25.57
C SER D 199 -22.82 18.30 24.93
N LYS D 200 -23.32 17.10 25.21
CA LYS D 200 -24.66 16.70 24.77
C LYS D 200 -25.77 17.31 25.64
N PHE D 201 -25.41 17.88 26.78
CA PHE D 201 -26.40 18.40 27.73
C PHE D 201 -26.62 19.93 27.72
N GLN D 202 -25.84 20.63 26.91
CA GLN D 202 -25.96 22.07 26.84
C GLN D 202 -26.03 22.50 25.39
N SER D 203 -27.09 23.18 24.97
CA SER D 203 -27.12 23.73 23.59
C SER D 203 -26.10 24.88 23.44
N SER D 204 -25.54 24.99 22.24
CA SER D 204 -24.42 25.88 22.00
C SER D 204 -24.29 26.01 20.49
N GLY D 205 -23.32 26.79 20.06
CA GLY D 205 -23.04 26.83 18.64
C GLY D 205 -24.09 27.58 17.84
N LEU D 206 -24.23 27.17 16.59
CA LEU D 206 -25.01 27.95 15.65
C LEU D 206 -26.49 28.01 16.04
N LEU D 207 -27.04 26.87 16.37
CA LEU D 207 -28.42 26.82 16.83
C LEU D 207 -28.74 27.80 18.01
N SER D 208 -27.93 27.77 19.06
CA SER D 208 -28.15 28.68 20.18
C SER D 208 -27.85 30.16 19.78
N PHE D 209 -26.85 30.37 18.92
CA PHE D 209 -26.58 31.72 18.47
C PHE D 209 -27.75 32.30 17.63
N TYR D 210 -28.26 31.49 16.70
CA TYR D 210 -29.41 31.85 15.94
C TYR D 210 -30.59 32.21 16.88
N ASN D 211 -30.87 31.35 17.87
CA ASN D 211 -32.01 31.57 18.78
C ASN D 211 -31.78 32.86 19.58
N LYS D 212 -30.53 33.14 19.95
CA LYS D 212 -30.24 34.35 20.64
C LYS D 212 -30.46 35.61 19.74
N LEU D 213 -29.95 35.57 18.51
CA LEU D 213 -30.25 36.66 17.59
C LEU D 213 -31.74 36.86 17.32
N GLU D 214 -32.48 35.75 17.13
CA GLU D 214 -33.96 35.85 17.00
C GLU D 214 -34.62 36.55 18.19
N LYS D 215 -34.22 36.17 19.40
CA LYS D 215 -34.79 36.74 20.62
C LYS D 215 -34.39 38.21 20.73
N LEU D 216 -33.15 38.56 20.40
CA LEU D 216 -32.66 39.91 20.60
C LEU D 216 -33.16 40.90 19.56
N SER D 217 -33.64 40.43 18.41
CA SER D 217 -34.21 41.37 17.47
C SER D 217 -35.74 41.34 17.59
N THR D 225 -33.51 48.33 3.33
CA THR D 225 -32.08 48.46 3.59
C THR D 225 -31.27 47.30 2.96
N ALA D 226 -30.06 47.59 2.51
CA ALA D 226 -29.15 46.52 2.10
C ALA D 226 -28.67 45.81 3.38
N LYS D 227 -28.54 44.49 3.33
CA LYS D 227 -28.19 43.65 4.48
C LYS D 227 -26.79 43.05 4.30
N HIS D 228 -25.81 43.58 5.04
CA HIS D 228 -24.42 43.19 4.90
C HIS D 228 -24.11 42.19 6.00
N TYR D 229 -23.64 41.02 5.60
CA TYR D 229 -23.10 40.03 6.57
C TYR D 229 -21.67 39.73 6.25
N LEU D 230 -20.76 39.98 7.23
CA LEU D 230 -19.35 39.80 7.01
C LEU D 230 -18.78 38.82 8.04
N CYS D 231 -17.92 37.92 7.59
CA CYS D 231 -17.20 36.96 8.45
C CYS D 231 -15.71 37.15 8.15
N GLN D 232 -14.85 37.21 9.18
CA GLN D 232 -13.43 37.18 8.92
C GLN D 232 -12.90 35.99 9.72
N THR D 233 -12.17 35.05 9.07
CA THR D 233 -11.89 33.76 9.69
C THR D 233 -10.52 33.33 9.23
N SER D 234 -9.80 32.49 9.97
CA SER D 234 -8.59 32.01 9.42
C SER D 234 -8.72 30.63 8.79
N SER D 235 -9.87 29.95 8.96
CA SER D 235 -10.18 28.69 8.24
C SER D 235 -11.48 28.79 7.55
N ILE D 236 -11.60 28.11 6.42
CA ILE D 236 -12.90 28.03 5.69
C ILE D 236 -13.07 26.54 5.45
N GLY D 237 -14.11 25.99 6.05
CA GLY D 237 -14.40 24.57 5.97
C GLY D 237 -14.94 24.21 4.58
N THR D 238 -14.86 22.94 4.22
CA THR D 238 -15.41 22.52 2.92
C THR D 238 -16.95 22.39 3.00
N SER D 239 -17.54 21.94 1.89
CA SER D 239 -18.98 21.85 1.69
C SER D 239 -19.69 21.13 2.81
N LEU D 240 -20.88 21.58 3.16
CA LEU D 240 -21.70 20.89 4.13
C LEU D 240 -22.17 19.53 3.60
N SER D 241 -22.17 19.37 2.29
CA SER D 241 -22.72 18.19 1.65
C SER D 241 -21.71 17.58 0.70
N ARG D 242 -21.67 16.25 0.63
CA ARG D 242 -20.84 15.52 -0.33
C ARG D 242 -21.38 15.64 -1.77
N ALA D 243 -22.69 15.83 -1.92
CA ALA D 243 -23.33 15.82 -3.24
C ALA D 243 -23.45 17.20 -3.92
N ARG D 244 -23.44 18.26 -3.11
CA ARG D 244 -23.68 19.63 -3.59
C ARG D 244 -22.65 20.58 -2.95
N ASP D 245 -22.32 21.66 -3.65
CA ASP D 245 -21.51 22.73 -3.06
C ASP D 245 -22.36 23.64 -2.18
N GLU D 246 -22.18 23.52 -0.86
CA GLU D 246 -22.92 24.29 0.13
C GLU D 246 -21.96 24.81 1.23
N ASN D 247 -21.87 26.12 1.32
CA ASN D 247 -21.02 26.75 2.35
C ASN D 247 -21.79 27.18 3.61
N LEU D 248 -21.18 26.91 4.77
CA LEU D 248 -21.75 27.27 6.09
C LEU D 248 -22.33 28.70 6.15
N TRP D 249 -21.55 29.68 5.70
CA TRP D 249 -21.96 31.08 5.72
C TRP D 249 -23.06 31.37 4.69
N THR D 250 -22.78 31.07 3.42
CA THR D 250 -23.73 31.50 2.40
C THR D 250 -24.98 30.62 2.37
N HIS D 251 -24.83 29.32 2.68
CA HIS D 251 -25.99 28.40 2.55
C HIS D 251 -26.75 28.09 3.82
N LEU D 252 -26.13 28.30 4.95
CA LEU D 252 -26.85 28.05 6.19
C LEU D 252 -26.97 29.24 7.13
N MET D 253 -25.86 29.90 7.46
CA MET D 253 -25.89 30.96 8.47
C MET D 253 -26.66 32.18 8.00
N ILE D 254 -26.26 32.74 6.85
CA ILE D 254 -26.91 33.96 6.38
C ILE D 254 -28.37 33.67 6.10
N PRO D 255 -28.67 32.51 5.45
CA PRO D 255 -30.07 32.19 5.26
C PRO D 255 -30.89 32.09 6.55
N LEU D 256 -30.29 31.54 7.60
CA LEU D 256 -30.99 31.55 8.91
C LEU D 256 -31.20 32.96 9.45
N PHE D 257 -30.15 33.77 9.44
CA PHE D 257 -30.22 35.05 10.14
C PHE D 257 -31.19 36.01 9.46
N THR D 258 -31.31 35.89 8.14
CA THR D 258 -32.16 36.81 7.36
C THR D 258 -33.60 36.31 7.30
N GLY D 259 -33.86 35.06 7.68
CA GLY D 259 -35.23 34.55 7.62
C GLY D 259 -35.55 33.86 6.29
N ILE D 260 -34.54 33.70 5.43
CA ILE D 260 -34.70 32.87 4.24
C ILE D 260 -35.08 31.44 4.60
N MET D 261 -34.47 30.87 5.64
CA MET D 261 -34.92 29.57 6.14
C MET D 261 -35.19 29.65 7.63
N SER D 262 -36.01 28.72 8.13
CA SER D 262 -36.18 28.55 9.58
C SER D 262 -35.86 27.11 9.94
N PRO D 263 -35.54 26.85 11.23
CA PRO D 263 -35.46 25.45 11.69
C PRO D 263 -36.87 24.89 11.86
N PRO D 264 -37.08 23.59 11.50
CA PRO D 264 -38.42 22.99 11.56
C PRO D 264 -38.83 22.59 12.98
N ILE D 276 -31.69 22.94 3.51
CA ILE D 276 -30.85 23.90 2.77
C ILE D 276 -31.30 24.10 1.32
N LEU D 277 -31.41 25.37 0.90
CA LEU D 277 -31.94 25.71 -0.42
C LEU D 277 -30.94 25.51 -1.58
N PRO D 278 -31.44 25.22 -2.80
CA PRO D 278 -30.57 25.18 -3.99
C PRO D 278 -29.82 26.50 -4.17
N THR D 279 -28.57 26.43 -4.60
CA THR D 279 -27.75 27.61 -4.77
C THR D 279 -28.38 28.70 -5.62
N ASN D 280 -28.96 28.34 -6.76
CA ASN D 280 -29.52 29.34 -7.63
C ASN D 280 -30.72 30.07 -7.01
N SER D 281 -31.49 29.36 -6.20
CA SER D 281 -32.56 29.97 -5.41
C SER D 281 -32.00 30.97 -4.43
N LEU D 282 -30.89 30.62 -3.78
CA LEU D 282 -30.29 31.52 -2.81
C LEU D 282 -29.79 32.80 -3.46
N ILE D 283 -29.17 32.71 -4.63
CA ILE D 283 -28.62 33.87 -5.33
C ILE D 283 -29.72 34.89 -5.67
N ASN D 284 -30.88 34.40 -6.11
CA ASN D 284 -32.05 35.24 -6.34
C ASN D 284 -32.59 35.87 -5.07
N GLU D 285 -32.75 35.06 -4.02
CA GLU D 285 -33.13 35.55 -2.70
C GLU D 285 -32.20 36.67 -2.25
N TYR D 286 -30.88 36.48 -2.42
CA TYR D 286 -29.91 37.50 -1.99
C TYR D 286 -30.13 38.78 -2.80
N SER D 287 -30.29 38.62 -4.10
CA SER D 287 -30.52 39.74 -5.00
C SER D 287 -31.77 40.51 -4.60
N GLN D 288 -32.85 39.77 -4.33
CA GLN D 288 -34.16 40.37 -4.02
C GLN D 288 -34.24 41.01 -2.66
N ARG D 289 -33.56 40.44 -1.67
CA ARG D 289 -33.48 40.99 -0.30
C ARG D 289 -32.33 41.97 -0.09
N LYS D 290 -31.52 42.18 -1.13
CA LYS D 290 -30.33 43.04 -1.08
C LYS D 290 -29.34 42.53 -0.01
N ILE D 291 -29.13 41.22 0.03
CA ILE D 291 -28.18 40.63 0.97
C ILE D 291 -26.78 40.66 0.36
N LYS D 292 -25.83 41.15 1.15
CA LYS D 292 -24.43 41.22 0.73
C LYS D 292 -23.59 40.33 1.64
N PRO D 293 -23.09 39.19 1.13
CA PRO D 293 -22.19 38.42 2.01
C PRO D 293 -20.71 38.79 1.81
N TYR D 294 -19.90 38.67 2.86
CA TYR D 294 -18.46 38.92 2.78
C TYR D 294 -17.74 37.87 3.62
N ILE D 295 -16.66 37.35 3.09
CA ILE D 295 -15.71 36.62 3.80
C ILE D 295 -14.35 37.30 3.51
N ILE D 296 -13.64 37.63 4.60
CA ILE D 296 -12.27 38.16 4.50
C ILE D 296 -11.31 37.05 4.70
N PHE D 297 -10.47 36.82 3.67
CA PHE D 297 -9.52 35.73 3.74
C PHE D 297 -8.37 36.15 2.88
N PRO D 298 -7.11 35.82 3.28
CA PRO D 298 -6.02 36.41 2.53
C PRO D 298 -5.91 35.87 1.07
N THR D 299 -5.59 36.75 0.11
CA THR D 299 -5.23 36.31 -1.22
C THR D 299 -3.84 35.79 -1.29
N GLU D 300 -3.48 35.20 -2.44
CA GLU D 300 -2.14 34.76 -2.66
C GLU D 300 -1.15 35.92 -2.61
N GLN D 301 -1.52 37.01 -3.24
CA GLN D 301 -0.66 38.17 -3.38
C GLN D 301 -0.49 38.93 -2.04
N GLU D 302 -1.47 38.85 -1.13
CA GLU D 302 -1.35 39.58 0.14
C GLU D 302 -0.15 39.13 0.97
N PHE D 303 0.36 37.90 0.72
CA PHE D 303 1.59 37.45 1.38
C PHE D 303 2.81 38.13 0.81
N VAL D 304 2.77 38.48 -0.48
CA VAL D 304 3.87 39.16 -1.13
C VAL D 304 4.09 40.56 -0.48
N THR D 305 3.00 41.21 -0.15
CA THR D 305 3.04 42.56 0.48
C THR D 305 2.84 42.52 2.02
N SER D 306 3.23 41.40 2.62
CA SER D 306 3.29 41.25 4.04
C SER D 306 4.78 41.32 4.40
N PRO D 307 5.11 41.98 5.48
CA PRO D 307 6.50 42.14 5.85
C PRO D 307 7.25 40.82 6.09
N LEU D 308 6.60 39.81 6.63
CA LEU D 308 7.24 38.53 6.83
C LEU D 308 6.90 37.52 5.75
N LYS D 309 6.37 38.04 4.65
CA LYS D 309 6.04 37.29 3.48
C LYS D 309 5.06 36.17 3.82
N TRP D 310 5.43 34.94 3.51
CA TRP D 310 4.55 33.82 3.77
C TRP D 310 4.66 33.26 5.19
N SER D 311 5.39 33.94 6.05
CA SER D 311 5.63 33.44 7.38
C SER D 311 4.36 33.19 8.15
N SER D 312 3.36 34.01 7.92
CA SER D 312 2.12 33.90 8.64
C SER D 312 1.10 33.01 7.95
N SER D 313 1.39 32.47 6.76
CA SER D 313 0.36 31.83 5.97
C SER D 313 -0.10 30.48 6.56
N GLY D 314 0.74 29.81 7.35
CA GLY D 314 0.40 28.45 7.86
C GLY D 314 -0.82 28.52 8.78
N TRP D 315 -1.18 29.71 9.26
CA TRP D 315 -2.39 29.88 10.11
C TRP D 315 -3.73 29.99 9.32
N PHE D 316 -3.67 30.03 7.96
CA PHE D 316 -4.83 30.26 7.10
C PHE D 316 -5.11 29.06 6.19
N HIS D 317 -6.28 28.42 6.36
CA HIS D 317 -6.49 27.08 5.89
C HIS D 317 -7.80 27.07 5.12
N PHE D 318 -7.71 26.96 3.81
CA PHE D 318 -8.87 26.85 2.90
C PHE D 318 -8.38 25.91 1.79
N GLN D 319 -8.66 24.63 1.95
CA GLN D 319 -8.11 23.61 1.09
C GLN D 319 -9.14 23.23 0.05
N TYR D 320 -9.24 24.06 -0.99
CA TYR D 320 -10.28 23.92 -1.97
C TYR D 320 -9.83 23.24 -3.29
N LEU D 321 -8.54 22.92 -3.44
CA LEU D 321 -8.06 22.40 -4.75
C LEU D 321 -8.71 21.06 -5.18
N GLN D 322 -9.10 20.23 -4.21
CA GLN D 322 -9.73 18.93 -4.52
C GLN D 322 -11.21 19.02 -4.90
N LYS D 323 -11.82 20.17 -4.64
CA LYS D 323 -13.23 20.35 -4.93
C LYS D 323 -13.38 21.84 -5.32
N LYS D 324 -12.85 22.15 -6.51
CA LYS D 324 -12.73 23.53 -6.99
C LYS D 324 -14.06 24.22 -7.34
N SER D 325 -15.07 23.46 -7.78
CA SER D 325 -16.37 24.03 -8.04
C SER D 325 -17.00 24.72 -6.82
N TYR D 326 -16.65 24.22 -5.64
CA TYR D 326 -17.09 24.87 -4.36
C TYR D 326 -16.47 26.27 -4.23
N TYR D 327 -15.21 26.38 -4.59
CA TYR D 327 -14.51 27.66 -4.51
C TYR D 327 -15.02 28.63 -5.54
N GLU D 328 -15.19 28.14 -6.77
CA GLU D 328 -15.67 28.98 -7.87
C GLU D 328 -17.06 29.50 -7.58
N MET D 329 -17.91 28.69 -6.95
CA MET D 329 -19.23 29.14 -6.54
CA MET D 329 -19.25 29.09 -6.50
C MET D 329 -19.15 30.30 -5.57
N LEU D 330 -18.26 30.20 -4.58
CA LEU D 330 -18.14 31.25 -3.59
C LEU D 330 -17.48 32.48 -4.21
N ARG D 331 -16.38 32.24 -4.95
CA ARG D 331 -15.67 33.34 -5.56
C ARG D 331 -16.53 34.13 -6.59
N ASN D 332 -17.18 33.40 -7.51
CA ASN D 332 -17.77 33.97 -8.74
C ASN D 332 -19.25 34.16 -8.70
N LYS D 333 -19.98 33.28 -8.00
CA LYS D 333 -21.45 33.35 -8.00
C LYS D 333 -21.96 34.14 -6.83
N PHE D 334 -21.46 33.83 -5.63
CA PHE D 334 -21.74 34.69 -4.50
C PHE D 334 -20.83 35.91 -4.39
N LYS D 335 -19.67 35.92 -5.09
CA LYS D 335 -18.78 37.07 -5.10
C LYS D 335 -18.53 37.42 -3.64
N VAL D 336 -18.18 36.39 -2.88
CA VAL D 336 -18.14 36.55 -1.41
C VAL D 336 -16.81 37.04 -0.86
N PHE D 337 -15.73 37.04 -1.63
CA PHE D 337 -14.41 37.23 -1.00
C PHE D 337 -13.93 38.65 -0.99
N TYR D 338 -13.34 39.06 0.14
CA TYR D 338 -12.91 40.44 0.33
C TYR D 338 -11.50 40.47 0.86
N LYS D 339 -10.77 41.54 0.52
CA LYS D 339 -9.34 41.63 0.84
C LYS D 339 -9.06 42.99 1.50
N GLN D 340 -7.83 43.18 1.99
CA GLN D 340 -7.47 44.44 2.67
C GLN D 340 -7.42 45.54 1.65
N ASP D 341 -7.71 46.76 2.07
CA ASP D 341 -7.47 47.93 1.21
C ASP D 341 -5.95 48.24 1.32
N PRO D 342 -5.18 48.00 0.22
CA PRO D 342 -3.71 48.12 0.37
C PRO D 342 -3.29 49.58 0.65
N ALA D 343 -4.16 50.52 0.38
CA ALA D 343 -3.87 51.91 0.60
C ALA D 343 -4.05 52.32 2.07
N MET D 344 -4.72 51.49 2.89
CA MET D 344 -5.07 51.86 4.29
CA MET D 344 -4.98 51.94 4.27
C MET D 344 -4.21 51.15 5.35
N VAL D 345 -3.56 50.04 4.95
CA VAL D 345 -2.74 49.26 5.91
C VAL D 345 -1.48 50.03 6.35
N THR D 346 -1.02 49.81 7.59
CA THR D 346 0.22 50.45 8.05
C THR D 346 1.39 49.86 7.25
N ARG D 347 2.50 50.59 7.24
CA ARG D 347 3.69 50.07 6.65
C ARG D 347 4.19 48.93 7.52
N ARG D 348 4.12 49.05 8.82
CA ARG D 348 4.78 48.05 9.62
C ARG D 348 4.05 46.61 9.61
N ARG D 349 2.76 46.58 9.32
CA ARG D 349 2.03 45.32 9.24
C ARG D 349 1.61 44.93 7.76
N GLY D 350 1.61 45.92 6.84
CA GLY D 350 1.22 45.69 5.47
C GLY D 350 -0.07 44.84 5.40
N THR D 351 -0.09 43.81 4.51
CA THR D 351 -1.40 43.14 4.26
C THR D 351 -1.38 41.82 5.03
N THR D 352 -0.62 41.81 6.13
CA THR D 352 -0.54 40.56 6.94
C THR D 352 -1.94 40.18 7.42
N PRO D 353 -2.38 38.90 7.21
CA PRO D 353 -3.77 38.51 7.57
C PRO D 353 -3.90 38.34 9.11
N ALA D 354 -5.14 38.37 9.58
CA ALA D 354 -5.46 38.34 11.03
C ALA D 354 -6.06 37.03 11.43
N ASN D 355 -5.66 36.53 12.58
CA ASN D 355 -6.12 35.21 13.11
C ASN D 355 -7.28 35.39 14.07
N SER D 356 -7.82 36.60 14.15
CA SER D 356 -9.05 36.84 14.85
C SER D 356 -10.19 36.26 14.05
N LYS D 357 -11.35 36.10 14.69
CA LYS D 357 -12.57 35.63 13.99
C LYS D 357 -13.63 36.59 14.30
N PHE D 358 -14.18 37.24 13.29
CA PHE D 358 -15.28 38.17 13.55
C PHE D 358 -16.47 37.81 12.64
N TYR D 359 -17.69 37.90 13.18
CA TYR D 359 -18.94 37.78 12.42
C TYR D 359 -19.75 39.01 12.69
N MET D 360 -20.28 39.66 11.64
CA MET D 360 -21.02 40.91 11.95
C MET D 360 -22.07 41.21 10.91
N HIS D 361 -23.03 42.05 11.29
CA HIS D 361 -24.12 42.44 10.43
C HIS D 361 -24.34 43.91 10.49
N CYS D 362 -24.54 44.52 9.32
CA CYS D 362 -24.72 45.99 9.17
C CYS D 362 -25.91 46.17 8.25
N ALA D 363 -26.86 47.02 8.62
CA ALA D 363 -27.97 47.39 7.75
C ALA D 363 -27.83 48.88 7.30
N THR D 364 -27.81 49.14 5.99
CA THR D 364 -27.56 50.51 5.45
C THR D 364 -28.80 51.17 4.80
N SER D 373 -17.85 51.56 2.27
CA SER D 373 -17.13 52.83 2.46
C SER D 373 -17.30 53.32 3.91
N GLN D 374 -18.55 53.62 4.28
CA GLN D 374 -18.98 53.77 5.68
C GLN D 374 -19.63 52.49 6.23
N VAL D 375 -19.78 51.47 5.38
CA VAL D 375 -20.40 50.21 5.77
C VAL D 375 -19.60 49.59 6.95
N PHE D 376 -20.32 49.05 7.94
CA PHE D 376 -19.72 48.34 9.11
C PHE D 376 -19.21 49.26 10.22
N LYS D 377 -19.40 50.58 10.07
CA LYS D 377 -19.01 51.51 11.15
C LYS D 377 -20.11 51.57 12.22
N GLU D 378 -21.34 51.19 11.83
CA GLU D 378 -22.47 51.05 12.78
C GLU D 378 -23.06 49.66 12.55
N LEU D 379 -23.15 48.82 13.59
CA LEU D 379 -23.51 47.41 13.38
C LEU D 379 -24.80 47.10 14.13
N GLU D 380 -25.61 46.23 13.54
CA GLU D 380 -26.72 45.60 14.26
C GLU D 380 -26.12 44.69 15.35
N TRP D 381 -25.11 43.94 15.01
CA TRP D 381 -24.45 43.01 15.95
C TRP D 381 -23.08 42.62 15.50
N CYS D 382 -22.23 42.24 16.45
CA CYS D 382 -20.88 41.80 16.10
C CYS D 382 -20.44 40.74 17.08
N LEU D 383 -19.99 39.60 16.59
CA LEU D 383 -19.44 38.52 17.41
C LEU D 383 -17.96 38.41 17.13
N TYR D 384 -17.20 38.41 18.21
CA TYR D 384 -15.75 38.18 18.13
C TYR D 384 -15.48 36.88 18.88
N THR D 385 -14.79 35.91 18.25
CA THR D 385 -14.81 34.55 18.81
C THR D 385 -13.57 33.77 18.39
N SER D 386 -13.30 32.64 19.00
CA SER D 386 -12.27 31.72 18.54
C SER D 386 -12.87 30.88 17.41
N ALA D 387 -14.19 30.95 17.17
CA ALA D 387 -14.85 29.99 16.22
C ALA D 387 -14.56 30.34 14.75
N ASN D 388 -13.93 29.40 14.04
CA ASN D 388 -13.66 29.51 12.60
C ASN D 388 -14.90 29.17 11.83
N LEU D 389 -14.92 29.49 10.54
CA LEU D 389 -16.13 29.21 9.75
C LEU D 389 -16.14 27.73 9.39
N SER D 390 -16.38 26.84 10.40
CA SER D 390 -16.52 25.43 10.08
C SER D 390 -17.64 24.77 10.86
N GLN D 391 -18.15 23.69 10.31
CA GLN D 391 -19.18 22.87 10.94
C GLN D 391 -18.68 22.31 12.25
N THR D 392 -17.41 21.94 12.35
CA THR D 392 -16.91 21.46 13.65
C THR D 392 -16.99 22.50 14.78
N ALA D 393 -16.71 23.79 14.49
CA ALA D 393 -16.84 24.84 15.49
C ALA D 393 -18.27 25.25 15.81
N TRP D 394 -19.15 25.20 14.82
CA TRP D 394 -20.49 25.80 14.95
C TRP D 394 -21.59 24.78 15.05
N GLY D 395 -21.32 23.58 14.51
CA GLY D 395 -22.37 22.62 14.21
C GLY D 395 -23.30 23.19 13.14
N THR D 396 -24.48 22.58 13.04
CA THR D 396 -25.53 22.94 12.09
C THR D 396 -26.87 23.05 12.82
N VAL D 397 -27.96 22.97 12.09
CA VAL D 397 -29.25 23.04 12.76
C VAL D 397 -29.44 21.73 13.54
N SER D 398 -28.98 20.63 12.95
CA SER D 398 -29.19 19.28 13.52
C SER D 398 -27.97 18.68 14.25
N ARG D 399 -26.75 19.04 13.83
CA ARG D 399 -25.55 18.49 14.43
C ARG D 399 -25.01 19.49 15.45
N LYS D 400 -24.54 18.97 16.58
CA LYS D 400 -23.92 19.80 17.63
C LYS D 400 -22.48 20.15 17.23
N PRO D 401 -21.94 21.27 17.74
CA PRO D 401 -20.51 21.56 17.52
C PRO D 401 -19.67 20.39 18.08
N ARG D 402 -18.46 20.19 17.57
CA ARG D 402 -17.53 19.24 18.13
C ARG D 402 -16.48 19.89 19.01
N ASN D 403 -16.32 21.22 18.91
CA ASN D 403 -15.26 21.95 19.59
C ASN D 403 -15.77 22.75 20.76
N TYR D 404 -14.86 23.11 21.66
CA TYR D 404 -15.04 24.20 22.61
C TYR D 404 -14.62 25.47 21.87
N GLU D 405 -15.46 26.47 21.86
CA GLU D 405 -15.20 27.78 21.26
C GLU D 405 -15.84 28.83 22.18
N ALA D 406 -15.29 30.05 22.19
CA ALA D 406 -15.90 31.07 22.99
C ALA D 406 -15.67 32.43 22.39
N GLY D 407 -16.62 33.36 22.60
CA GLY D 407 -16.52 34.69 22.11
C GLY D 407 -17.48 35.58 22.79
N VAL D 408 -17.45 36.86 22.40
CA VAL D 408 -18.30 37.90 22.98
C VAL D 408 -19.17 38.51 21.87
N LEU D 409 -20.47 38.65 22.15
CA LEU D 409 -21.39 39.25 21.20
C LEU D 409 -21.84 40.65 21.66
N TYR D 410 -21.70 41.63 20.75
CA TYR D 410 -22.25 42.98 20.92
C TYR D 410 -23.49 43.03 20.08
N HIS D 411 -24.61 43.34 20.71
CA HIS D 411 -25.83 43.51 19.94
C HIS D 411 -26.42 44.88 20.21
N SER D 412 -26.79 45.60 19.14
CA SER D 412 -27.26 46.96 19.32
C SER D 412 -28.51 47.07 20.19
N ARG D 413 -29.33 46.03 20.27
CA ARG D 413 -30.54 46.13 21.13
C ARG D 413 -30.23 45.89 22.61
N ARG D 414 -29.00 45.49 22.90
CA ARG D 414 -28.54 45.26 24.26
C ARG D 414 -27.69 46.35 24.90
N LEU D 415 -27.26 47.33 24.10
CA LEU D 415 -26.45 48.45 24.54
C LEU D 415 -27.19 49.41 25.46
N ALA D 416 -26.50 49.88 26.49
CA ALA D 416 -27.13 50.73 27.47
C ALA D 416 -27.63 52.07 26.96
N ASN D 417 -26.85 52.79 26.21
CA ASN D 417 -27.39 54.04 25.71
C ASN D 417 -26.78 54.50 24.44
N THR D 418 -26.94 53.68 23.42
CA THR D 418 -26.43 53.95 22.11
C THR D 418 -27.40 53.18 21.29
N ARG D 419 -27.69 53.67 20.10
CA ARG D 419 -28.54 52.98 19.16
C ARG D 419 -27.91 51.75 18.52
N LYS D 420 -26.65 51.87 18.17
CA LYS D 420 -25.94 50.85 17.42
C LYS D 420 -24.53 50.56 17.95
N VAL D 421 -24.00 49.43 17.55
CA VAL D 421 -22.65 49.05 17.92
C VAL D 421 -21.73 49.79 17.00
N THR D 422 -20.80 50.55 17.52
CA THR D 422 -19.84 51.23 16.65
C THR D 422 -18.57 50.39 16.48
N CYS D 423 -17.97 50.49 15.28
CA CYS D 423 -16.79 49.71 14.96
C CYS D 423 -15.84 50.61 14.16
N ARG D 424 -14.54 50.43 14.35
CA ARG D 424 -13.54 51.17 13.59
C ARG D 424 -12.44 50.18 13.30
N THR D 425 -11.51 50.56 12.41
CA THR D 425 -10.44 49.67 11.98
C THR D 425 -9.24 50.08 12.77
N PHE D 426 -8.42 49.12 13.21
CA PHE D 426 -7.17 49.47 13.86
C PHE D 426 -6.21 50.12 12.87
N THR D 427 -6.45 49.92 11.57
CA THR D 427 -5.44 50.35 10.57
C THR D 427 -5.43 51.90 10.44
N ARG D 428 -6.38 52.58 11.07
CA ARG D 428 -6.40 54.07 11.06
C ARG D 428 -6.04 54.77 12.38
N ASP D 429 -5.89 54.00 13.45
CA ASP D 429 -5.37 54.48 14.74
C ASP D 429 -4.11 55.39 14.59
N PRO D 437 -13.25 56.48 20.66
CA PRO D 437 -13.60 55.12 21.13
C PRO D 437 -14.87 54.54 20.48
N THR D 438 -14.78 53.28 20.07
CA THR D 438 -15.91 52.58 19.47
C THR D 438 -16.12 51.34 20.32
N HIS D 439 -17.26 50.69 20.19
CA HIS D 439 -17.44 49.40 20.86
C HIS D 439 -16.44 48.33 20.37
N VAL D 440 -16.29 48.23 19.03
CA VAL D 440 -15.51 47.17 18.44
C VAL D 440 -14.37 47.78 17.66
N ALA D 441 -13.25 47.09 17.58
CA ALA D 441 -12.15 47.55 16.67
C ALA D 441 -11.68 46.31 15.98
N VAL D 442 -11.42 46.40 14.67
CA VAL D 442 -11.06 45.17 13.91
C VAL D 442 -9.71 45.38 13.22
N PRO D 443 -8.95 44.28 12.99
CA PRO D 443 -7.63 44.39 12.40
C PRO D 443 -7.63 44.62 10.90
N PHE D 444 -8.75 44.24 10.23
CA PHE D 444 -8.90 44.48 8.77
C PHE D 444 -9.24 45.96 8.47
N THR D 445 -8.97 46.36 7.26
CA THR D 445 -9.30 47.68 6.84
C THR D 445 -10.81 47.85 6.73
N LEU D 446 -11.24 49.08 6.86
CA LEU D 446 -12.62 49.46 6.60
C LEU D 446 -12.56 50.67 5.72
N PRO D 447 -13.10 50.54 4.54
CA PRO D 447 -13.69 49.30 4.05
C PRO D 447 -12.70 48.23 3.61
N VAL D 448 -13.24 47.05 3.37
CA VAL D 448 -12.53 45.95 2.75
C VAL D 448 -12.86 46.04 1.26
N ILE D 449 -12.03 45.45 0.43
CA ILE D 449 -12.13 45.53 -1.01
C ILE D 449 -12.54 44.19 -1.57
N PRO D 450 -13.44 44.17 -2.54
CA PRO D 450 -13.84 42.92 -3.14
C PRO D 450 -12.67 42.33 -3.87
N TYR D 451 -12.58 41.01 -3.94
CA TYR D 451 -11.56 40.35 -4.71
C TYR D 451 -11.72 40.81 -6.18
N ASP D 452 -10.61 41.06 -6.84
CA ASP D 452 -10.67 41.40 -8.26
C ASP D 452 -10.81 40.07 -9.02
N LEU D 453 -11.96 39.83 -9.59
CA LEU D 453 -12.25 38.54 -10.18
C LEU D 453 -11.33 38.14 -11.32
N ALA D 454 -10.72 39.11 -11.94
CA ALA D 454 -9.77 38.85 -12.98
C ALA D 454 -8.50 38.19 -12.44
N GLU D 455 -8.05 38.60 -11.26
CA GLU D 455 -6.80 38.16 -10.69
C GLU D 455 -6.69 37.42 -9.35
N ASP D 456 -7.40 37.90 -8.33
CA ASP D 456 -7.29 37.38 -6.98
C ASP D 456 -7.76 35.97 -6.72
N GLU D 457 -7.03 35.27 -5.89
CA GLU D 457 -7.37 33.93 -5.46
C GLU D 457 -7.08 33.75 -3.98
N CYS D 458 -7.95 33.06 -3.24
CA CYS D 458 -7.67 32.77 -1.82
C CYS D 458 -6.41 31.96 -1.70
N PHE D 459 -5.60 32.28 -0.71
CA PHE D 459 -4.40 31.53 -0.51
C PHE D 459 -4.61 30.04 -0.13
N CYS D 460 -3.90 29.15 -0.82
CA CYS D 460 -4.02 27.72 -0.55
C CYS D 460 -2.76 27.07 -1.10
N LEU D 461 -2.14 26.26 -0.29
CA LEU D 461 -0.90 25.62 -0.68
C LEU D 461 -1.09 24.14 -0.27
N ALA D 462 -0.97 23.22 -1.22
CA ALA D 462 -1.08 21.76 -0.98
C ALA D 462 0.33 21.13 -1.07
N LEU D 463 0.90 20.78 0.09
CA LEU D 463 2.26 20.25 0.18
C LEU D 463 2.21 18.74 0.40
N GLU D 464 3.33 18.07 0.15
CA GLU D 464 3.42 16.64 0.24
C GLU D 464 2.96 16.08 1.59
N HIS D 465 3.28 16.80 2.67
CA HIS D 465 3.10 16.28 4.02
C HIS D 465 1.65 16.19 4.47
N HIS D 466 0.80 16.98 3.84
CA HIS D 466 -0.62 17.04 4.20
C HIS D 466 -1.57 16.34 3.23
N HIS D 467 -0.99 15.61 2.27
CA HIS D 467 -1.75 15.08 1.16
C HIS D 467 -2.88 14.15 1.60
N HIS D 468 -2.61 13.36 2.64
CA HIS D 468 -3.60 12.46 3.19
C HIS D 468 -4.31 13.15 4.36
S SO4 E . 4.14 -1.90 17.54
O1 SO4 E . 4.04 -1.42 18.92
O2 SO4 E . 3.35 -3.14 17.41
O3 SO4 E . 3.64 -0.87 16.62
O4 SO4 E . 5.54 -2.14 17.23
S SO4 F . 41.85 1.95 -12.64
O1 SO4 F . 41.14 1.12 -11.71
O2 SO4 F . 41.39 1.86 -13.99
O3 SO4 F . 41.75 3.26 -12.12
O4 SO4 F . 43.23 1.64 -12.68
S SO4 G . 25.94 36.32 -1.63
O1 SO4 G . 26.64 36.04 -0.38
O2 SO4 G . 26.16 35.26 -2.63
O3 SO4 G . 24.51 36.46 -1.43
O4 SO4 G . 26.43 37.59 -2.12
S SO4 H . 3.64 -5.14 2.40
O1 SO4 H . 2.57 -6.13 2.68
O2 SO4 H . 4.88 -5.85 2.12
O3 SO4 H . 3.29 -4.28 1.27
O4 SO4 H . 3.82 -4.33 3.60
S SO4 I . -15.88 -40.63 9.85
O1 SO4 I . -16.74 -41.22 10.92
O2 SO4 I . -15.63 -41.68 8.86
O3 SO4 I . -16.57 -39.48 9.18
O4 SO4 I . -14.60 -40.17 10.42
S SO4 J . -24.46 14.76 2.08
O1 SO4 J . -24.04 14.71 0.68
O2 SO4 J . -23.26 15.02 2.89
O3 SO4 J . -25.44 15.83 2.32
O4 SO4 J . -25.07 13.48 2.45
S SO4 K . 2.40 53.57 9.17
O1 SO4 K . 2.80 52.26 9.71
O2 SO4 K . 2.99 53.80 7.83
O3 SO4 K . 0.95 53.78 9.13
O4 SO4 K . 3.03 54.61 9.97
#